data_1S2X
# 
_entry.id   1S2X 
# 
_audit_conform.dict_name       mmcif_pdbx.dic 
_audit_conform.dict_version    5.399 
_audit_conform.dict_location   http://mmcif.pdb.org/dictionaries/ascii/mmcif_pdbx.dic 
# 
loop_
_database_2.database_id 
_database_2.database_code 
_database_2.pdbx_database_accession 
_database_2.pdbx_DOI 
PDB   1S2X         pdb_00001s2x 10.2210/pdb1s2x/pdb 
RCSB  RCSB021299   ?            ?                   
WWPDB D_1000021299 ?            ?                   
# 
loop_
_pdbx_audit_revision_history.ordinal 
_pdbx_audit_revision_history.data_content_type 
_pdbx_audit_revision_history.major_revision 
_pdbx_audit_revision_history.minor_revision 
_pdbx_audit_revision_history.revision_date 
1 'Structure model' 1 0 2004-07-27 
2 'Structure model' 1 1 2008-04-29 
3 'Structure model' 1 2 2011-07-13 
4 'Structure model' 1 3 2021-10-27 
5 'Structure model' 1 4 2024-11-20 
# 
_pdbx_audit_revision_details.ordinal             1 
_pdbx_audit_revision_details.revision_ordinal    1 
_pdbx_audit_revision_details.data_content_type   'Structure model' 
_pdbx_audit_revision_details.provider            repository 
_pdbx_audit_revision_details.type                'Initial release' 
_pdbx_audit_revision_details.description         ? 
_pdbx_audit_revision_details.details             ? 
# 
loop_
_pdbx_audit_revision_group.ordinal 
_pdbx_audit_revision_group.revision_ordinal 
_pdbx_audit_revision_group.data_content_type 
_pdbx_audit_revision_group.group 
1 2 'Structure model' 'Version format compliance' 
2 3 'Structure model' 'Version format compliance' 
3 4 'Structure model' 'Database references'       
4 4 'Structure model' 'Derived calculations'      
5 5 'Structure model' 'Data collection'           
6 5 'Structure model' 'Structure summary'         
# 
loop_
_pdbx_audit_revision_category.ordinal 
_pdbx_audit_revision_category.revision_ordinal 
_pdbx_audit_revision_category.data_content_type 
_pdbx_audit_revision_category.category 
1 4 'Structure model' database_2                
2 4 'Structure model' struct_conn               
3 4 'Structure model' struct_ref_seq_dif        
4 4 'Structure model' struct_site               
5 5 'Structure model' chem_comp_atom            
6 5 'Structure model' chem_comp_bond            
7 5 'Structure model' pdbx_entry_details        
8 5 'Structure model' pdbx_modification_feature 
# 
loop_
_pdbx_audit_revision_item.ordinal 
_pdbx_audit_revision_item.revision_ordinal 
_pdbx_audit_revision_item.data_content_type 
_pdbx_audit_revision_item.item 
1 4 'Structure model' '_database_2.pdbx_DOI'                
2 4 'Structure model' '_database_2.pdbx_database_accession' 
3 4 'Structure model' '_struct_conn.pdbx_leaving_atom_flag' 
4 4 'Structure model' '_struct_ref_seq_dif.details'         
5 4 'Structure model' '_struct_site.pdbx_auth_asym_id'      
6 4 'Structure model' '_struct_site.pdbx_auth_comp_id'      
7 4 'Structure model' '_struct_site.pdbx_auth_seq_id'       
# 
_pdbx_database_status.status_code                     REL 
_pdbx_database_status.entry_id                        1S2X 
_pdbx_database_status.recvd_initial_deposition_date   2004-01-12 
_pdbx_database_status.deposit_site                    RCSB 
_pdbx_database_status.process_site                    RCSB 
_pdbx_database_status.status_code_sf                  REL 
_pdbx_database_status.SG_entry                        . 
_pdbx_database_status.pdb_format_compatible           Y 
_pdbx_database_status.status_code_mr                  ? 
_pdbx_database_status.status_code_cs                  ? 
_pdbx_database_status.status_code_nmr_data            ? 
_pdbx_database_status.methods_development_category    ? 
# 
loop_
_audit_author.name 
_audit_author.pdbx_ordinal 
'Cendron, L.'     1 
'Seydel, A.'      2 
'Angelini, A.'    3 
'Battistutta, R.' 4 
'Zanotti, G.'     5 
# 
_citation.id                        primary 
_citation.title                     
'Crystal structure of CagZ, a protein from the Helicobacter pylori pathogenicity island that encodes for a type IV secretion system' 
_citation.journal_abbrev            J.Mol.Biol. 
_citation.journal_volume            340 
_citation.page_first                881 
_citation.page_last                 889 
_citation.year                      2004 
_citation.journal_id_ASTM           JMOBAK 
_citation.country                   UK 
_citation.journal_id_ISSN           0022-2836 
_citation.journal_id_CSD            0070 
_citation.book_publisher            ? 
_citation.pdbx_database_id_PubMed   15223328 
_citation.pdbx_database_id_DOI      10.1016/j.jmb.2004.05.016 
# 
loop_
_citation_author.citation_id 
_citation_author.name 
_citation_author.ordinal 
_citation_author.identifier_ORCID 
primary 'Cendron, L.'     1 ? 
primary 'Seydel, A.'      2 ? 
primary 'Angelini, A.'    3 ? 
primary 'Battistutta, R.' 4 ? 
primary 'Zanotti, G.'     5 ? 
# 
loop_
_entity.id 
_entity.type 
_entity.src_method 
_entity.pdbx_description 
_entity.formula_weight 
_entity.pdbx_number_of_molecules 
_entity.pdbx_ec 
_entity.pdbx_mutation 
_entity.pdbx_fragment 
_entity.details 
1 polymer     man Cag-Z               23938.371 1  ? M1D ? ? 
2 non-polymer syn 'ISOPROPYL ALCOHOL' 60.095    1  ? ?   ? ? 
3 water       nat water               18.015    91 ? ?   ? ? 
# 
_entity_poly.entity_id                      1 
_entity_poly.type                           'polypeptide(L)' 
_entity_poly.nstd_linkage                   no 
_entity_poly.nstd_monomer                   yes 
_entity_poly.pdbx_seq_one_letter_code       
;GSPNSRVDELGFNEAERQKILDSNSSL(MSE)RNANEVRDKFIQNYATSLKDSNDPQDFLRRVQELRIN(MSE)QKNFIS
FDAYYNYLNNLVLASYNRCKQEKTFAESTIKNELTLGEFVAEISDNFNNFTCDEVARISDLVASYLPREYLPPFIDGN
(MSE)(MSE)GVAFQILGIDDFGKKLNEIVQDIGTKYIILSKNKTYLTSLERAKLITQLKLNLE
;
_entity_poly.pdbx_seq_one_letter_code_can   
;GSPNSRVDELGFNEAERQKILDSNSSLMRNANEVRDKFIQNYATSLKDSNDPQDFLRRVQELRINMQKNFISFDAYYNYL
NNLVLASYNRCKQEKTFAESTIKNELTLGEFVAEISDNFNNFTCDEVARISDLVASYLPREYLPPFIDGNMMGVAFQILG
IDDFGKKLNEIVQDIGTKYIILSKNKTYLTSLERAKLITQLKLNLE
;
_entity_poly.pdbx_strand_id                 A 
_entity_poly.pdbx_target_identifier         ? 
# 
loop_
_pdbx_entity_nonpoly.entity_id 
_pdbx_entity_nonpoly.name 
_pdbx_entity_nonpoly.comp_id 
2 'ISOPROPYL ALCOHOL' IPA 
3 water               HOH 
# 
loop_
_entity_poly_seq.entity_id 
_entity_poly_seq.num 
_entity_poly_seq.mon_id 
_entity_poly_seq.hetero 
1 1   GLY n 
1 2   SER n 
1 3   PRO n 
1 4   ASN n 
1 5   SER n 
1 6   ARG n 
1 7   VAL n 
1 8   ASP n 
1 9   GLU n 
1 10  LEU n 
1 11  GLY n 
1 12  PHE n 
1 13  ASN n 
1 14  GLU n 
1 15  ALA n 
1 16  GLU n 
1 17  ARG n 
1 18  GLN n 
1 19  LYS n 
1 20  ILE n 
1 21  LEU n 
1 22  ASP n 
1 23  SER n 
1 24  ASN n 
1 25  SER n 
1 26  SER n 
1 27  LEU n 
1 28  MSE n 
1 29  ARG n 
1 30  ASN n 
1 31  ALA n 
1 32  ASN n 
1 33  GLU n 
1 34  VAL n 
1 35  ARG n 
1 36  ASP n 
1 37  LYS n 
1 38  PHE n 
1 39  ILE n 
1 40  GLN n 
1 41  ASN n 
1 42  TYR n 
1 43  ALA n 
1 44  THR n 
1 45  SER n 
1 46  LEU n 
1 47  LYS n 
1 48  ASP n 
1 49  SER n 
1 50  ASN n 
1 51  ASP n 
1 52  PRO n 
1 53  GLN n 
1 54  ASP n 
1 55  PHE n 
1 56  LEU n 
1 57  ARG n 
1 58  ARG n 
1 59  VAL n 
1 60  GLN n 
1 61  GLU n 
1 62  LEU n 
1 63  ARG n 
1 64  ILE n 
1 65  ASN n 
1 66  MSE n 
1 67  GLN n 
1 68  LYS n 
1 69  ASN n 
1 70  PHE n 
1 71  ILE n 
1 72  SER n 
1 73  PHE n 
1 74  ASP n 
1 75  ALA n 
1 76  TYR n 
1 77  TYR n 
1 78  ASN n 
1 79  TYR n 
1 80  LEU n 
1 81  ASN n 
1 82  ASN n 
1 83  LEU n 
1 84  VAL n 
1 85  LEU n 
1 86  ALA n 
1 87  SER n 
1 88  TYR n 
1 89  ASN n 
1 90  ARG n 
1 91  CYS n 
1 92  LYS n 
1 93  GLN n 
1 94  GLU n 
1 95  LYS n 
1 96  THR n 
1 97  PHE n 
1 98  ALA n 
1 99  GLU n 
1 100 SER n 
1 101 THR n 
1 102 ILE n 
1 103 LYS n 
1 104 ASN n 
1 105 GLU n 
1 106 LEU n 
1 107 THR n 
1 108 LEU n 
1 109 GLY n 
1 110 GLU n 
1 111 PHE n 
1 112 VAL n 
1 113 ALA n 
1 114 GLU n 
1 115 ILE n 
1 116 SER n 
1 117 ASP n 
1 118 ASN n 
1 119 PHE n 
1 120 ASN n 
1 121 ASN n 
1 122 PHE n 
1 123 THR n 
1 124 CYS n 
1 125 ASP n 
1 126 GLU n 
1 127 VAL n 
1 128 ALA n 
1 129 ARG n 
1 130 ILE n 
1 131 SER n 
1 132 ASP n 
1 133 LEU n 
1 134 VAL n 
1 135 ALA n 
1 136 SER n 
1 137 TYR n 
1 138 LEU n 
1 139 PRO n 
1 140 ARG n 
1 141 GLU n 
1 142 TYR n 
1 143 LEU n 
1 144 PRO n 
1 145 PRO n 
1 146 PHE n 
1 147 ILE n 
1 148 ASP n 
1 149 GLY n 
1 150 ASN n 
1 151 MSE n 
1 152 MSE n 
1 153 GLY n 
1 154 VAL n 
1 155 ALA n 
1 156 PHE n 
1 157 GLN n 
1 158 ILE n 
1 159 LEU n 
1 160 GLY n 
1 161 ILE n 
1 162 ASP n 
1 163 ASP n 
1 164 PHE n 
1 165 GLY n 
1 166 LYS n 
1 167 LYS n 
1 168 LEU n 
1 169 ASN n 
1 170 GLU n 
1 171 ILE n 
1 172 VAL n 
1 173 GLN n 
1 174 ASP n 
1 175 ILE n 
1 176 GLY n 
1 177 THR n 
1 178 LYS n 
1 179 TYR n 
1 180 ILE n 
1 181 ILE n 
1 182 LEU n 
1 183 SER n 
1 184 LYS n 
1 185 ASN n 
1 186 LYS n 
1 187 THR n 
1 188 TYR n 
1 189 LEU n 
1 190 THR n 
1 191 SER n 
1 192 LEU n 
1 193 GLU n 
1 194 ARG n 
1 195 ALA n 
1 196 LYS n 
1 197 LEU n 
1 198 ILE n 
1 199 THR n 
1 200 GLN n 
1 201 LEU n 
1 202 LYS n 
1 203 LEU n 
1 204 ASN n 
1 205 LEU n 
1 206 GLU n 
# 
_entity_src_gen.entity_id                          1 
_entity_src_gen.pdbx_src_id                        1 
_entity_src_gen.pdbx_alt_source_flag               sample 
_entity_src_gen.pdbx_seq_type                      ? 
_entity_src_gen.pdbx_beg_seq_num                   ? 
_entity_src_gen.pdbx_end_seq_num                   ? 
_entity_src_gen.gene_src_common_name               ? 
_entity_src_gen.gene_src_genus                     Helicobacter 
_entity_src_gen.pdbx_gene_src_gene                 cagZ 
_entity_src_gen.gene_src_species                   ? 
_entity_src_gen.gene_src_strain                    ? 
_entity_src_gen.gene_src_tissue                    ? 
_entity_src_gen.gene_src_tissue_fraction           ? 
_entity_src_gen.gene_src_details                   ? 
_entity_src_gen.pdbx_gene_src_fragment             ? 
_entity_src_gen.pdbx_gene_src_scientific_name      'Helicobacter pylori' 
_entity_src_gen.pdbx_gene_src_ncbi_taxonomy_id     210 
_entity_src_gen.pdbx_gene_src_variant              ? 
_entity_src_gen.pdbx_gene_src_cell_line            ? 
_entity_src_gen.pdbx_gene_src_atcc                 ? 
_entity_src_gen.pdbx_gene_src_organ                ? 
_entity_src_gen.pdbx_gene_src_organelle            ? 
_entity_src_gen.pdbx_gene_src_cell                 ? 
_entity_src_gen.pdbx_gene_src_cellular_location    ? 
_entity_src_gen.host_org_common_name               ? 
_entity_src_gen.pdbx_host_org_scientific_name      'Escherichia coli BL21(DE3)' 
_entity_src_gen.pdbx_host_org_ncbi_taxonomy_id     469008 
_entity_src_gen.host_org_genus                     Escherichia 
_entity_src_gen.pdbx_host_org_gene                 ? 
_entity_src_gen.pdbx_host_org_organ                ? 
_entity_src_gen.host_org_species                   'Escherichia coli' 
_entity_src_gen.pdbx_host_org_tissue               ? 
_entity_src_gen.pdbx_host_org_tissue_fraction      ? 
_entity_src_gen.pdbx_host_org_strain               'BL21 (DE3)' 
_entity_src_gen.pdbx_host_org_variant              ? 
_entity_src_gen.pdbx_host_org_cell_line            ? 
_entity_src_gen.pdbx_host_org_atcc                 ? 
_entity_src_gen.pdbx_host_org_culture_collection   ? 
_entity_src_gen.pdbx_host_org_cell                 ? 
_entity_src_gen.pdbx_host_org_organelle            ? 
_entity_src_gen.pdbx_host_org_cellular_location    ? 
_entity_src_gen.pdbx_host_org_vector_type          Plasmid 
_entity_src_gen.pdbx_host_org_vector               ? 
_entity_src_gen.host_org_details                   ? 
_entity_src_gen.expression_system_id               ? 
_entity_src_gen.plasmid_name                       pGEX-4T-3 
_entity_src_gen.plasmid_details                    ? 
_entity_src_gen.pdbx_description                   ? 
# 
loop_
_chem_comp.id 
_chem_comp.type 
_chem_comp.mon_nstd_flag 
_chem_comp.name 
_chem_comp.pdbx_synonyms 
_chem_comp.formula 
_chem_comp.formula_weight 
ALA 'L-peptide linking' y ALANINE             ?          'C3 H7 N O2'     89.093  
ARG 'L-peptide linking' y ARGININE            ?          'C6 H15 N4 O2 1' 175.209 
ASN 'L-peptide linking' y ASPARAGINE          ?          'C4 H8 N2 O3'    132.118 
ASP 'L-peptide linking' y 'ASPARTIC ACID'     ?          'C4 H7 N O4'     133.103 
CYS 'L-peptide linking' y CYSTEINE            ?          'C3 H7 N O2 S'   121.158 
GLN 'L-peptide linking' y GLUTAMINE           ?          'C5 H10 N2 O3'   146.144 
GLU 'L-peptide linking' y 'GLUTAMIC ACID'     ?          'C5 H9 N O4'     147.129 
GLY 'peptide linking'   y GLYCINE             ?          'C2 H5 N O2'     75.067  
HOH non-polymer         . WATER               ?          'H2 O'           18.015  
ILE 'L-peptide linking' y ISOLEUCINE          ?          'C6 H13 N O2'    131.173 
IPA non-polymer         . 'ISOPROPYL ALCOHOL' 2-PROPANOL 'C3 H8 O'        60.095  
LEU 'L-peptide linking' y LEUCINE             ?          'C6 H13 N O2'    131.173 
LYS 'L-peptide linking' y LYSINE              ?          'C6 H15 N2 O2 1' 147.195 
MET 'L-peptide linking' y METHIONINE          ?          'C5 H11 N O2 S'  149.211 
MSE 'L-peptide linking' n SELENOMETHIONINE    ?          'C5 H11 N O2 Se' 196.106 
PHE 'L-peptide linking' y PHENYLALANINE       ?          'C9 H11 N O2'    165.189 
PRO 'L-peptide linking' y PROLINE             ?          'C5 H9 N O2'     115.130 
SER 'L-peptide linking' y SERINE              ?          'C3 H7 N O3'     105.093 
THR 'L-peptide linking' y THREONINE           ?          'C4 H9 N O3'     119.119 
TYR 'L-peptide linking' y TYROSINE            ?          'C9 H11 N O3'    181.189 
VAL 'L-peptide linking' y VALINE              ?          'C5 H11 N O2'    117.146 
# 
loop_
_pdbx_poly_seq_scheme.asym_id 
_pdbx_poly_seq_scheme.entity_id 
_pdbx_poly_seq_scheme.seq_id 
_pdbx_poly_seq_scheme.mon_id 
_pdbx_poly_seq_scheme.ndb_seq_num 
_pdbx_poly_seq_scheme.pdb_seq_num 
_pdbx_poly_seq_scheme.auth_seq_num 
_pdbx_poly_seq_scheme.pdb_mon_id 
_pdbx_poly_seq_scheme.auth_mon_id 
_pdbx_poly_seq_scheme.pdb_strand_id 
_pdbx_poly_seq_scheme.pdb_ins_code 
_pdbx_poly_seq_scheme.hetero 
A 1 1   GLY 1   -6  ?   ?   ?   A . n 
A 1 2   SER 2   -5  ?   ?   ?   A . n 
A 1 3   PRO 3   -4  ?   ?   ?   A . n 
A 1 4   ASN 4   -3  ?   ?   ?   A . n 
A 1 5   SER 5   -2  ?   ?   ?   A . n 
A 1 6   ARG 6   -1  ?   ?   ?   A . n 
A 1 7   VAL 7   0   0   VAL VAL A . n 
A 1 8   ASP 8   1   1   ASP ASP A . n 
A 1 9   GLU 9   2   2   GLU GLU A . n 
A 1 10  LEU 10  3   3   LEU LEU A . n 
A 1 11  GLY 11  4   4   GLY GLY A . n 
A 1 12  PHE 12  5   5   PHE PHE A . n 
A 1 13  ASN 13  6   6   ASN ASN A . n 
A 1 14  GLU 14  7   7   GLU GLU A . n 
A 1 15  ALA 15  8   8   ALA ALA A . n 
A 1 16  GLU 16  9   9   GLU GLU A . n 
A 1 17  ARG 17  10  10  ARG ARG A . n 
A 1 18  GLN 18  11  11  GLN GLN A . n 
A 1 19  LYS 19  12  12  LYS LYS A . n 
A 1 20  ILE 20  13  13  ILE ILE A . n 
A 1 21  LEU 21  14  14  LEU LEU A . n 
A 1 22  ASP 22  15  15  ASP ASP A . n 
A 1 23  SER 23  16  16  SER SER A . n 
A 1 24  ASN 24  17  17  ASN ASN A . n 
A 1 25  SER 25  18  18  SER SER A . n 
A 1 26  SER 26  19  19  SER SER A . n 
A 1 27  LEU 27  20  20  LEU LEU A . n 
A 1 28  MSE 28  21  21  MSE MET A . n 
A 1 29  ARG 29  22  22  ARG ARG A . n 
A 1 30  ASN 30  23  23  ASN ASN A . n 
A 1 31  ALA 31  24  24  ALA ALA A . n 
A 1 32  ASN 32  25  25  ASN ASN A . n 
A 1 33  GLU 33  26  26  GLU GLU A . n 
A 1 34  VAL 34  27  27  VAL VAL A . n 
A 1 35  ARG 35  28  28  ARG ARG A . n 
A 1 36  ASP 36  29  29  ASP ASP A . n 
A 1 37  LYS 37  30  30  LYS LYS A . n 
A 1 38  PHE 38  31  31  PHE PHE A . n 
A 1 39  ILE 39  32  32  ILE ILE A . n 
A 1 40  GLN 40  33  33  GLN GLN A . n 
A 1 41  ASN 41  34  34  ASN ASN A . n 
A 1 42  TYR 42  35  35  TYR TYR A . n 
A 1 43  ALA 43  36  36  ALA ALA A . n 
A 1 44  THR 44  37  37  THR THR A . n 
A 1 45  SER 45  38  38  SER SER A . n 
A 1 46  LEU 46  39  39  LEU LEU A . n 
A 1 47  LYS 47  40  40  LYS LYS A . n 
A 1 48  ASP 48  41  41  ASP ASP A . n 
A 1 49  SER 49  42  42  SER SER A . n 
A 1 50  ASN 50  43  43  ASN ASN A . n 
A 1 51  ASP 51  44  44  ASP ASP A . n 
A 1 52  PRO 52  45  45  PRO PRO A . n 
A 1 53  GLN 53  46  46  GLN GLN A . n 
A 1 54  ASP 54  47  47  ASP ASP A . n 
A 1 55  PHE 55  48  48  PHE PHE A . n 
A 1 56  LEU 56  49  49  LEU LEU A . n 
A 1 57  ARG 57  50  50  ARG ARG A . n 
A 1 58  ARG 58  51  51  ARG ARG A . n 
A 1 59  VAL 59  52  52  VAL VAL A . n 
A 1 60  GLN 60  53  53  GLN GLN A . n 
A 1 61  GLU 61  54  54  GLU GLU A . n 
A 1 62  LEU 62  55  55  LEU LEU A . n 
A 1 63  ARG 63  56  56  ARG ARG A . n 
A 1 64  ILE 64  57  57  ILE ILE A . n 
A 1 65  ASN 65  58  58  ASN ASN A . n 
A 1 66  MSE 66  59  59  MSE MET A . n 
A 1 67  GLN 67  60  60  GLN GLN A . n 
A 1 68  LYS 68  61  61  LYS LYS A . n 
A 1 69  ASN 69  62  62  ASN ASN A . n 
A 1 70  PHE 70  63  63  PHE PHE A . n 
A 1 71  ILE 71  64  64  ILE ILE A . n 
A 1 72  SER 72  65  65  SER SER A . n 
A 1 73  PHE 73  66  66  PHE PHE A . n 
A 1 74  ASP 74  67  67  ASP ASP A . n 
A 1 75  ALA 75  68  68  ALA ALA A . n 
A 1 76  TYR 76  69  69  TYR TYR A . n 
A 1 77  TYR 77  70  70  TYR TYR A . n 
A 1 78  ASN 78  71  71  ASN ASN A . n 
A 1 79  TYR 79  72  72  TYR TYR A . n 
A 1 80  LEU 80  73  73  LEU LEU A . n 
A 1 81  ASN 81  74  74  ASN ASN A . n 
A 1 82  ASN 82  75  75  ASN ASN A . n 
A 1 83  LEU 83  76  76  LEU LEU A . n 
A 1 84  VAL 84  77  77  VAL VAL A . n 
A 1 85  LEU 85  78  78  LEU LEU A . n 
A 1 86  ALA 86  79  79  ALA ALA A . n 
A 1 87  SER 87  80  80  SER SER A . n 
A 1 88  TYR 88  81  81  TYR TYR A . n 
A 1 89  ASN 89  82  82  ASN ASN A . n 
A 1 90  ARG 90  83  83  ARG ARG A . n 
A 1 91  CYS 91  84  84  CYS CYS A . n 
A 1 92  LYS 92  85  85  LYS LYS A . n 
A 1 93  GLN 93  86  86  GLN GLN A . n 
A 1 94  GLU 94  87  87  GLU GLU A . n 
A 1 95  LYS 95  88  88  LYS LYS A . n 
A 1 96  THR 96  89  89  THR THR A . n 
A 1 97  PHE 97  90  90  PHE PHE A . n 
A 1 98  ALA 98  91  91  ALA ALA A . n 
A 1 99  GLU 99  92  92  GLU GLU A . n 
A 1 100 SER 100 93  93  SER SER A . n 
A 1 101 THR 101 94  94  THR THR A . n 
A 1 102 ILE 102 95  95  ILE ILE A . n 
A 1 103 LYS 103 96  96  LYS LYS A . n 
A 1 104 ASN 104 97  97  ASN ASN A . n 
A 1 105 GLU 105 98  98  GLU GLU A . n 
A 1 106 LEU 106 99  99  LEU LEU A . n 
A 1 107 THR 107 100 100 THR THR A . n 
A 1 108 LEU 108 101 101 LEU LEU A . n 
A 1 109 GLY 109 102 102 GLY GLY A . n 
A 1 110 GLU 110 103 103 GLU GLU A . n 
A 1 111 PHE 111 104 104 PHE PHE A . n 
A 1 112 VAL 112 105 105 VAL VAL A . n 
A 1 113 ALA 113 106 106 ALA ALA A . n 
A 1 114 GLU 114 107 107 GLU GLU A . n 
A 1 115 ILE 115 108 108 ILE ILE A . n 
A 1 116 SER 116 109 109 SER SER A . n 
A 1 117 ASP 117 110 110 ASP ASP A . n 
A 1 118 ASN 118 111 111 ASN ASN A . n 
A 1 119 PHE 119 112 112 PHE PHE A . n 
A 1 120 ASN 120 113 113 ASN ASN A . n 
A 1 121 ASN 121 114 114 ASN ASN A . n 
A 1 122 PHE 122 115 115 PHE PHE A . n 
A 1 123 THR 123 116 116 THR THR A . n 
A 1 124 CYS 124 117 117 CYS CYS A . n 
A 1 125 ASP 125 118 118 ASP ASP A . n 
A 1 126 GLU 126 119 119 GLU GLU A . n 
A 1 127 VAL 127 120 120 VAL VAL A . n 
A 1 128 ALA 128 121 121 ALA ALA A . n 
A 1 129 ARG 129 122 122 ARG ARG A . n 
A 1 130 ILE 130 123 123 ILE ILE A . n 
A 1 131 SER 131 124 124 SER SER A . n 
A 1 132 ASP 132 125 125 ASP ASP A . n 
A 1 133 LEU 133 126 126 LEU LEU A . n 
A 1 134 VAL 134 127 127 VAL VAL A . n 
A 1 135 ALA 135 128 128 ALA ALA A . n 
A 1 136 SER 136 129 129 SER SER A . n 
A 1 137 TYR 137 130 130 TYR TYR A . n 
A 1 138 LEU 138 131 131 LEU LEU A . n 
A 1 139 PRO 139 132 132 PRO PRO A . n 
A 1 140 ARG 140 133 133 ARG ARG A . n 
A 1 141 GLU 141 134 134 GLU GLU A . n 
A 1 142 TYR 142 135 135 TYR TYR A . n 
A 1 143 LEU 143 136 136 LEU LEU A . n 
A 1 144 PRO 144 137 137 PRO PRO A . n 
A 1 145 PRO 145 138 138 PRO PRO A . n 
A 1 146 PHE 146 139 139 PHE PHE A . n 
A 1 147 ILE 147 140 140 ILE ILE A . n 
A 1 148 ASP 148 141 141 ASP ASP A . n 
A 1 149 GLY 149 142 142 GLY GLY A . n 
A 1 150 ASN 150 143 143 ASN ASN A . n 
A 1 151 MSE 151 144 144 MSE MET A . n 
A 1 152 MSE 152 145 145 MSE MET A . n 
A 1 153 GLY 153 146 146 GLY GLY A . n 
A 1 154 VAL 154 147 147 VAL VAL A . n 
A 1 155 ALA 155 148 148 ALA ALA A . n 
A 1 156 PHE 156 149 149 PHE PHE A . n 
A 1 157 GLN 157 150 150 GLN GLN A . n 
A 1 158 ILE 158 151 151 ILE ILE A . n 
A 1 159 LEU 159 152 152 LEU LEU A . n 
A 1 160 GLY 160 153 153 GLY GLY A . n 
A 1 161 ILE 161 154 154 ILE ILE A . n 
A 1 162 ASP 162 155 155 ASP ASP A . n 
A 1 163 ASP 163 156 156 ASP ASP A . n 
A 1 164 PHE 164 157 157 PHE PHE A . n 
A 1 165 GLY 165 158 158 GLY GLY A . n 
A 1 166 LYS 166 159 159 LYS LYS A . n 
A 1 167 LYS 167 160 160 LYS LYS A . n 
A 1 168 LEU 168 161 161 LEU LEU A . n 
A 1 169 ASN 169 162 162 ASN ASN A . n 
A 1 170 GLU 170 163 163 GLU GLU A . n 
A 1 171 ILE 171 164 164 ILE ILE A . n 
A 1 172 VAL 172 165 165 VAL VAL A . n 
A 1 173 GLN 173 166 166 GLN GLN A . n 
A 1 174 ASP 174 167 167 ASP ASP A . n 
A 1 175 ILE 175 168 168 ILE ILE A . n 
A 1 176 GLY 176 169 169 GLY GLY A . n 
A 1 177 THR 177 170 170 THR THR A . n 
A 1 178 LYS 178 171 171 LYS LYS A . n 
A 1 179 TYR 179 172 172 TYR TYR A . n 
A 1 180 ILE 180 173 173 ILE ILE A . n 
A 1 181 ILE 181 174 174 ILE ILE A . n 
A 1 182 LEU 182 175 175 LEU LEU A . n 
A 1 183 SER 183 176 176 SER SER A . n 
A 1 184 LYS 184 177 177 LYS LYS A . n 
A 1 185 ASN 185 178 178 ASN ASN A . n 
A 1 186 LYS 186 179 179 LYS LYS A . n 
A 1 187 THR 187 180 ?   ?   ?   A . n 
A 1 188 TYR 188 181 ?   ?   ?   A . n 
A 1 189 LEU 189 182 ?   ?   ?   A . n 
A 1 190 THR 190 183 ?   ?   ?   A . n 
A 1 191 SER 191 184 ?   ?   ?   A . n 
A 1 192 LEU 192 185 ?   ?   ?   A . n 
A 1 193 GLU 193 186 ?   ?   ?   A . n 
A 1 194 ARG 194 187 ?   ?   ?   A . n 
A 1 195 ALA 195 188 ?   ?   ?   A . n 
A 1 196 LYS 196 189 ?   ?   ?   A . n 
A 1 197 LEU 197 190 ?   ?   ?   A . n 
A 1 198 ILE 198 191 ?   ?   ?   A . n 
A 1 199 THR 199 192 ?   ?   ?   A . n 
A 1 200 GLN 200 193 ?   ?   ?   A . n 
A 1 201 LEU 201 194 ?   ?   ?   A . n 
A 1 202 LYS 202 195 ?   ?   ?   A . n 
A 1 203 LEU 203 196 ?   ?   ?   A . n 
A 1 204 ASN 204 197 ?   ?   ?   A . n 
A 1 205 LEU 205 198 ?   ?   ?   A . n 
A 1 206 GLU 206 199 ?   ?   ?   A . n 
# 
loop_
_pdbx_nonpoly_scheme.asym_id 
_pdbx_nonpoly_scheme.entity_id 
_pdbx_nonpoly_scheme.mon_id 
_pdbx_nonpoly_scheme.ndb_seq_num 
_pdbx_nonpoly_scheme.pdb_seq_num 
_pdbx_nonpoly_scheme.auth_seq_num 
_pdbx_nonpoly_scheme.pdb_mon_id 
_pdbx_nonpoly_scheme.auth_mon_id 
_pdbx_nonpoly_scheme.pdb_strand_id 
_pdbx_nonpoly_scheme.pdb_ins_code 
B 2 IPA 1  201  201  IPA ISO A . 
C 3 HOH 1  1001 1001 HOH HOH A . 
C 3 HOH 2  1002 1002 HOH HOH A . 
C 3 HOH 3  1003 1003 HOH HOH A . 
C 3 HOH 4  1004 1004 HOH HOH A . 
C 3 HOH 5  1005 1005 HOH HOH A . 
C 3 HOH 6  1006 1006 HOH HOH A . 
C 3 HOH 7  1007 1007 HOH HOH A . 
C 3 HOH 8  1008 1008 HOH HOH A . 
C 3 HOH 9  1009 1009 HOH HOH A . 
C 3 HOH 10 1010 1010 HOH HOH A . 
C 3 HOH 11 1011 1011 HOH HOH A . 
C 3 HOH 12 1012 1012 HOH HOH A . 
C 3 HOH 13 1013 1013 HOH HOH A . 
C 3 HOH 14 1015 1015 HOH HOH A . 
C 3 HOH 15 1016 1016 HOH HOH A . 
C 3 HOH 16 1017 1017 HOH HOH A . 
C 3 HOH 17 1018 1018 HOH HOH A . 
C 3 HOH 18 1019 1019 HOH HOH A . 
C 3 HOH 19 1020 1020 HOH HOH A . 
C 3 HOH 20 1021 1021 HOH HOH A . 
C 3 HOH 21 1023 1023 HOH HOH A . 
C 3 HOH 22 1024 1024 HOH HOH A . 
C 3 HOH 23 1025 1025 HOH HOH A . 
C 3 HOH 24 1026 1026 HOH HOH A . 
C 3 HOH 25 1027 1027 HOH HOH A . 
C 3 HOH 26 1028 1028 HOH HOH A . 
C 3 HOH 27 1029 1029 HOH HOH A . 
C 3 HOH 28 1030 1030 HOH HOH A . 
C 3 HOH 29 1031 1031 HOH HOH A . 
C 3 HOH 30 1032 1032 HOH HOH A . 
C 3 HOH 31 1033 1033 HOH HOH A . 
C 3 HOH 32 1034 1034 HOH HOH A . 
C 3 HOH 33 1035 1035 HOH HOH A . 
C 3 HOH 34 1036 1036 HOH HOH A . 
C 3 HOH 35 1037 1037 HOH HOH A . 
C 3 HOH 36 1040 1040 HOH HOH A . 
C 3 HOH 37 1041 1041 HOH HOH A . 
C 3 HOH 38 1042 1042 HOH HOH A . 
C 3 HOH 39 1045 1045 HOH HOH A . 
C 3 HOH 40 1046 1046 HOH HOH A . 
C 3 HOH 41 1047 1047 HOH HOH A . 
C 3 HOH 42 1048 1048 HOH HOH A . 
C 3 HOH 43 1052 1052 HOH HOH A . 
C 3 HOH 44 1053 1053 HOH HOH A . 
C 3 HOH 45 1056 1056 HOH HOH A . 
C 3 HOH 46 1057 1057 HOH HOH A . 
C 3 HOH 47 1058 1058 HOH HOH A . 
C 3 HOH 48 1060 1060 HOH HOH A . 
C 3 HOH 49 1062 1062 HOH HOH A . 
C 3 HOH 50 1063 1063 HOH HOH A . 
C 3 HOH 51 1064 1064 HOH HOH A . 
C 3 HOH 52 1065 1065 HOH HOH A . 
C 3 HOH 53 1066 1066 HOH HOH A . 
C 3 HOH 54 1067 1067 HOH HOH A . 
C 3 HOH 55 1069 1069 HOH HOH A . 
C 3 HOH 56 1070 1070 HOH HOH A . 
C 3 HOH 57 1071 1071 HOH HOH A . 
C 3 HOH 58 1072 1072 HOH HOH A . 
C 3 HOH 59 1073 1073 HOH HOH A . 
C 3 HOH 60 1074 1074 HOH HOH A . 
C 3 HOH 61 1075 1075 HOH HOH A . 
C 3 HOH 62 1078 1078 HOH HOH A . 
C 3 HOH 63 1080 1080 HOH HOH A . 
C 3 HOH 64 1081 1081 HOH HOH A . 
C 3 HOH 65 1082 1082 HOH HOH A . 
C 3 HOH 66 1085 1085 HOH HOH A . 
C 3 HOH 67 1086 1086 HOH HOH A . 
C 3 HOH 68 1087 1087 HOH HOH A . 
C 3 HOH 69 1088 1088 HOH HOH A . 
C 3 HOH 70 1091 1091 HOH HOH A . 
C 3 HOH 71 1096 1096 HOH HOH A . 
C 3 HOH 72 1099 1099 HOH HOH A . 
C 3 HOH 73 1100 1100 HOH HOH A . 
C 3 HOH 74 1101 1101 HOH HOH A . 
C 3 HOH 75 1104 1104 HOH HOH A . 
C 3 HOH 76 1106 1106 HOH HOH A . 
C 3 HOH 77 1107 1107 HOH HOH A . 
C 3 HOH 78 1110 1110 HOH HOH A . 
C 3 HOH 79 1111 1111 HOH HOH A . 
C 3 HOH 80 1113 1113 HOH HOH A . 
C 3 HOH 81 1114 1114 HOH HOH A . 
C 3 HOH 82 1115 1115 HOH HOH A . 
C 3 HOH 83 1116 1116 HOH HOH A . 
C 3 HOH 84 1117 1117 HOH HOH A . 
C 3 HOH 85 1118 1118 HOH HOH A . 
C 3 HOH 86 1120 1120 HOH HOH A . 
C 3 HOH 87 1123 1123 HOH HOH A . 
C 3 HOH 88 1124 1124 HOH HOH A . 
C 3 HOH 89 1125 1125 HOH HOH A . 
C 3 HOH 90 1126 1126 HOH HOH A . 
C 3 HOH 91 1127 1127 HOH HOH A . 
# 
loop_
_software.name 
_software.classification 
_software.version 
_software.citation_id 
_software.pdbx_ordinal 
SHELX     'model building' .         ? 1 
SHELXL-97 refinement       .         ? 2 
MOSFLM    'data reduction' .         ? 3 
CCP4      'data scaling'   '(SCALA)' ? 4 
CNS       phasing          .         ? 5 
# 
_cell.entry_id           1S2X 
_cell.length_a           31.550 
_cell.length_b           44.650 
_cell.length_c           159.600 
_cell.angle_alpha        90.00 
_cell.angle_beta         90.00 
_cell.angle_gamma        90.00 
_cell.Z_PDB              4 
_cell.pdbx_unique_axis   ? 
# 
_symmetry.entry_id                         1S2X 
_symmetry.space_group_name_H-M             'P 21 21 21' 
_symmetry.pdbx_full_space_group_name_H-M   ? 
_symmetry.cell_setting                     ? 
_symmetry.Int_Tables_number                19 
_symmetry.space_group_name_Hall            ? 
# 
_exptl.entry_id          1S2X 
_exptl.method            'X-RAY DIFFRACTION' 
_exptl.crystals_number   1 
# 
_exptl_crystal.id                    1 
_exptl_crystal.density_meas          ? 
_exptl_crystal.density_percent_sol   54.70 
_exptl_crystal.description           ? 
_exptl_crystal.density_Matthews      2.74 
_exptl_crystal.F_000                 ? 
_exptl_crystal.preparation           ? 
# 
_exptl_crystal_grow.crystal_id      1 
_exptl_crystal_grow.method          'VAPOR DIFFUSION, SITTING DROP' 
_exptl_crystal_grow.temp            298 
_exptl_crystal_grow.temp_details    ? 
_exptl_crystal_grow.pH              7.5 
_exptl_crystal_grow.pdbx_details    'PEG 4000, isopropanol, HEPES, pH 7.5, VAPOR DIFFUSION, SITTING DROP, temperature 298K' 
_exptl_crystal_grow.pdbx_pH_range   . 
# 
_diffrn.id                     1 
_diffrn.ambient_temp           100 
_diffrn.ambient_temp_details   ? 
_diffrn.crystal_id             1 
# 
_diffrn_detector.diffrn_id              1 
_diffrn_detector.detector               CCD 
_diffrn_detector.type                   'ADSC QUANTUM 4' 
_diffrn_detector.pdbx_collection_date   2003-09-10 
_diffrn_detector.details                ? 
# 
_diffrn_radiation.diffrn_id                        1 
_diffrn_radiation.wavelength_id                    1 
_diffrn_radiation.pdbx_monochromatic_or_laue_m_l   M 
_diffrn_radiation.monochromator                    ? 
_diffrn_radiation.pdbx_diffrn_protocol             MAD 
_diffrn_radiation.pdbx_scattering_type             x-ray 
# 
_diffrn_radiation_wavelength.id           1 
_diffrn_radiation_wavelength.wavelength   0.9202 
_diffrn_radiation_wavelength.wt           1.0 
# 
_diffrn_source.diffrn_id                   1 
_diffrn_source.source                      SYNCHROTRON 
_diffrn_source.type                        'ESRF BEAMLINE ID29' 
_diffrn_source.pdbx_synchrotron_site       ESRF 
_diffrn_source.pdbx_synchrotron_beamline   ID29 
_diffrn_source.pdbx_wavelength             ? 
_diffrn_source.pdbx_wavelength_list        0.9202 
# 
_reflns.entry_id                     1S2X 
_reflns.observed_criterion_sigma_I   0 
_reflns.observed_criterion_sigma_F   0 
_reflns.d_resolution_low             45. 
_reflns.d_resolution_high            1.9 
_reflns.number_obs                   18377 
_reflns.number_all                   18377 
_reflns.percent_possible_obs         98.6 
_reflns.pdbx_Rmerge_I_obs            0.054 
_reflns.pdbx_Rsym_value              ? 
_reflns.pdbx_netI_over_sigmaI        5.0 
_reflns.B_iso_Wilson_estimate        ? 
_reflns.pdbx_redundancy              6.2 
_reflns.R_free_details               ? 
_reflns.limit_h_max                  ? 
_reflns.limit_h_min                  ? 
_reflns.limit_k_max                  ? 
_reflns.limit_k_min                  ? 
_reflns.limit_l_max                  ? 
_reflns.limit_l_min                  ? 
_reflns.observed_criterion_F_max     ? 
_reflns.observed_criterion_F_min     ? 
_reflns.pdbx_chi_squared             ? 
_reflns.pdbx_scaling_rejects         ? 
_reflns.pdbx_diffrn_id               1 
_reflns.pdbx_ordinal                 1 
# 
_reflns_shell.d_res_high             1.9 
_reflns_shell.d_res_low              2.0 
_reflns_shell.percent_possible_all   92.5 
_reflns_shell.Rmerge_I_obs           0.246 
_reflns_shell.pdbx_Rsym_value        ? 
_reflns_shell.meanI_over_sigI_obs    1.7 
_reflns_shell.pdbx_redundancy        4.1 
_reflns_shell.percent_possible_obs   ? 
_reflns_shell.number_unique_all      2406 
_reflns_shell.number_measured_all    ? 
_reflns_shell.number_measured_obs    ? 
_reflns_shell.number_unique_obs      ? 
_reflns_shell.pdbx_chi_squared       ? 
_reflns_shell.pdbx_diffrn_id         ? 
_reflns_shell.pdbx_ordinal           1 
# 
_refine.entry_id                                 1S2X 
_refine.ls_number_reflns_obs                     14273 
_refine.ls_number_reflns_all                     17961 
_refine.pdbx_ls_sigma_I                          4.0 
_refine.pdbx_ls_sigma_F                          2.0 
_refine.pdbx_data_cutoff_high_absF               ? 
_refine.pdbx_data_cutoff_low_absF                ? 
_refine.pdbx_data_cutoff_high_rms_absF           ? 
_refine.ls_d_res_low                             8.00 
_refine.ls_d_res_high                            1.90 
_refine.ls_percent_reflns_obs                    88.9 
_refine.ls_R_factor_obs                          0.229 
_refine.ls_R_factor_all                          0.245 
_refine.ls_R_factor_R_work                       0.238 
_refine.ls_R_factor_R_free                       0.263 
_refine.ls_R_factor_R_free_error                 ? 
_refine.ls_R_factor_R_free_error_details         ? 
_refine.ls_percent_reflns_R_free                 ? 
_refine.ls_number_reflns_R_free                  1381 
_refine.ls_number_parameters                     6267 
_refine.ls_number_restraints                     5971 
_refine.occupancy_min                            ? 
_refine.occupancy_max                            ? 
_refine.correlation_coeff_Fo_to_Fc               ? 
_refine.correlation_coeff_Fo_to_Fc_free          ? 
_refine.B_iso_mean                               ? 
_refine.aniso_B[1][1]                            ? 
_refine.aniso_B[2][2]                            ? 
_refine.aniso_B[3][3]                            ? 
_refine.aniso_B[1][2]                            ? 
_refine.aniso_B[1][3]                            ? 
_refine.aniso_B[2][3]                            ? 
_refine.solvent_model_details                    ? 
_refine.solvent_model_param_ksol                 ? 
_refine.solvent_model_param_bsol                 ? 
_refine.pdbx_solvent_vdw_probe_radii             ? 
_refine.pdbx_solvent_ion_probe_radii             ? 
_refine.pdbx_solvent_shrinkage_radii             ? 
_refine.pdbx_ls_cross_valid_method               'FREE R' 
_refine.details                                  
'ANISOTROPIC SCALING APPLIED BY THE METHOD OF PARKIN, MOEZZI & HOPE, J.APPL.CRYST.28(1995)53-56' 
_refine.pdbx_starting_model                      ? 
_refine.pdbx_method_to_determine_struct          MAD 
_refine.pdbx_isotropic_thermal_model             'Isotropic, Anisotropic only for 4 Se atoms' 
_refine.pdbx_stereochemistry_target_values       'ENGH AND HUBER' 
_refine.pdbx_stereochem_target_val_spec_case     ? 
_refine.pdbx_R_Free_selection_details            RANDOM 
_refine.pdbx_overall_ESU_R                       ? 
_refine.pdbx_overall_ESU_R_Free                  ? 
_refine.overall_SU_ML                            ? 
_refine.overall_SU_B                             ? 
_refine.ls_redundancy_reflns_obs                 ? 
_refine.B_iso_min                                ? 
_refine.B_iso_max                                ? 
_refine.overall_SU_R_Cruickshank_DPI             ? 
_refine.overall_SU_R_free                        ? 
_refine.ls_wR_factor_R_free                      ? 
_refine.ls_wR_factor_R_work                      ? 
_refine.overall_FOM_free_R_set                   ? 
_refine.overall_FOM_work_R_set                   ? 
_refine.pdbx_refine_id                           'X-RAY DIFFRACTION' 
_refine.pdbx_diffrn_id                           1 
_refine.pdbx_TLS_residual_ADP_flag               ? 
_refine.pdbx_overall_phase_error                 ? 
_refine.pdbx_overall_SU_R_free_Cruickshank_DPI   ? 
_refine.pdbx_overall_SU_R_Blow_DPI               ? 
_refine.pdbx_overall_SU_R_free_Blow_DPI          ? 
# 
_refine_analyze.entry_id                        1S2X 
_refine_analyze.Luzzati_coordinate_error_obs    ? 
_refine_analyze.Luzzati_sigma_a_obs             ? 
_refine_analyze.Luzzati_d_res_low_obs           ? 
_refine_analyze.Luzzati_coordinate_error_free   ? 
_refine_analyze.Luzzati_sigma_a_free            ? 
_refine_analyze.Luzzati_d_res_low_free          ? 
_refine_analyze.number_disordered_residues      0 
_refine_analyze.occupancy_sum_hydrogen          0.00 
_refine_analyze.occupancy_sum_non_hydrogen      1556.00 
_refine_analyze.pdbx_Luzzati_d_res_high_obs     ? 
_refine_analyze.pdbx_refine_id                  'X-RAY DIFFRACTION' 
# 
_refine_hist.pdbx_refine_id                   'X-RAY DIFFRACTION' 
_refine_hist.cycle_id                         LAST 
_refine_hist.pdbx_number_atoms_protein        1463 
_refine_hist.pdbx_number_atoms_nucleic_acid   0 
_refine_hist.pdbx_number_atoms_ligand         0 
_refine_hist.number_atoms_solvent             95 
_refine_hist.number_atoms_total               1558 
_refine_hist.d_res_high                       1.90 
_refine_hist.d_res_low                        8.00 
# 
loop_
_refine_ls_restr.type 
_refine_ls_restr.dev_ideal 
_refine_ls_restr.dev_ideal_target 
_refine_ls_restr.weight 
_refine_ls_restr.number 
_refine_ls_restr.pdbx_refine_id 
_refine_ls_restr.pdbx_restraint_function 
s_bond_d               0.006  ? ? ? 'X-RAY DIFFRACTION' ? 
s_angle_d              0.020  ? ? ? 'X-RAY DIFFRACTION' ? 
s_similar_dist         0.000  ? ? ? 'X-RAY DIFFRACTION' ? 
s_from_restr_planes    0.0217 ? ? ? 'X-RAY DIFFRACTION' ? 
s_zero_chiral_vol      0.026  ? ? ? 'X-RAY DIFFRACTION' ? 
s_non_zero_chiral_vol  0.031  ? ? ? 'X-RAY DIFFRACTION' ? 
s_anti_bump_dis_restr  0.030  ? ? ? 'X-RAY DIFFRACTION' ? 
s_rigid_bond_adp_cmpnt 0.000  ? ? ? 'X-RAY DIFFRACTION' ? 
s_similar_adp_cmpnt    0.085  ? ? ? 'X-RAY DIFFRACTION' ? 
s_approx_iso_adps      0.000  ? ? ? 'X-RAY DIFFRACTION' ? 
# 
loop_
_refine_ls_shell.pdbx_total_number_of_bins_used 
_refine_ls_shell.d_res_high 
_refine_ls_shell.d_res_low 
_refine_ls_shell.number_reflns_R_work 
_refine_ls_shell.R_factor_R_work 
_refine_ls_shell.percent_reflns_obs 
_refine_ls_shell.R_factor_R_free 
_refine_ls_shell.R_factor_R_free_error 
_refine_ls_shell.percent_reflns_R_free 
_refine_ls_shell.number_reflns_R_free 
_refine_ls_shell.number_reflns_obs 
_refine_ls_shell.redundancy_reflns_obs 
_refine_ls_shell.number_reflns_all 
_refine_ls_shell.pdbx_refine_id 
_refine_ls_shell.R_factor_all 
. 1.9 2.0 . 0.353 12.86 . . . . 2133 . . 'X-RAY DIFFRACTION' . 
. 2.0 2.2 . 0.278 21.52 . . . . 3568 . . 'X-RAY DIFFRACTION' . 
. 2.2 2.5 . 0.231 20.89 . . . . 3463 . . 'X-RAY DIFFRACTION' . 
. 2.5 3   . 0.215 18.98 . . . . 3147 . . 'X-RAY DIFFRACTION' . 
. 3   4   . 0.218 15.48 . . . . 2567 . . 'X-RAY DIFFRACTION' . 
. 4   8   . 0.257 10.23 . . . . 1697 . . 'X-RAY DIFFRACTION' . 
# 
_pdbx_refine.entry_id                                    1S2X 
_pdbx_refine.R_factor_all_no_cutoff                      ? 
_pdbx_refine.R_factor_obs_no_cutoff                      ? 
_pdbx_refine.free_R_factor_no_cutoff                     ? 
_pdbx_refine.free_R_val_test_set_size_perc_no_cutoff     ? 
_pdbx_refine.free_R_val_test_set_ct_no_cutoff            ? 
_pdbx_refine.R_factor_all_4sig_cutoff                    0.2293 
_pdbx_refine.R_factor_obs_4sig_cutoff                    ? 
_pdbx_refine.free_R_factor_4sig_cutoff                   ? 
_pdbx_refine.free_R_val_test_set_size_perc_4sig_cutoff   ? 
_pdbx_refine.free_R_val_test_set_ct_4sig_cutoff          ? 
_pdbx_refine.number_reflns_obs_4sig_cutoff               13176 
_pdbx_refine.number_reflns_obs_no_cutoff                 ? 
_pdbx_refine.pdbx_refine_id                              'X-RAY DIFFRACTION' 
_pdbx_refine.free_R_error_no_cutoff                      ? 
# 
_struct.entry_id                  1S2X 
_struct.title                     'Crystal structure of Cag-Z from Helicobacter pylori' 
_struct.pdbx_model_details        ? 
_struct.pdbx_CASP_flag            ? 
_struct.pdbx_model_type_details   ? 
# 
_struct_keywords.entry_id        1S2X 
_struct_keywords.pdbx_keywords   'UNKNOWN FUNCTION' 
_struct_keywords.text            'Cag-Z, Helicobacter pylori, cag pathogenicity island, type IV secretion system, UNKNOWN FUNCTION' 
# 
loop_
_struct_asym.id 
_struct_asym.pdbx_blank_PDB_chainid_flag 
_struct_asym.pdbx_modified 
_struct_asym.entity_id 
_struct_asym.details 
A N N 1 ? 
B N N 2 ? 
C N N 3 ? 
# 
_struct_ref.id                         1 
_struct_ref.db_name                    UNP 
_struct_ref.db_code                    Q9JMX9_HELPY 
_struct_ref.pdbx_db_accession          Q9JMX9 
_struct_ref.entity_id                  1 
_struct_ref.pdbx_seq_one_letter_code   
;MELGFNEAERQKILDSNSSLMRNANEVRDKFIQNYATSLKDSNDPQDFLRRVQELRINMQKNFISFDAYYNYLNNLVLAS
YNRCKQEKTFAESTIKNELTLGEFVAEISDNFNNFTCDEVARISDLVASYLPREYLPPFIDGNMMGVAFQILGIDDFGKK
LNEIVQDIGTKYIILSKNKTYLTSLERAKLITQLKLNLE
;
_struct_ref.pdbx_align_begin           1 
_struct_ref.pdbx_db_isoform            ? 
# 
_struct_ref_seq.align_id                      1 
_struct_ref_seq.ref_id                        1 
_struct_ref_seq.pdbx_PDB_id_code              1S2X 
_struct_ref_seq.pdbx_strand_id                A 
_struct_ref_seq.seq_align_beg                 8 
_struct_ref_seq.pdbx_seq_align_beg_ins_code   ? 
_struct_ref_seq.seq_align_end                 206 
_struct_ref_seq.pdbx_seq_align_end_ins_code   ? 
_struct_ref_seq.pdbx_db_accession             Q9JMX9 
_struct_ref_seq.db_align_beg                  1 
_struct_ref_seq.pdbx_db_align_beg_ins_code    ? 
_struct_ref_seq.db_align_end                  199 
_struct_ref_seq.pdbx_db_align_end_ins_code    ? 
_struct_ref_seq.pdbx_auth_seq_align_beg       1 
_struct_ref_seq.pdbx_auth_seq_align_end       199 
# 
loop_
_struct_ref_seq_dif.align_id 
_struct_ref_seq_dif.pdbx_pdb_id_code 
_struct_ref_seq_dif.mon_id 
_struct_ref_seq_dif.pdbx_pdb_strand_id 
_struct_ref_seq_dif.seq_num 
_struct_ref_seq_dif.pdbx_pdb_ins_code 
_struct_ref_seq_dif.pdbx_seq_db_name 
_struct_ref_seq_dif.pdbx_seq_db_accession_code 
_struct_ref_seq_dif.db_mon_id 
_struct_ref_seq_dif.pdbx_seq_db_seq_num 
_struct_ref_seq_dif.details 
_struct_ref_seq_dif.pdbx_auth_seq_num 
_struct_ref_seq_dif.pdbx_ordinal 
1 1S2X GLY A 1   ? UNP Q9JMX9 ?   ?   'cloning artifact'    -6  1  
1 1S2X SER A 2   ? UNP Q9JMX9 ?   ?   'cloning artifact'    -5  2  
1 1S2X PRO A 3   ? UNP Q9JMX9 ?   ?   'cloning artifact'    -4  3  
1 1S2X ASN A 4   ? UNP Q9JMX9 ?   ?   'cloning artifact'    -3  4  
1 1S2X SER A 5   ? UNP Q9JMX9 ?   ?   'cloning artifact'    -2  5  
1 1S2X ARG A 6   ? UNP Q9JMX9 ?   ?   'cloning artifact'    -1  6  
1 1S2X VAL A 7   ? UNP Q9JMX9 ?   ?   'cloning artifact'    0   7  
1 1S2X ASP A 8   ? UNP Q9JMX9 MET 1   'engineered mutation' 1   8  
1 1S2X MSE A 28  ? UNP Q9JMX9 MET 21  'modified residue'    21  9  
1 1S2X MSE A 66  ? UNP Q9JMX9 MET 59  'modified residue'    59  10 
1 1S2X MSE A 151 ? UNP Q9JMX9 MET 144 'modified residue'    144 11 
1 1S2X MSE A 152 ? UNP Q9JMX9 MET 145 'modified residue'    145 12 
# 
_pdbx_struct_assembly.id                   1 
_pdbx_struct_assembly.details              author_defined_assembly 
_pdbx_struct_assembly.method_details       ? 
_pdbx_struct_assembly.oligomeric_details   monomeric 
_pdbx_struct_assembly.oligomeric_count     1 
# 
_pdbx_struct_assembly_gen.assembly_id       1 
_pdbx_struct_assembly_gen.oper_expression   1 
_pdbx_struct_assembly_gen.asym_id_list      A,B,C 
# 
_pdbx_struct_oper_list.id                   1 
_pdbx_struct_oper_list.type                 'identity operation' 
_pdbx_struct_oper_list.name                 1_555 
_pdbx_struct_oper_list.symmetry_operation   x,y,z 
_pdbx_struct_oper_list.matrix[1][1]         1.0000000000 
_pdbx_struct_oper_list.matrix[1][2]         0.0000000000 
_pdbx_struct_oper_list.matrix[1][3]         0.0000000000 
_pdbx_struct_oper_list.vector[1]            0.0000000000 
_pdbx_struct_oper_list.matrix[2][1]         0.0000000000 
_pdbx_struct_oper_list.matrix[2][2]         1.0000000000 
_pdbx_struct_oper_list.matrix[2][3]         0.0000000000 
_pdbx_struct_oper_list.vector[2]            0.0000000000 
_pdbx_struct_oper_list.matrix[3][1]         0.0000000000 
_pdbx_struct_oper_list.matrix[3][2]         0.0000000000 
_pdbx_struct_oper_list.matrix[3][3]         1.0000000000 
_pdbx_struct_oper_list.vector[3]            0.0000000000 
# 
loop_
_struct_conf.conf_type_id 
_struct_conf.id 
_struct_conf.pdbx_PDB_helix_id 
_struct_conf.beg_label_comp_id 
_struct_conf.beg_label_asym_id 
_struct_conf.beg_label_seq_id 
_struct_conf.pdbx_beg_PDB_ins_code 
_struct_conf.end_label_comp_id 
_struct_conf.end_label_asym_id 
_struct_conf.end_label_seq_id 
_struct_conf.pdbx_end_PDB_ins_code 
_struct_conf.beg_auth_comp_id 
_struct_conf.beg_auth_asym_id 
_struct_conf.beg_auth_seq_id 
_struct_conf.end_auth_comp_id 
_struct_conf.end_auth_asym_id 
_struct_conf.end_auth_seq_id 
_struct_conf.pdbx_PDB_helix_class 
_struct_conf.details 
_struct_conf.pdbx_PDB_helix_length 
HELX_P HELX_P1  1  ASN A 13  ? ASN A 24  ? ASN A 6   ASN A 17  1 ? 12 
HELX_P HELX_P2  2  ASN A 30  ? ALA A 43  ? ASN A 23  ALA A 36  1 ? 14 
HELX_P HELX_P3  3  THR A 44  ? SER A 49  ? THR A 37  SER A 42  5 ? 6  
HELX_P HELX_P4  4  ASP A 51  ? ASN A 69  ? ASP A 44  ASN A 62  1 ? 19 
HELX_P HELX_P5  5  PHE A 73  ? ILE A 102 ? PHE A 66  ILE A 95  1 ? 30 
HELX_P HELX_P6  6  ASN A 104 ? SER A 136 ? ASN A 97  SER A 129 1 ? 33 
HELX_P HELX_P7  7  TYR A 137 ? LEU A 138 ? TYR A 130 LEU A 131 5 ? 2  
HELX_P HELX_P8  8  PRO A 139 ? LEU A 143 ? PRO A 132 LEU A 136 5 ? 5  
HELX_P HELX_P9  9  ASP A 148 ? LEU A 159 ? ASP A 141 LEU A 152 1 ? 12 
HELX_P HELX_P10 10 GLY A 160 ? LYS A 184 ? GLY A 153 LYS A 177 1 ? 25 
# 
_struct_conf_type.id          HELX_P 
_struct_conf_type.criteria    ? 
_struct_conf_type.reference   ? 
# 
loop_
_struct_conn.id 
_struct_conn.conn_type_id 
_struct_conn.pdbx_leaving_atom_flag 
_struct_conn.pdbx_PDB_id 
_struct_conn.ptnr1_label_asym_id 
_struct_conn.ptnr1_label_comp_id 
_struct_conn.ptnr1_label_seq_id 
_struct_conn.ptnr1_label_atom_id 
_struct_conn.pdbx_ptnr1_label_alt_id 
_struct_conn.pdbx_ptnr1_PDB_ins_code 
_struct_conn.pdbx_ptnr1_standard_comp_id 
_struct_conn.ptnr1_symmetry 
_struct_conn.ptnr2_label_asym_id 
_struct_conn.ptnr2_label_comp_id 
_struct_conn.ptnr2_label_seq_id 
_struct_conn.ptnr2_label_atom_id 
_struct_conn.pdbx_ptnr2_label_alt_id 
_struct_conn.pdbx_ptnr2_PDB_ins_code 
_struct_conn.ptnr1_auth_asym_id 
_struct_conn.ptnr1_auth_comp_id 
_struct_conn.ptnr1_auth_seq_id 
_struct_conn.ptnr2_auth_asym_id 
_struct_conn.ptnr2_auth_comp_id 
_struct_conn.ptnr2_auth_seq_id 
_struct_conn.ptnr2_symmetry 
_struct_conn.pdbx_ptnr3_label_atom_id 
_struct_conn.pdbx_ptnr3_label_seq_id 
_struct_conn.pdbx_ptnr3_label_comp_id 
_struct_conn.pdbx_ptnr3_label_asym_id 
_struct_conn.pdbx_ptnr3_label_alt_id 
_struct_conn.pdbx_ptnr3_PDB_ins_code 
_struct_conn.details 
_struct_conn.pdbx_dist_value 
_struct_conn.pdbx_value_order 
_struct_conn.pdbx_role 
covale1 covale both ? A LEU 27  C ? ? ? 1_555 A MSE 28  N ? ? A LEU 20  A MSE 21  1_555 ? ? ? ? ? ? ? 1.326 ? ? 
covale2 covale both ? A MSE 28  C ? ? ? 1_555 A ARG 29  N ? ? A MSE 21  A ARG 22  1_555 ? ? ? ? ? ? ? 1.332 ? ? 
covale3 covale both ? A ASN 65  C ? ? ? 1_555 A MSE 66  N ? ? A ASN 58  A MSE 59  1_555 ? ? ? ? ? ? ? 1.332 ? ? 
covale4 covale both ? A MSE 66  C ? ? ? 1_555 A GLN 67  N ? ? A MSE 59  A GLN 60  1_555 ? ? ? ? ? ? ? 1.328 ? ? 
covale5 covale both ? A ASN 150 C ? ? ? 1_555 A MSE 151 N ? ? A ASN 143 A MSE 144 1_555 ? ? ? ? ? ? ? 1.322 ? ? 
covale6 covale both ? A MSE 151 C ? ? ? 1_555 A MSE 152 N ? ? A MSE 144 A MSE 145 1_555 ? ? ? ? ? ? ? 1.337 ? ? 
covale7 covale both ? A MSE 152 C ? ? ? 1_555 A GLY 153 N ? ? A MSE 145 A GLY 146 1_555 ? ? ? ? ? ? ? 1.328 ? ? 
# 
_struct_conn_type.id          covale 
_struct_conn_type.criteria    ? 
_struct_conn_type.reference   ? 
# 
loop_
_pdbx_modification_feature.ordinal 
_pdbx_modification_feature.label_comp_id 
_pdbx_modification_feature.label_asym_id 
_pdbx_modification_feature.label_seq_id 
_pdbx_modification_feature.label_alt_id 
_pdbx_modification_feature.modified_residue_label_comp_id 
_pdbx_modification_feature.modified_residue_label_asym_id 
_pdbx_modification_feature.modified_residue_label_seq_id 
_pdbx_modification_feature.modified_residue_label_alt_id 
_pdbx_modification_feature.auth_comp_id 
_pdbx_modification_feature.auth_asym_id 
_pdbx_modification_feature.auth_seq_id 
_pdbx_modification_feature.PDB_ins_code 
_pdbx_modification_feature.symmetry 
_pdbx_modification_feature.modified_residue_auth_comp_id 
_pdbx_modification_feature.modified_residue_auth_asym_id 
_pdbx_modification_feature.modified_residue_auth_seq_id 
_pdbx_modification_feature.modified_residue_PDB_ins_code 
_pdbx_modification_feature.modified_residue_symmetry 
_pdbx_modification_feature.comp_id_linking_atom 
_pdbx_modification_feature.modified_residue_id_linking_atom 
_pdbx_modification_feature.modified_residue_id 
_pdbx_modification_feature.ref_pcm_id 
_pdbx_modification_feature.ref_comp_id 
_pdbx_modification_feature.type 
_pdbx_modification_feature.category 
1 MSE A 28  ? . . . . MSE A 21  ? 1_555 . . . . . . . MET 1 MSE Selenomethionine 'Named protein modification' 
2 MSE A 66  ? . . . . MSE A 59  ? 1_555 . . . . . . . MET 1 MSE Selenomethionine 'Named protein modification' 
3 MSE A 151 ? . . . . MSE A 144 ? 1_555 . . . . . . . MET 1 MSE Selenomethionine 'Named protein modification' 
4 MSE A 152 ? . . . . MSE A 145 ? 1_555 . . . . . . . MET 1 MSE Selenomethionine 'Named protein modification' 
# 
_struct_site.id                   AC1 
_struct_site.pdbx_evidence_code   Software 
_struct_site.pdbx_auth_asym_id    A 
_struct_site.pdbx_auth_comp_id    IPA 
_struct_site.pdbx_auth_seq_id     201 
_struct_site.pdbx_auth_ins_code   ? 
_struct_site.pdbx_num_residues    1 
_struct_site.details              'BINDING SITE FOR RESIDUE IPA A 201' 
# 
_struct_site_gen.id                   1 
_struct_site_gen.site_id              AC1 
_struct_site_gen.pdbx_num_res         1 
_struct_site_gen.label_comp_id        SER 
_struct_site_gen.label_asym_id        A 
_struct_site_gen.label_seq_id         131 
_struct_site_gen.pdbx_auth_ins_code   ? 
_struct_site_gen.auth_comp_id         SER 
_struct_site_gen.auth_asym_id         A 
_struct_site_gen.auth_seq_id          124 
_struct_site_gen.label_atom_id        . 
_struct_site_gen.label_alt_id         ? 
_struct_site_gen.symmetry             1_555 
_struct_site_gen.details              ? 
# 
_pdbx_entry_details.entry_id                   1S2X 
_pdbx_entry_details.compound_details           ? 
_pdbx_entry_details.source_details             ? 
_pdbx_entry_details.nonpolymer_details         ? 
_pdbx_entry_details.sequence_details           ? 
_pdbx_entry_details.has_ligand_of_interest     ? 
_pdbx_entry_details.has_protein_modification   Y 
# 
_pdbx_validate_close_contact.id               1 
_pdbx_validate_close_contact.PDB_model_num    1 
_pdbx_validate_close_contact.auth_atom_id_1   OD1 
_pdbx_validate_close_contact.auth_asym_id_1   A 
_pdbx_validate_close_contact.auth_comp_id_1   ASP 
_pdbx_validate_close_contact.auth_seq_id_1    41 
_pdbx_validate_close_contact.PDB_ins_code_1   ? 
_pdbx_validate_close_contact.label_alt_id_1   ? 
_pdbx_validate_close_contact.auth_atom_id_2   O 
_pdbx_validate_close_contact.auth_asym_id_2   A 
_pdbx_validate_close_contact.auth_comp_id_2   HOH 
_pdbx_validate_close_contact.auth_seq_id_2    1065 
_pdbx_validate_close_contact.PDB_ins_code_2   ? 
_pdbx_validate_close_contact.label_alt_id_2   ? 
_pdbx_validate_close_contact.dist             2.17 
# 
loop_
_pdbx_validate_torsion.id 
_pdbx_validate_torsion.PDB_model_num 
_pdbx_validate_torsion.auth_comp_id 
_pdbx_validate_torsion.auth_asym_id 
_pdbx_validate_torsion.auth_seq_id 
_pdbx_validate_torsion.PDB_ins_code 
_pdbx_validate_torsion.label_alt_id 
_pdbx_validate_torsion.phi 
_pdbx_validate_torsion.psi 
1 1 ASN A 6   ? ? -49.37 158.19 
2 1 LYS A 177 ? ? -39.24 104.31 
3 1 ASN A 178 ? ? -39.68 165.43 
# 
loop_
_pdbx_struct_mod_residue.id 
_pdbx_struct_mod_residue.label_asym_id 
_pdbx_struct_mod_residue.label_comp_id 
_pdbx_struct_mod_residue.label_seq_id 
_pdbx_struct_mod_residue.auth_asym_id 
_pdbx_struct_mod_residue.auth_comp_id 
_pdbx_struct_mod_residue.auth_seq_id 
_pdbx_struct_mod_residue.PDB_ins_code 
_pdbx_struct_mod_residue.parent_comp_id 
_pdbx_struct_mod_residue.details 
1 A MSE 28  A MSE 21  ? MET SELENOMETHIONINE 
2 A MSE 66  A MSE 59  ? MET SELENOMETHIONINE 
3 A MSE 151 A MSE 144 ? MET SELENOMETHIONINE 
4 A MSE 152 A MSE 145 ? MET SELENOMETHIONINE 
# 
loop_
_pdbx_unobs_or_zero_occ_residues.id 
_pdbx_unobs_or_zero_occ_residues.PDB_model_num 
_pdbx_unobs_or_zero_occ_residues.polymer_flag 
_pdbx_unobs_or_zero_occ_residues.occupancy_flag 
_pdbx_unobs_or_zero_occ_residues.auth_asym_id 
_pdbx_unobs_or_zero_occ_residues.auth_comp_id 
_pdbx_unobs_or_zero_occ_residues.auth_seq_id 
_pdbx_unobs_or_zero_occ_residues.PDB_ins_code 
_pdbx_unobs_or_zero_occ_residues.label_asym_id 
_pdbx_unobs_or_zero_occ_residues.label_comp_id 
_pdbx_unobs_or_zero_occ_residues.label_seq_id 
1  1 Y 1 A GLY -6  ? A GLY 1   
2  1 Y 1 A SER -5  ? A SER 2   
3  1 Y 1 A PRO -4  ? A PRO 3   
4  1 Y 1 A ASN -3  ? A ASN 4   
5  1 Y 1 A SER -2  ? A SER 5   
6  1 Y 1 A ARG -1  ? A ARG 6   
7  1 Y 1 A THR 180 ? A THR 187 
8  1 Y 1 A TYR 181 ? A TYR 188 
9  1 Y 1 A LEU 182 ? A LEU 189 
10 1 Y 1 A THR 183 ? A THR 190 
11 1 Y 1 A SER 184 ? A SER 191 
12 1 Y 1 A LEU 185 ? A LEU 192 
13 1 Y 1 A GLU 186 ? A GLU 193 
14 1 Y 1 A ARG 187 ? A ARG 194 
15 1 Y 1 A ALA 188 ? A ALA 195 
16 1 Y 1 A LYS 189 ? A LYS 196 
17 1 Y 1 A LEU 190 ? A LEU 197 
18 1 Y 1 A ILE 191 ? A ILE 198 
19 1 Y 1 A THR 192 ? A THR 199 
20 1 Y 1 A GLN 193 ? A GLN 200 
21 1 Y 1 A LEU 194 ? A LEU 201 
22 1 Y 1 A LYS 195 ? A LYS 202 
23 1 Y 1 A LEU 196 ? A LEU 203 
24 1 Y 1 A ASN 197 ? A ASN 204 
25 1 Y 1 A LEU 198 ? A LEU 205 
26 1 Y 1 A GLU 199 ? A GLU 206 
# 
loop_
_chem_comp_atom.comp_id 
_chem_comp_atom.atom_id 
_chem_comp_atom.type_symbol 
_chem_comp_atom.pdbx_aromatic_flag 
_chem_comp_atom.pdbx_stereo_config 
_chem_comp_atom.pdbx_ordinal 
ALA N    N  N N 1   
ALA CA   C  N S 2   
ALA C    C  N N 3   
ALA O    O  N N 4   
ALA CB   C  N N 5   
ALA OXT  O  N N 6   
ALA H    H  N N 7   
ALA H2   H  N N 8   
ALA HA   H  N N 9   
ALA HB1  H  N N 10  
ALA HB2  H  N N 11  
ALA HB3  H  N N 12  
ALA HXT  H  N N 13  
ARG N    N  N N 14  
ARG CA   C  N S 15  
ARG C    C  N N 16  
ARG O    O  N N 17  
ARG CB   C  N N 18  
ARG CG   C  N N 19  
ARG CD   C  N N 20  
ARG NE   N  N N 21  
ARG CZ   C  N N 22  
ARG NH1  N  N N 23  
ARG NH2  N  N N 24  
ARG OXT  O  N N 25  
ARG H    H  N N 26  
ARG H2   H  N N 27  
ARG HA   H  N N 28  
ARG HB2  H  N N 29  
ARG HB3  H  N N 30  
ARG HG2  H  N N 31  
ARG HG3  H  N N 32  
ARG HD2  H  N N 33  
ARG HD3  H  N N 34  
ARG HE   H  N N 35  
ARG HH11 H  N N 36  
ARG HH12 H  N N 37  
ARG HH21 H  N N 38  
ARG HH22 H  N N 39  
ARG HXT  H  N N 40  
ASN N    N  N N 41  
ASN CA   C  N S 42  
ASN C    C  N N 43  
ASN O    O  N N 44  
ASN CB   C  N N 45  
ASN CG   C  N N 46  
ASN OD1  O  N N 47  
ASN ND2  N  N N 48  
ASN OXT  O  N N 49  
ASN H    H  N N 50  
ASN H2   H  N N 51  
ASN HA   H  N N 52  
ASN HB2  H  N N 53  
ASN HB3  H  N N 54  
ASN HD21 H  N N 55  
ASN HD22 H  N N 56  
ASN HXT  H  N N 57  
ASP N    N  N N 58  
ASP CA   C  N S 59  
ASP C    C  N N 60  
ASP O    O  N N 61  
ASP CB   C  N N 62  
ASP CG   C  N N 63  
ASP OD1  O  N N 64  
ASP OD2  O  N N 65  
ASP OXT  O  N N 66  
ASP H    H  N N 67  
ASP H2   H  N N 68  
ASP HA   H  N N 69  
ASP HB2  H  N N 70  
ASP HB3  H  N N 71  
ASP HD2  H  N N 72  
ASP HXT  H  N N 73  
CYS N    N  N N 74  
CYS CA   C  N R 75  
CYS C    C  N N 76  
CYS O    O  N N 77  
CYS CB   C  N N 78  
CYS SG   S  N N 79  
CYS OXT  O  N N 80  
CYS H    H  N N 81  
CYS H2   H  N N 82  
CYS HA   H  N N 83  
CYS HB2  H  N N 84  
CYS HB3  H  N N 85  
CYS HG   H  N N 86  
CYS HXT  H  N N 87  
GLN N    N  N N 88  
GLN CA   C  N S 89  
GLN C    C  N N 90  
GLN O    O  N N 91  
GLN CB   C  N N 92  
GLN CG   C  N N 93  
GLN CD   C  N N 94  
GLN OE1  O  N N 95  
GLN NE2  N  N N 96  
GLN OXT  O  N N 97  
GLN H    H  N N 98  
GLN H2   H  N N 99  
GLN HA   H  N N 100 
GLN HB2  H  N N 101 
GLN HB3  H  N N 102 
GLN HG2  H  N N 103 
GLN HG3  H  N N 104 
GLN HE21 H  N N 105 
GLN HE22 H  N N 106 
GLN HXT  H  N N 107 
GLU N    N  N N 108 
GLU CA   C  N S 109 
GLU C    C  N N 110 
GLU O    O  N N 111 
GLU CB   C  N N 112 
GLU CG   C  N N 113 
GLU CD   C  N N 114 
GLU OE1  O  N N 115 
GLU OE2  O  N N 116 
GLU OXT  O  N N 117 
GLU H    H  N N 118 
GLU H2   H  N N 119 
GLU HA   H  N N 120 
GLU HB2  H  N N 121 
GLU HB3  H  N N 122 
GLU HG2  H  N N 123 
GLU HG3  H  N N 124 
GLU HE2  H  N N 125 
GLU HXT  H  N N 126 
GLY N    N  N N 127 
GLY CA   C  N N 128 
GLY C    C  N N 129 
GLY O    O  N N 130 
GLY OXT  O  N N 131 
GLY H    H  N N 132 
GLY H2   H  N N 133 
GLY HA2  H  N N 134 
GLY HA3  H  N N 135 
GLY HXT  H  N N 136 
HOH O    O  N N 137 
HOH H1   H  N N 138 
HOH H2   H  N N 139 
ILE N    N  N N 140 
ILE CA   C  N S 141 
ILE C    C  N N 142 
ILE O    O  N N 143 
ILE CB   C  N S 144 
ILE CG1  C  N N 145 
ILE CG2  C  N N 146 
ILE CD1  C  N N 147 
ILE OXT  O  N N 148 
ILE H    H  N N 149 
ILE H2   H  N N 150 
ILE HA   H  N N 151 
ILE HB   H  N N 152 
ILE HG12 H  N N 153 
ILE HG13 H  N N 154 
ILE HG21 H  N N 155 
ILE HG22 H  N N 156 
ILE HG23 H  N N 157 
ILE HD11 H  N N 158 
ILE HD12 H  N N 159 
ILE HD13 H  N N 160 
ILE HXT  H  N N 161 
IPA C1   C  N N 162 
IPA C2   C  N N 163 
IPA C3   C  N N 164 
IPA O2   O  N N 165 
IPA H11  H  N N 166 
IPA H12  H  N N 167 
IPA H13  H  N N 168 
IPA H2   H  N N 169 
IPA H31  H  N N 170 
IPA H32  H  N N 171 
IPA H33  H  N N 172 
IPA HO2  H  N N 173 
LEU N    N  N N 174 
LEU CA   C  N S 175 
LEU C    C  N N 176 
LEU O    O  N N 177 
LEU CB   C  N N 178 
LEU CG   C  N N 179 
LEU CD1  C  N N 180 
LEU CD2  C  N N 181 
LEU OXT  O  N N 182 
LEU H    H  N N 183 
LEU H2   H  N N 184 
LEU HA   H  N N 185 
LEU HB2  H  N N 186 
LEU HB3  H  N N 187 
LEU HG   H  N N 188 
LEU HD11 H  N N 189 
LEU HD12 H  N N 190 
LEU HD13 H  N N 191 
LEU HD21 H  N N 192 
LEU HD22 H  N N 193 
LEU HD23 H  N N 194 
LEU HXT  H  N N 195 
LYS N    N  N N 196 
LYS CA   C  N S 197 
LYS C    C  N N 198 
LYS O    O  N N 199 
LYS CB   C  N N 200 
LYS CG   C  N N 201 
LYS CD   C  N N 202 
LYS CE   C  N N 203 
LYS NZ   N  N N 204 
LYS OXT  O  N N 205 
LYS H    H  N N 206 
LYS H2   H  N N 207 
LYS HA   H  N N 208 
LYS HB2  H  N N 209 
LYS HB3  H  N N 210 
LYS HG2  H  N N 211 
LYS HG3  H  N N 212 
LYS HD2  H  N N 213 
LYS HD3  H  N N 214 
LYS HE2  H  N N 215 
LYS HE3  H  N N 216 
LYS HZ1  H  N N 217 
LYS HZ2  H  N N 218 
LYS HZ3  H  N N 219 
LYS HXT  H  N N 220 
MET N    N  N N 221 
MET CA   C  N S 222 
MET C    C  N N 223 
MET O    O  N N 224 
MET CB   C  N N 225 
MET CG   C  N N 226 
MET SD   S  N N 227 
MET CE   C  N N 228 
MET OXT  O  N N 229 
MET H    H  N N 230 
MET H2   H  N N 231 
MET HA   H  N N 232 
MET HB2  H  N N 233 
MET HB3  H  N N 234 
MET HG2  H  N N 235 
MET HG3  H  N N 236 
MET HE1  H  N N 237 
MET HE2  H  N N 238 
MET HE3  H  N N 239 
MET HXT  H  N N 240 
MSE N    N  N N 241 
MSE CA   C  N S 242 
MSE C    C  N N 243 
MSE O    O  N N 244 
MSE OXT  O  N N 245 
MSE CB   C  N N 246 
MSE CG   C  N N 247 
MSE SE   SE N N 248 
MSE CE   C  N N 249 
MSE H    H  N N 250 
MSE H2   H  N N 251 
MSE HA   H  N N 252 
MSE HXT  H  N N 253 
MSE HB2  H  N N 254 
MSE HB3  H  N N 255 
MSE HG2  H  N N 256 
MSE HG3  H  N N 257 
MSE HE1  H  N N 258 
MSE HE2  H  N N 259 
MSE HE3  H  N N 260 
PHE N    N  N N 261 
PHE CA   C  N S 262 
PHE C    C  N N 263 
PHE O    O  N N 264 
PHE CB   C  N N 265 
PHE CG   C  Y N 266 
PHE CD1  C  Y N 267 
PHE CD2  C  Y N 268 
PHE CE1  C  Y N 269 
PHE CE2  C  Y N 270 
PHE CZ   C  Y N 271 
PHE OXT  O  N N 272 
PHE H    H  N N 273 
PHE H2   H  N N 274 
PHE HA   H  N N 275 
PHE HB2  H  N N 276 
PHE HB3  H  N N 277 
PHE HD1  H  N N 278 
PHE HD2  H  N N 279 
PHE HE1  H  N N 280 
PHE HE2  H  N N 281 
PHE HZ   H  N N 282 
PHE HXT  H  N N 283 
PRO N    N  N N 284 
PRO CA   C  N S 285 
PRO C    C  N N 286 
PRO O    O  N N 287 
PRO CB   C  N N 288 
PRO CG   C  N N 289 
PRO CD   C  N N 290 
PRO OXT  O  N N 291 
PRO H    H  N N 292 
PRO HA   H  N N 293 
PRO HB2  H  N N 294 
PRO HB3  H  N N 295 
PRO HG2  H  N N 296 
PRO HG3  H  N N 297 
PRO HD2  H  N N 298 
PRO HD3  H  N N 299 
PRO HXT  H  N N 300 
SER N    N  N N 301 
SER CA   C  N S 302 
SER C    C  N N 303 
SER O    O  N N 304 
SER CB   C  N N 305 
SER OG   O  N N 306 
SER OXT  O  N N 307 
SER H    H  N N 308 
SER H2   H  N N 309 
SER HA   H  N N 310 
SER HB2  H  N N 311 
SER HB3  H  N N 312 
SER HG   H  N N 313 
SER HXT  H  N N 314 
THR N    N  N N 315 
THR CA   C  N S 316 
THR C    C  N N 317 
THR O    O  N N 318 
THR CB   C  N R 319 
THR OG1  O  N N 320 
THR CG2  C  N N 321 
THR OXT  O  N N 322 
THR H    H  N N 323 
THR H2   H  N N 324 
THR HA   H  N N 325 
THR HB   H  N N 326 
THR HG1  H  N N 327 
THR HG21 H  N N 328 
THR HG22 H  N N 329 
THR HG23 H  N N 330 
THR HXT  H  N N 331 
TYR N    N  N N 332 
TYR CA   C  N S 333 
TYR C    C  N N 334 
TYR O    O  N N 335 
TYR CB   C  N N 336 
TYR CG   C  Y N 337 
TYR CD1  C  Y N 338 
TYR CD2  C  Y N 339 
TYR CE1  C  Y N 340 
TYR CE2  C  Y N 341 
TYR CZ   C  Y N 342 
TYR OH   O  N N 343 
TYR OXT  O  N N 344 
TYR H    H  N N 345 
TYR H2   H  N N 346 
TYR HA   H  N N 347 
TYR HB2  H  N N 348 
TYR HB3  H  N N 349 
TYR HD1  H  N N 350 
TYR HD2  H  N N 351 
TYR HE1  H  N N 352 
TYR HE2  H  N N 353 
TYR HH   H  N N 354 
TYR HXT  H  N N 355 
VAL N    N  N N 356 
VAL CA   C  N S 357 
VAL C    C  N N 358 
VAL O    O  N N 359 
VAL CB   C  N N 360 
VAL CG1  C  N N 361 
VAL CG2  C  N N 362 
VAL OXT  O  N N 363 
VAL H    H  N N 364 
VAL H2   H  N N 365 
VAL HA   H  N N 366 
VAL HB   H  N N 367 
VAL HG11 H  N N 368 
VAL HG12 H  N N 369 
VAL HG13 H  N N 370 
VAL HG21 H  N N 371 
VAL HG22 H  N N 372 
VAL HG23 H  N N 373 
VAL HXT  H  N N 374 
# 
loop_
_chem_comp_bond.comp_id 
_chem_comp_bond.atom_id_1 
_chem_comp_bond.atom_id_2 
_chem_comp_bond.value_order 
_chem_comp_bond.pdbx_aromatic_flag 
_chem_comp_bond.pdbx_stereo_config 
_chem_comp_bond.pdbx_ordinal 
ALA N   CA   sing N N 1   
ALA N   H    sing N N 2   
ALA N   H2   sing N N 3   
ALA CA  C    sing N N 4   
ALA CA  CB   sing N N 5   
ALA CA  HA   sing N N 6   
ALA C   O    doub N N 7   
ALA C   OXT  sing N N 8   
ALA CB  HB1  sing N N 9   
ALA CB  HB2  sing N N 10  
ALA CB  HB3  sing N N 11  
ALA OXT HXT  sing N N 12  
ARG N   CA   sing N N 13  
ARG N   H    sing N N 14  
ARG N   H2   sing N N 15  
ARG CA  C    sing N N 16  
ARG CA  CB   sing N N 17  
ARG CA  HA   sing N N 18  
ARG C   O    doub N N 19  
ARG C   OXT  sing N N 20  
ARG CB  CG   sing N N 21  
ARG CB  HB2  sing N N 22  
ARG CB  HB3  sing N N 23  
ARG CG  CD   sing N N 24  
ARG CG  HG2  sing N N 25  
ARG CG  HG3  sing N N 26  
ARG CD  NE   sing N N 27  
ARG CD  HD2  sing N N 28  
ARG CD  HD3  sing N N 29  
ARG NE  CZ   sing N N 30  
ARG NE  HE   sing N N 31  
ARG CZ  NH1  sing N N 32  
ARG CZ  NH2  doub N N 33  
ARG NH1 HH11 sing N N 34  
ARG NH1 HH12 sing N N 35  
ARG NH2 HH21 sing N N 36  
ARG NH2 HH22 sing N N 37  
ARG OXT HXT  sing N N 38  
ASN N   CA   sing N N 39  
ASN N   H    sing N N 40  
ASN N   H2   sing N N 41  
ASN CA  C    sing N N 42  
ASN CA  CB   sing N N 43  
ASN CA  HA   sing N N 44  
ASN C   O    doub N N 45  
ASN C   OXT  sing N N 46  
ASN CB  CG   sing N N 47  
ASN CB  HB2  sing N N 48  
ASN CB  HB3  sing N N 49  
ASN CG  OD1  doub N N 50  
ASN CG  ND2  sing N N 51  
ASN ND2 HD21 sing N N 52  
ASN ND2 HD22 sing N N 53  
ASN OXT HXT  sing N N 54  
ASP N   CA   sing N N 55  
ASP N   H    sing N N 56  
ASP N   H2   sing N N 57  
ASP CA  C    sing N N 58  
ASP CA  CB   sing N N 59  
ASP CA  HA   sing N N 60  
ASP C   O    doub N N 61  
ASP C   OXT  sing N N 62  
ASP CB  CG   sing N N 63  
ASP CB  HB2  sing N N 64  
ASP CB  HB3  sing N N 65  
ASP CG  OD1  doub N N 66  
ASP CG  OD2  sing N N 67  
ASP OD2 HD2  sing N N 68  
ASP OXT HXT  sing N N 69  
CYS N   CA   sing N N 70  
CYS N   H    sing N N 71  
CYS N   H2   sing N N 72  
CYS CA  C    sing N N 73  
CYS CA  CB   sing N N 74  
CYS CA  HA   sing N N 75  
CYS C   O    doub N N 76  
CYS C   OXT  sing N N 77  
CYS CB  SG   sing N N 78  
CYS CB  HB2  sing N N 79  
CYS CB  HB3  sing N N 80  
CYS SG  HG   sing N N 81  
CYS OXT HXT  sing N N 82  
GLN N   CA   sing N N 83  
GLN N   H    sing N N 84  
GLN N   H2   sing N N 85  
GLN CA  C    sing N N 86  
GLN CA  CB   sing N N 87  
GLN CA  HA   sing N N 88  
GLN C   O    doub N N 89  
GLN C   OXT  sing N N 90  
GLN CB  CG   sing N N 91  
GLN CB  HB2  sing N N 92  
GLN CB  HB3  sing N N 93  
GLN CG  CD   sing N N 94  
GLN CG  HG2  sing N N 95  
GLN CG  HG3  sing N N 96  
GLN CD  OE1  doub N N 97  
GLN CD  NE2  sing N N 98  
GLN NE2 HE21 sing N N 99  
GLN NE2 HE22 sing N N 100 
GLN OXT HXT  sing N N 101 
GLU N   CA   sing N N 102 
GLU N   H    sing N N 103 
GLU N   H2   sing N N 104 
GLU CA  C    sing N N 105 
GLU CA  CB   sing N N 106 
GLU CA  HA   sing N N 107 
GLU C   O    doub N N 108 
GLU C   OXT  sing N N 109 
GLU CB  CG   sing N N 110 
GLU CB  HB2  sing N N 111 
GLU CB  HB3  sing N N 112 
GLU CG  CD   sing N N 113 
GLU CG  HG2  sing N N 114 
GLU CG  HG3  sing N N 115 
GLU CD  OE1  doub N N 116 
GLU CD  OE2  sing N N 117 
GLU OE2 HE2  sing N N 118 
GLU OXT HXT  sing N N 119 
GLY N   CA   sing N N 120 
GLY N   H    sing N N 121 
GLY N   H2   sing N N 122 
GLY CA  C    sing N N 123 
GLY CA  HA2  sing N N 124 
GLY CA  HA3  sing N N 125 
GLY C   O    doub N N 126 
GLY C   OXT  sing N N 127 
GLY OXT HXT  sing N N 128 
HOH O   H1   sing N N 129 
HOH O   H2   sing N N 130 
ILE N   CA   sing N N 131 
ILE N   H    sing N N 132 
ILE N   H2   sing N N 133 
ILE CA  C    sing N N 134 
ILE CA  CB   sing N N 135 
ILE CA  HA   sing N N 136 
ILE C   O    doub N N 137 
ILE C   OXT  sing N N 138 
ILE CB  CG1  sing N N 139 
ILE CB  CG2  sing N N 140 
ILE CB  HB   sing N N 141 
ILE CG1 CD1  sing N N 142 
ILE CG1 HG12 sing N N 143 
ILE CG1 HG13 sing N N 144 
ILE CG2 HG21 sing N N 145 
ILE CG2 HG22 sing N N 146 
ILE CG2 HG23 sing N N 147 
ILE CD1 HD11 sing N N 148 
ILE CD1 HD12 sing N N 149 
ILE CD1 HD13 sing N N 150 
ILE OXT HXT  sing N N 151 
IPA C1  C2   sing N N 152 
IPA C1  H11  sing N N 153 
IPA C1  H12  sing N N 154 
IPA C1  H13  sing N N 155 
IPA C2  C3   sing N N 156 
IPA C2  O2   sing N N 157 
IPA C2  H2   sing N N 158 
IPA C3  H31  sing N N 159 
IPA C3  H32  sing N N 160 
IPA C3  H33  sing N N 161 
IPA O2  HO2  sing N N 162 
LEU N   CA   sing N N 163 
LEU N   H    sing N N 164 
LEU N   H2   sing N N 165 
LEU CA  C    sing N N 166 
LEU CA  CB   sing N N 167 
LEU CA  HA   sing N N 168 
LEU C   O    doub N N 169 
LEU C   OXT  sing N N 170 
LEU CB  CG   sing N N 171 
LEU CB  HB2  sing N N 172 
LEU CB  HB3  sing N N 173 
LEU CG  CD1  sing N N 174 
LEU CG  CD2  sing N N 175 
LEU CG  HG   sing N N 176 
LEU CD1 HD11 sing N N 177 
LEU CD1 HD12 sing N N 178 
LEU CD1 HD13 sing N N 179 
LEU CD2 HD21 sing N N 180 
LEU CD2 HD22 sing N N 181 
LEU CD2 HD23 sing N N 182 
LEU OXT HXT  sing N N 183 
LYS N   CA   sing N N 184 
LYS N   H    sing N N 185 
LYS N   H2   sing N N 186 
LYS CA  C    sing N N 187 
LYS CA  CB   sing N N 188 
LYS CA  HA   sing N N 189 
LYS C   O    doub N N 190 
LYS C   OXT  sing N N 191 
LYS CB  CG   sing N N 192 
LYS CB  HB2  sing N N 193 
LYS CB  HB3  sing N N 194 
LYS CG  CD   sing N N 195 
LYS CG  HG2  sing N N 196 
LYS CG  HG3  sing N N 197 
LYS CD  CE   sing N N 198 
LYS CD  HD2  sing N N 199 
LYS CD  HD3  sing N N 200 
LYS CE  NZ   sing N N 201 
LYS CE  HE2  sing N N 202 
LYS CE  HE3  sing N N 203 
LYS NZ  HZ1  sing N N 204 
LYS NZ  HZ2  sing N N 205 
LYS NZ  HZ3  sing N N 206 
LYS OXT HXT  sing N N 207 
MET N   CA   sing N N 208 
MET N   H    sing N N 209 
MET N   H2   sing N N 210 
MET CA  C    sing N N 211 
MET CA  CB   sing N N 212 
MET CA  HA   sing N N 213 
MET C   O    doub N N 214 
MET C   OXT  sing N N 215 
MET CB  CG   sing N N 216 
MET CB  HB2  sing N N 217 
MET CB  HB3  sing N N 218 
MET CG  SD   sing N N 219 
MET CG  HG2  sing N N 220 
MET CG  HG3  sing N N 221 
MET SD  CE   sing N N 222 
MET CE  HE1  sing N N 223 
MET CE  HE2  sing N N 224 
MET CE  HE3  sing N N 225 
MET OXT HXT  sing N N 226 
MSE N   CA   sing N N 227 
MSE N   H    sing N N 228 
MSE N   H2   sing N N 229 
MSE CA  C    sing N N 230 
MSE CA  CB   sing N N 231 
MSE CA  HA   sing N N 232 
MSE C   O    doub N N 233 
MSE C   OXT  sing N N 234 
MSE OXT HXT  sing N N 235 
MSE CB  CG   sing N N 236 
MSE CB  HB2  sing N N 237 
MSE CB  HB3  sing N N 238 
MSE CG  SE   sing N N 239 
MSE CG  HG2  sing N N 240 
MSE CG  HG3  sing N N 241 
MSE SE  CE   sing N N 242 
MSE CE  HE1  sing N N 243 
MSE CE  HE2  sing N N 244 
MSE CE  HE3  sing N N 245 
PHE N   CA   sing N N 246 
PHE N   H    sing N N 247 
PHE N   H2   sing N N 248 
PHE CA  C    sing N N 249 
PHE CA  CB   sing N N 250 
PHE CA  HA   sing N N 251 
PHE C   O    doub N N 252 
PHE C   OXT  sing N N 253 
PHE CB  CG   sing N N 254 
PHE CB  HB2  sing N N 255 
PHE CB  HB3  sing N N 256 
PHE CG  CD1  doub Y N 257 
PHE CG  CD2  sing Y N 258 
PHE CD1 CE1  sing Y N 259 
PHE CD1 HD1  sing N N 260 
PHE CD2 CE2  doub Y N 261 
PHE CD2 HD2  sing N N 262 
PHE CE1 CZ   doub Y N 263 
PHE CE1 HE1  sing N N 264 
PHE CE2 CZ   sing Y N 265 
PHE CE2 HE2  sing N N 266 
PHE CZ  HZ   sing N N 267 
PHE OXT HXT  sing N N 268 
PRO N   CA   sing N N 269 
PRO N   CD   sing N N 270 
PRO N   H    sing N N 271 
PRO CA  C    sing N N 272 
PRO CA  CB   sing N N 273 
PRO CA  HA   sing N N 274 
PRO C   O    doub N N 275 
PRO C   OXT  sing N N 276 
PRO CB  CG   sing N N 277 
PRO CB  HB2  sing N N 278 
PRO CB  HB3  sing N N 279 
PRO CG  CD   sing N N 280 
PRO CG  HG2  sing N N 281 
PRO CG  HG3  sing N N 282 
PRO CD  HD2  sing N N 283 
PRO CD  HD3  sing N N 284 
PRO OXT HXT  sing N N 285 
SER N   CA   sing N N 286 
SER N   H    sing N N 287 
SER N   H2   sing N N 288 
SER CA  C    sing N N 289 
SER CA  CB   sing N N 290 
SER CA  HA   sing N N 291 
SER C   O    doub N N 292 
SER C   OXT  sing N N 293 
SER CB  OG   sing N N 294 
SER CB  HB2  sing N N 295 
SER CB  HB3  sing N N 296 
SER OG  HG   sing N N 297 
SER OXT HXT  sing N N 298 
THR N   CA   sing N N 299 
THR N   H    sing N N 300 
THR N   H2   sing N N 301 
THR CA  C    sing N N 302 
THR CA  CB   sing N N 303 
THR CA  HA   sing N N 304 
THR C   O    doub N N 305 
THR C   OXT  sing N N 306 
THR CB  OG1  sing N N 307 
THR CB  CG2  sing N N 308 
THR CB  HB   sing N N 309 
THR OG1 HG1  sing N N 310 
THR CG2 HG21 sing N N 311 
THR CG2 HG22 sing N N 312 
THR CG2 HG23 sing N N 313 
THR OXT HXT  sing N N 314 
TYR N   CA   sing N N 315 
TYR N   H    sing N N 316 
TYR N   H2   sing N N 317 
TYR CA  C    sing N N 318 
TYR CA  CB   sing N N 319 
TYR CA  HA   sing N N 320 
TYR C   O    doub N N 321 
TYR C   OXT  sing N N 322 
TYR CB  CG   sing N N 323 
TYR CB  HB2  sing N N 324 
TYR CB  HB3  sing N N 325 
TYR CG  CD1  doub Y N 326 
TYR CG  CD2  sing Y N 327 
TYR CD1 CE1  sing Y N 328 
TYR CD1 HD1  sing N N 329 
TYR CD2 CE2  doub Y N 330 
TYR CD2 HD2  sing N N 331 
TYR CE1 CZ   doub Y N 332 
TYR CE1 HE1  sing N N 333 
TYR CE2 CZ   sing Y N 334 
TYR CE2 HE2  sing N N 335 
TYR CZ  OH   sing N N 336 
TYR OH  HH   sing N N 337 
TYR OXT HXT  sing N N 338 
VAL N   CA   sing N N 339 
VAL N   H    sing N N 340 
VAL N   H2   sing N N 341 
VAL CA  C    sing N N 342 
VAL CA  CB   sing N N 343 
VAL CA  HA   sing N N 344 
VAL C   O    doub N N 345 
VAL C   OXT  sing N N 346 
VAL CB  CG1  sing N N 347 
VAL CB  CG2  sing N N 348 
VAL CB  HB   sing N N 349 
VAL CG1 HG11 sing N N 350 
VAL CG1 HG12 sing N N 351 
VAL CG1 HG13 sing N N 352 
VAL CG2 HG21 sing N N 353 
VAL CG2 HG22 sing N N 354 
VAL CG2 HG23 sing N N 355 
VAL OXT HXT  sing N N 356 
# 
_atom_sites.entry_id                    1S2X 
_atom_sites.fract_transf_matrix[1][1]   -0.00954119 
_atom_sites.fract_transf_matrix[1][2]   -0.02511813 
_atom_sites.fract_transf_matrix[1][3]   -0.01681314 
_atom_sites.fract_transf_matrix[2][1]   -0.01279723 
_atom_sites.fract_transf_matrix[2][2]   0.01333068 
_atom_sites.fract_transf_matrix[2][3]   -0.01265326 
_atom_sites.fract_transf_matrix[3][1]   0.00478388 
_atom_sites.fract_transf_matrix[3][2]   0.00083358 
_atom_sites.fract_transf_matrix[3][3]   -0.00396010 
_atom_sites.fract_transf_vector[1]      -1.306902 
_atom_sites.fract_transf_vector[2]      1.031381 
_atom_sites.fract_transf_vector[3]      0.387751 
# 
loop_
_atom_type.symbol 
C  
N  
O  
S  
SE 
# 
loop_
_atom_site.group_PDB 
_atom_site.id 
_atom_site.type_symbol 
_atom_site.label_atom_id 
_atom_site.label_alt_id 
_atom_site.label_comp_id 
_atom_site.label_asym_id 
_atom_site.label_entity_id 
_atom_site.label_seq_id 
_atom_site.pdbx_PDB_ins_code 
_atom_site.Cartn_x 
_atom_site.Cartn_y 
_atom_site.Cartn_z 
_atom_site.occupancy 
_atom_site.B_iso_or_equiv 
_atom_site.pdbx_formal_charge 
_atom_site.auth_seq_id 
_atom_site.auth_comp_id 
_atom_site.auth_asym_id 
_atom_site.auth_atom_id 
_atom_site.pdbx_PDB_model_num 
ATOM   1    N  N   . VAL A 1 7   ? -20.587 16.460  17.424  1.00 54.94  ? 0    VAL A N   1 
ATOM   2    C  CA  . VAL A 1 7   ? -19.920 17.461  16.597  1.00 60.77  ? 0    VAL A CA  1 
ATOM   3    C  C   . VAL A 1 7   ? -19.640 16.970  15.177  1.00 61.02  ? 0    VAL A C   1 
ATOM   4    O  O   . VAL A 1 7   ? -19.679 15.777  14.863  1.00 43.54  ? 0    VAL A O   1 
ATOM   5    C  CB  . VAL A 1 7   ? -18.600 17.887  17.261  1.00 61.10  ? 0    VAL A CB  1 
ATOM   6    C  CG1 . VAL A 1 7   ? -18.788 17.969  18.769  1.00 74.77  ? 0    VAL A CG1 1 
ATOM   7    C  CG2 . VAL A 1 7   ? -17.481 16.918  16.904  1.00 70.19  ? 0    VAL A CG2 1 
ATOM   8    N  N   . ASP A 1 8   ? -19.350 17.928  14.305  1.00 63.79  ? 1    ASP A N   1 
ATOM   9    C  CA  . ASP A 1 8   ? -19.086 17.689  12.892  1.00 69.55  ? 1    ASP A CA  1 
ATOM   10   C  C   . ASP A 1 8   ? -17.599 17.521  12.594  1.00 64.13  ? 1    ASP A C   1 
ATOM   11   O  O   . ASP A 1 8   ? -17.123 17.804  11.497  1.00 72.41  ? 1    ASP A O   1 
ATOM   12   C  CB  . ASP A 1 8   ? -19.651 18.825  12.039  1.00 76.64  ? 1    ASP A CB  1 
ATOM   13   C  CG  . ASP A 1 8   ? -19.366 20.205  12.592  1.00 82.97  ? 1    ASP A CG  1 
ATOM   14   O  OD1 . ASP A 1 8   ? -19.286 20.370  13.828  1.00 73.92  ? 1    ASP A OD1 1 
ATOM   15   O  OD2 . ASP A 1 8   ? -19.226 21.141  11.768  1.00 97.34  ? 1    ASP A OD2 1 
ATOM   16   N  N   . GLU A 1 9   ? -16.845 17.044  13.576  1.00 63.30  ? 2    GLU A N   1 
ATOM   17   C  CA  . GLU A 1 9   ? -15.450 16.692  13.316  1.00 61.97  ? 2    GLU A CA  1 
ATOM   18   C  C   . GLU A 1 9   ? -15.228 15.212  13.603  1.00 52.69  ? 2    GLU A C   1 
ATOM   19   O  O   . GLU A 1 9   ? -14.116 14.740  13.824  1.00 58.06  ? 2    GLU A O   1 
ATOM   20   C  CB  . GLU A 1 9   ? -14.520 17.590  14.131  1.00 62.51  ? 2    GLU A CB  1 
ATOM   21   C  CG  . GLU A 1 9   ? -13.861 18.677  13.283  1.00 69.20  ? 2    GLU A CG  1 
ATOM   22   C  CD  . GLU A 1 9   ? -12.831 18.130  12.317  1.00 78.33  ? 2    GLU A CD  1 
ATOM   23   O  OE1 . GLU A 1 9   ? -11.868 17.480  12.787  1.00 77.69  ? 2    GLU A OE1 1 
ATOM   24   O  OE2 . GLU A 1 9   ? -12.968 18.346  11.087  1.00 73.57  ? 2    GLU A OE2 1 
ATOM   25   N  N   . LEU A 1 10  ? -16.330 14.467  13.579  1.00 46.93  ? 3    LEU A N   1 
ATOM   26   C  CA  . LEU A 1 10  ? -16.389 13.039  13.820  1.00 43.40  ? 3    LEU A CA  1 
ATOM   27   C  C   . LEU A 1 10  ? -16.652 12.272  12.525  1.00 46.26  ? 3    LEU A C   1 
ATOM   28   O  O   . LEU A 1 10  ? -17.111 12.881  11.555  1.00 55.67  ? 3    LEU A O   1 
ATOM   29   C  CB  . LEU A 1 10  ? -17.514 12.710  14.801  1.00 39.99  ? 3    LEU A CB  1 
ATOM   30   C  CG  . LEU A 1 10  ? -17.342 13.182  16.239  1.00 41.34  ? 3    LEU A CG  1 
ATOM   31   C  CD1 . LEU A 1 10  ? -18.407 12.558  17.132  1.00 54.19  ? 3    LEU A CD1 1 
ATOM   32   C  CD2 . LEU A 1 10  ? -15.935 12.854  16.734  1.00 53.54  ? 3    LEU A CD2 1 
ATOM   33   N  N   . GLY A 1 11  ? -16.391 10.968  12.533  1.00 45.37  ? 4    GLY A N   1 
ATOM   34   C  CA  . GLY A 1 11  ? -16.697 10.153  11.365  1.00 45.10  ? 4    GLY A CA  1 
ATOM   35   C  C   . GLY A 1 11  ? -15.514 10.045  10.418  1.00 38.55  ? 4    GLY A C   1 
ATOM   36   O  O   . GLY A 1 11  ? -15.714 9.738   9.247   1.00 36.70  ? 4    GLY A O   1 
ATOM   37   N  N   . PHE A 1 12  ? -14.328 10.317  10.940  1.00 40.86  ? 5    PHE A N   1 
ATOM   38   C  CA  . PHE A 1 12  ? -13.072 10.270  10.194  1.00 38.69  ? 5    PHE A CA  1 
ATOM   39   C  C   . PHE A 1 12  ? -13.213 10.926  8.816   1.00 42.92  ? 5    PHE A C   1 
ATOM   40   O  O   . PHE A 1 12  ? -13.077 10.231  7.811   1.00 43.74  ? 5    PHE A O   1 
ATOM   41   C  CB  . PHE A 1 12  ? -12.611 8.821   10.065  1.00 33.71  ? 5    PHE A CB  1 
ATOM   42   C  CG  . PHE A 1 12  ? -11.160 8.695   9.625   1.00 35.00  ? 5    PHE A CG  1 
ATOM   43   C  CD1 . PHE A 1 12  ? -10.188 9.527   10.142  1.00 38.17  ? 5    PHE A CD1 1 
ATOM   44   C  CD2 . PHE A 1 12  ? -10.796 7.735   8.692   1.00 36.82  ? 5    PHE A CD2 1 
ATOM   45   C  CE1 . PHE A 1 12  ? -8.864  9.421   9.752   1.00 36.95  ? 5    PHE A CE1 1 
ATOM   46   C  CE2 . PHE A 1 12  ? -9.471  7.621   8.299   1.00 36.00  ? 5    PHE A CE2 1 
ATOM   47   C  CZ  . PHE A 1 12  ? -8.510  8.463   8.820   1.00 36.19  ? 5    PHE A CZ  1 
ATOM   48   N  N   . ASN A 1 13  ? -13.490 12.212  8.829   1.00 42.60  ? 6    ASN A N   1 
ATOM   49   C  CA  . ASN A 1 13  ? -13.749 13.172  7.798   1.00 45.15  ? 6    ASN A CA  1 
ATOM   50   C  C   . ASN A 1 13  ? -12.690 13.131  6.690   1.00 46.32  ? 6    ASN A C   1 
ATOM   51   O  O   . ASN A 1 13  ? -11.576 12.685  6.934   1.00 41.44  ? 6    ASN A O   1 
ATOM   52   C  CB  . ASN A 1 13  ? -13.726 14.609  8.342   1.00 45.64  ? 6    ASN A CB  1 
ATOM   53   C  CG  . ASN A 1 13  ? -15.032 15.080  8.936   1.00 61.25  ? 6    ASN A CG  1 
ATOM   54   O  OD1 . ASN A 1 13  ? -16.091 14.503  8.687   1.00 90.93  ? 6    ASN A OD1 1 
ATOM   55   N  ND2 . ASN A 1 13  ? -14.966 16.143  9.738   1.00 55.97  ? 6    ASN A ND2 1 
ATOM   56   N  N   . GLU A 1 14  ? -13.059 13.629  5.520   1.00 47.72  ? 7    GLU A N   1 
ATOM   57   C  CA  . GLU A 1 14  ? -12.090 13.790  4.441   1.00 53.34  ? 7    GLU A CA  1 
ATOM   58   C  C   . GLU A 1 14  ? -10.951 14.680  4.918   1.00 48.16  ? 7    GLU A C   1 
ATOM   59   O  O   . GLU A 1 14  ? -9.789  14.502  4.551   1.00 55.92  ? 7    GLU A O   1 
ATOM   60   C  CB  . GLU A 1 14  ? -12.764 14.350  3.198   1.00 58.78  ? 7    GLU A CB  1 
ATOM   61   C  CG  . GLU A 1 14  ? -14.204 14.779  3.355   1.00 69.21  ? 7    GLU A CG  1 
ATOM   62   C  CD  . GLU A 1 14  ? -15.214 13.653  3.350   1.00 72.61  ? 7    GLU A CD  1 
ATOM   63   O  OE1 . GLU A 1 14  ? -15.313 12.935  2.327   1.00 66.64  ? 7    GLU A OE1 1 
ATOM   64   O  OE2 . GLU A 1 14  ? -15.917 13.491  4.377   1.00 57.85  ? 7    GLU A OE2 1 
ATOM   65   N  N   . ALA A 1 15  ? -11.251 15.661  5.761   1.00 48.19  ? 8    ALA A N   1 
ATOM   66   C  CA  . ALA A 1 15  ? -10.198 16.563  6.222   1.00 57.30  ? 8    ALA A CA  1 
ATOM   67   C  C   . ALA A 1 15  ? -9.253  15.875  7.197   1.00 54.09  ? 8    ALA A C   1 
ATOM   68   O  O   . ALA A 1 15  ? -8.048  16.125  7.238   1.00 53.57  ? 8    ALA A O   1 
ATOM   69   C  CB  . ALA A 1 15  ? -10.803 17.796  6.880   1.00 75.24  ? 8    ALA A CB  1 
ATOM   70   N  N   . GLU A 1 16  ? -9.816  14.984  8.007   1.00 44.96  ? 9    GLU A N   1 
ATOM   71   C  CA  . GLU A 1 16  ? -8.988  14.270  8.980   1.00 49.78  ? 9    GLU A CA  1 
ATOM   72   C  C   . GLU A 1 16  ? -8.122  13.250  8.249   1.00 50.37  ? 9    GLU A C   1 
ATOM   73   O  O   . GLU A 1 16  ? -6.973  12.965  8.571   1.00 44.23  ? 9    GLU A O   1 
ATOM   74   C  CB  . GLU A 1 16  ? -9.888  13.616  10.021  1.00 50.91  ? 9    GLU A CB  1 
ATOM   75   C  CG  . GLU A 1 16  ? -9.494  13.844  11.463  1.00 59.15  ? 9    GLU A CG  1 
ATOM   76   C  CD  . GLU A 1 16  ? -9.412  15.292  11.886  1.00 56.12  ? 9    GLU A CD  1 
ATOM   77   O  OE1 . GLU A 1 16  ? -10.335 16.065  11.573  1.00 62.90  ? 9    GLU A OE1 1 
ATOM   78   O  OE2 . GLU A 1 16  ? -8.416  15.660  12.532  1.00 61.59  ? 9    GLU A OE2 1 
ATOM   79   N  N   . ARG A 1 17  ? -8.721  12.685  7.204   1.00 45.23  ? 10   ARG A N   1 
ATOM   80   C  CA  . ARG A 1 17  ? -8.018  11.728  6.364   1.00 40.67  ? 10   ARG A CA  1 
ATOM   81   C  C   . ARG A 1 17  ? -6.863  12.391  5.634   1.00 51.40  ? 10   ARG A C   1 
ATOM   82   O  O   . ARG A 1 17  ? -5.772  11.818  5.562   1.00 44.25  ? 10   ARG A O   1 
ATOM   83   C  CB  . ARG A 1 17  ? -9.035  11.104  5.410   1.00 36.30  ? 10   ARG A CB  1 
ATOM   84   C  CG  . ARG A 1 17  ? -9.923  10.102  6.154   1.00 35.09  ? 10   ARG A CG  1 
ATOM   85   C  CD  . ARG A 1 17  ? -10.836 9.383   5.174   1.00 32.96  ? 10   ARG A CD  1 
ATOM   86   N  NE  . ARG A 1 17  ? -11.270 10.295  4.120   1.00 46.42  ? 10   ARG A NE  1 
ATOM   87   C  CZ  . ARG A 1 17  ? -12.543 10.526  3.821   1.00 59.94  ? 10   ARG A CZ  1 
ATOM   88   N  NH1 . ARG A 1 17  ? -12.845 11.374  2.844   1.00 54.71  ? 10   ARG A NH1 1 
ATOM   89   N  NH2 . ARG A 1 17  ? -13.493 9.898   4.503   1.00 51.30  ? 10   ARG A NH2 1 
ATOM   90   N  N   . GLN A 1 18  ? -7.103  13.589  5.118   1.00 55.01  ? 11   GLN A N   1 
ATOM   91   C  CA  . GLN A 1 18  ? -6.112  14.345  4.351   1.00 49.49  ? 11   GLN A CA  1 
ATOM   92   C  C   . GLN A 1 18  ? -4.951  14.766  5.232   1.00 48.78  ? 11   GLN A C   1 
ATOM   93   O  O   . GLN A 1 18  ? -3.823  14.966  4.785   1.00 54.81  ? 11   GLN A O   1 
ATOM   94   C  CB  . GLN A 1 18  ? -6.781  15.545  3.682   1.00 45.40  ? 11   GLN A CB  1 
ATOM   95   C  CG  . GLN A 1 18  ? -5.921  16.359  2.736   1.00 54.29  ? 11   GLN A CG  1 
ATOM   96   C  CD  . GLN A 1 18  ? -5.300  15.623  1.573   1.00 51.91  ? 11   GLN A CD  1 
ATOM   97   O  OE1 . GLN A 1 18  ? -5.915  14.815  0.880   1.00 54.49  ? 11   GLN A OE1 1 
ATOM   98   N  NE2 . GLN A 1 18  ? -4.022  15.885  1.305   1.00 46.31  ? 11   GLN A NE2 1 
ATOM   99   N  N   . LYS A 1 19  ? -5.224  14.902  6.524   1.00 48.11  ? 12   LYS A N   1 
ATOM   100  C  CA  . LYS A 1 19  ? -4.173  15.314  7.453   1.00 48.35  ? 12   LYS A CA  1 
ATOM   101  C  C   . LYS A 1 19  ? -3.173  14.180  7.640   1.00 41.44  ? 12   LYS A C   1 
ATOM   102  O  O   . LYS A 1 19  ? -1.965  14.374  7.759   1.00 44.84  ? 12   LYS A O   1 
ATOM   103  C  CB  . LYS A 1 19  ? -4.760  15.725  8.802   1.00 55.36  ? 12   LYS A CB  1 
ATOM   104  C  CG  . LYS A 1 19  ? -5.845  16.790  8.770   1.00 70.15  ? 12   LYS A CG  1 
ATOM   105  C  CD  . LYS A 1 19  ? -5.343  18.099  8.187   1.00 85.44  ? 12   LYS A CD  1 
ATOM   106  C  CE  . LYS A 1 19  ? -5.020  19.129  9.280   1.00 90.11  ? 12   LYS A CE  1 
ATOM   107  N  NZ  . LYS A 1 19  ? -4.034  20.131  8.814   1.00 72.67  ? 12   LYS A NZ  1 
ATOM   108  N  N   . ILE A 1 20  ? -3.713  12.967  7.675   1.00 43.29  ? 13   ILE A N   1 
ATOM   109  C  CA  . ILE A 1 20  ? -2.859  11.783  7.802   1.00 44.14  ? 13   ILE A CA  1 
ATOM   110  C  C   . ILE A 1 20  ? -2.107  11.527  6.505   1.00 42.57  ? 13   ILE A C   1 
ATOM   111  O  O   . ILE A 1 20  ? -0.978  11.028  6.501   1.00 54.38  ? 13   ILE A O   1 
ATOM   112  C  CB  . ILE A 1 20  ? -3.719  10.592  8.249   1.00 39.50  ? 13   ILE A CB  1 
ATOM   113  C  CG1 . ILE A 1 20  ? -4.416  10.848  9.602   1.00 34.11  ? 13   ILE A CG1 1 
ATOM   114  C  CG2 . ILE A 1 20  ? -2.925  9.304   8.291   1.00 38.49  ? 13   ILE A CG2 1 
ATOM   115  C  CD1 . ILE A 1 20  ? -4.862  9.577   10.287  1.00 44.24  ? 13   ILE A CD1 1 
ATOM   116  N  N   . LEU A 1 21  ? -2.674  11.867  5.350   1.00 37.43  ? 14   LEU A N   1 
ATOM   117  C  CA  . LEU A 1 21  ? -1.888  11.751  4.121   1.00 43.31  ? 14   LEU A CA  1 
ATOM   118  C  C   . LEU A 1 21  ? -0.701  12.713  4.116   1.00 49.69  ? 14   LEU A C   1 
ATOM   119  O  O   . LEU A 1 21  ? 0.451   12.305  3.985   1.00 56.98  ? 14   LEU A O   1 
ATOM   120  C  CB  . LEU A 1 21  ? -2.782  12.002  2.910   1.00 38.64  ? 14   LEU A CB  1 
ATOM   121  C  CG  . LEU A 1 21  ? -3.760  10.895  2.543   1.00 47.02  ? 14   LEU A CG  1 
ATOM   122  C  CD1 . LEU A 1 21  ? -4.619  11.325  1.358   1.00 65.02  ? 14   LEU A CD1 1 
ATOM   123  C  CD2 . LEU A 1 21  ? -3.059  9.577   2.238   1.00 40.58  ? 14   LEU A CD2 1 
ATOM   124  N  N   . ASP A 1 22  ? -0.934  14.014  4.263   1.00 56.05  ? 15   ASP A N   1 
ATOM   125  C  CA  . ASP A 1 22  ? 0.124   15.015  4.269   1.00 58.21  ? 15   ASP A CA  1 
ATOM   126  C  C   . ASP A 1 22  ? 1.129   14.786  5.392   1.00 57.02  ? 15   ASP A C   1 
ATOM   127  O  O   . ASP A 1 22  ? 2.337   14.966  5.249   1.00 62.65  ? 15   ASP A O   1 
ATOM   128  C  CB  . ASP A 1 22  ? -0.465  16.419  4.428   1.00 67.82  ? 15   ASP A CB  1 
ATOM   129  C  CG  . ASP A 1 22  ? -1.649  16.690  3.522   1.00 70.72  ? 15   ASP A CG  1 
ATOM   130  O  OD1 . ASP A 1 22  ? -1.588  16.279  2.347   1.00 76.77  ? 15   ASP A OD1 1 
ATOM   131  O  OD2 . ASP A 1 22  ? -2.631  17.314  3.986   1.00 69.21  ? 15   ASP A OD2 1 
ATOM   132  N  N   . SER A 1 23  ? 0.616   14.387  6.550   1.00 50.38  ? 16   SER A N   1 
ATOM   133  C  CA  . SER A 1 23  ? 1.485   14.145  7.694   1.00 57.94  ? 16   SER A CA  1 
ATOM   134  C  C   . SER A 1 23  ? 2.534   13.080  7.385   1.00 62.92  ? 16   SER A C   1 
ATOM   135  O  O   . SER A 1 23  ? 3.674   13.193  7.829   1.00 82.77  ? 16   SER A O   1 
ATOM   136  C  CB  . SER A 1 23  ? 0.645   13.723  8.901   1.00 61.42  ? 16   SER A CB  1 
ATOM   137  O  OG  . SER A 1 23  ? 1.408   13.026  9.863   1.00 66.23  ? 16   SER A OG  1 
ATOM   138  N  N   . ASN A 1 24  ? 2.125   12.066  6.643   1.00 58.80  ? 17   ASN A N   1 
ATOM   139  C  CA  . ASN A 1 24  ? 2.892   10.873  6.355   1.00 53.39  ? 17   ASN A CA  1 
ATOM   140  C  C   . ASN A 1 24  ? 3.430   10.847  4.930   1.00 47.43  ? 17   ASN A C   1 
ATOM   141  O  O   . ASN A 1 24  ? 3.889   9.810   4.450   1.00 53.63  ? 17   ASN A O   1 
ATOM   142  C  CB  . ASN A 1 24  ? 2.015   9.627   6.553   1.00 53.60  ? 17   ASN A CB  1 
ATOM   143  C  CG  . ASN A 1 24  ? 1.979   9.110   7.972   1.00 60.17  ? 17   ASN A CG  1 
ATOM   144  O  OD1 . ASN A 1 24  ? 2.960   8.575   8.488   1.00 60.63  ? 17   ASN A OD1 1 
ATOM   145  N  ND2 . ASN A 1 24  ? 0.825   9.244   8.624   1.00 62.75  ? 17   ASN A ND2 1 
ATOM   146  N  N   . SER A 1 25  ? 3.350   11.968  4.225   1.00 47.47  ? 18   SER A N   1 
ATOM   147  C  CA  . SER A 1 25  ? 3.640   11.947  2.796   1.00 48.84  ? 18   SER A CA  1 
ATOM   148  C  C   . SER A 1 25  ? 5.128   11.891  2.501   1.00 51.31  ? 18   SER A C   1 
ATOM   149  O  O   . SER A 1 25  ? 5.509   11.786  1.326   1.00 39.11  ? 18   SER A O   1 
ATOM   150  C  CB  . SER A 1 25  ? 3.030   13.177  2.112   1.00 49.15  ? 18   SER A CB  1 
ATOM   151  O  OG  . SER A 1 25  ? 3.888   14.296  2.208   1.00 55.96  ? 18   SER A OG  1 
ATOM   152  N  N   . SER A 1 26  ? 5.987   11.956  3.517   1.00 42.68  ? 19   SER A N   1 
ATOM   153  C  CA  . SER A 1 26  ? 7.400   12.075  3.172   1.00 49.27  ? 19   SER A CA  1 
ATOM   154  C  C   . SER A 1 26  ? 7.958   10.777  2.603   1.00 43.98  ? 19   SER A C   1 
ATOM   155  O  O   . SER A 1 26  ? 8.765   10.820  1.674   1.00 48.28  ? 19   SER A O   1 
ATOM   156  C  CB  . SER A 1 26  ? 8.276   12.486  4.366   1.00 55.59  ? 19   SER A CB  1 
ATOM   157  O  OG  . SER A 1 26  ? 9.627   12.604  3.916   1.00 54.00  ? 19   SER A OG  1 
ATOM   158  N  N   . LEU A 1 27  ? 7.550   9.634   3.160   1.00 42.68  ? 20   LEU A N   1 
ATOM   159  C  CA  . LEU A 1 27  ? 8.148   8.407   2.620   1.00 43.01  ? 20   LEU A CA  1 
ATOM   160  C  C   . LEU A 1 27  ? 7.788   8.211   1.150   1.00 47.70  ? 20   LEU A C   1 
ATOM   161  O  O   . LEU A 1 27  ? 8.506   7.515   0.429   1.00 58.36  ? 20   LEU A O   1 
ATOM   162  C  CB  . LEU A 1 27  ? 7.738   7.211   3.468   1.00 40.23  ? 20   LEU A CB  1 
ATOM   163  C  CG  . LEU A 1 27  ? 8.707   6.857   4.602   1.00 48.16  ? 20   LEU A CG  1 
ATOM   164  C  CD1 . LEU A 1 27  ? 8.200   5.654   5.381   1.00 43.91  ? 20   LEU A CD1 1 
ATOM   165  C  CD2 . LEU A 1 27  ? 10.113  6.595   4.071   1.00 37.76  ? 20   LEU A CD2 1 
HETATM 166  N  N   . MSE A 1 28  ? 6.699   8.817   0.699   1.00 40.24  ? 21   MSE A N   1 
HETATM 167  C  CA  . MSE A 1 28  ? 6.152   8.625   -0.628  1.00 39.67  ? 21   MSE A CA  1 
HETATM 168  C  C   . MSE A 1 28  ? 6.610   9.690   -1.609  1.00 47.78  ? 21   MSE A C   1 
HETATM 169  O  O   . MSE A 1 28  ? 6.269   9.640   -2.791  1.00 39.98  ? 21   MSE A O   1 
HETATM 170  C  CB  . MSE A 1 28  ? 4.610   8.641   -0.565  1.00 35.39  ? 21   MSE A CB  1 
HETATM 171  C  CG  . MSE A 1 28  ? 4.105   7.459   0.259   1.00 43.78  ? 21   MSE A CG  1 
HETATM 172  SE SE  . MSE A 1 28  ? 4.811   5.915   -0.372  1.00 44.62  ? 21   MSE A SE  1 
HETATM 173  C  CE  . MSE A 1 28  ? 3.875   5.776   -1.904  1.00 40.86  ? 21   MSE A CE  1 
ATOM   174  N  N   . ARG A 1 29  ? 7.377   10.654  -1.106  1.00 50.28  ? 22   ARG A N   1 
ATOM   175  C  CA  . ARG A 1 29  ? 7.785   11.759  -1.968  1.00 50.72  ? 22   ARG A CA  1 
ATOM   176  C  C   . ARG A 1 29  ? 8.504   11.260  -3.217  1.00 42.73  ? 22   ARG A C   1 
ATOM   177  O  O   . ARG A 1 29  ? 9.522   10.584  -3.102  1.00 42.08  ? 22   ARG A O   1 
ATOM   178  C  CB  . ARG A 1 29  ? 8.683   12.734  -1.198  1.00 65.83  ? 22   ARG A CB  1 
ATOM   179  C  CG  . ARG A 1 29  ? 7.887   13.706  -0.327  1.00 75.94  ? 22   ARG A CG  1 
ATOM   180  C  CD  . ARG A 1 29  ? 8.809   14.515  0.577   1.00 85.75  ? 22   ARG A CD  1 
ATOM   181  N  NE  . ARG A 1 29  ? 8.343   15.897  0.692   1.00 91.69  ? 22   ARG A NE  1 
ATOM   182  C  CZ  . ARG A 1 29  ? 9.126   16.969  0.589   1.00 95.89  ? 22   ARG A CZ  1 
ATOM   183  N  NH1 . ARG A 1 29  ? 8.624   18.194  0.700   1.00 108.35 ? 22   ARG A NH1 1 
ATOM   184  N  NH2 . ARG A 1 29  ? 10.421  16.800  0.388   1.00 86.20  ? 22   ARG A NH2 1 
ATOM   185  N  N   . ASN A 1 30  ? 7.948   11.594  -4.372  1.00 35.66  ? 23   ASN A N   1 
ATOM   186  C  CA  . ASN A 1 30  ? 8.537   11.333  -5.671  1.00 41.34  ? 23   ASN A CA  1 
ATOM   187  C  C   . ASN A 1 30  ? 8.535   9.856   -6.053  1.00 39.23  ? 23   ASN A C   1 
ATOM   188  O  O   . ASN A 1 30  ? 9.254   9.469   -6.979  1.00 40.82  ? 23   ASN A O   1 
ATOM   189  C  CB  . ASN A 1 30  ? 9.981   11.865  -5.696  1.00 56.45  ? 23   ASN A CB  1 
ATOM   190  C  CG  . ASN A 1 30  ? 10.005  13.309  -6.167  1.00 62.03  ? 23   ASN A CG  1 
ATOM   191  O  OD1 . ASN A 1 30  ? 10.780  13.665  -7.055  1.00 60.23  ? 23   ASN A OD1 1 
ATOM   192  N  ND2 . ASN A 1 30  ? 9.152   14.144  -5.580  1.00 60.15  ? 23   ASN A ND2 1 
ATOM   193  N  N   . ALA A 1 31  ? 7.749   9.040   -5.367  1.00 42.64  ? 24   ALA A N   1 
ATOM   194  C  CA  . ALA A 1 31  ? 7.728   7.602   -5.629  1.00 37.10  ? 24   ALA A CA  1 
ATOM   195  C  C   . ALA A 1 31  ? 7.457   7.275   -7.091  1.00 35.51  ? 24   ALA A C   1 
ATOM   196  O  O   . ALA A 1 31  ? 8.115   6.423   -7.690  1.00 29.81  ? 24   ALA A O   1 
ATOM   197  C  CB  . ALA A 1 31  ? 6.676   6.936   -4.765  1.00 28.89  ? 24   ALA A CB  1 
ATOM   198  N  N   . ASN A 1 32  ? 6.473   7.923   -7.715  1.00 29.10  ? 25   ASN A N   1 
ATOM   199  C  CA  . ASN A 1 32  ? 6.243   7.596   -9.128  1.00 31.99  ? 25   ASN A CA  1 
ATOM   200  C  C   . ASN A 1 32  ? 7.385   8.057   -10.022 1.00 31.87  ? 25   ASN A C   1 
ATOM   201  O  O   . ASN A 1 32  ? 7.725   7.342   -10.967 1.00 36.83  ? 25   ASN A O   1 
ATOM   202  C  CB  . ASN A 1 32  ? 4.908   8.188   -9.609  1.00 36.82  ? 25   ASN A CB  1 
ATOM   203  C  CG  . ASN A 1 32  ? 3.769   7.686   -8.728  1.00 47.19  ? 25   ASN A CG  1 
ATOM   204  O  OD1 . ASN A 1 32  ? 3.536   8.241   -7.651  1.00 63.03  ? 25   ASN A OD1 1 
ATOM   205  N  ND2 . ASN A 1 32  ? 3.089   6.635   -9.176  1.00 38.75  ? 25   ASN A ND2 1 
ATOM   206  N  N   . GLU A 1 33  ? 8.007   9.210   -9.777  1.00 26.52  ? 26   GLU A N   1 
ATOM   207  C  CA  . GLU A 1 33  ? 9.092   9.647   -10.645 1.00 26.87  ? 26   GLU A CA  1 
ATOM   208  C  C   . GLU A 1 33  ? 10.323  8.769   -10.493 1.00 33.27  ? 26   GLU A C   1 
ATOM   209  O  O   . GLU A 1 33  ? 11.071  8.553   -11.451 1.00 26.49  ? 26   GLU A O   1 
ATOM   210  C  CB  . GLU A 1 33  ? 9.477   11.104  -10.331 1.00 30.33  ? 26   GLU A CB  1 
ATOM   211  C  CG  . GLU A 1 33  ? 8.346   12.077  -10.672 1.00 43.13  ? 26   GLU A CG  1 
ATOM   212  C  CD  . GLU A 1 33  ? 7.496   12.495  -9.490  1.00 47.09  ? 26   GLU A CD  1 
ATOM   213  O  OE1 . GLU A 1 33  ? 7.034   13.661  -9.459  1.00 36.06  ? 26   GLU A OE1 1 
ATOM   214  O  OE2 . GLU A 1 33  ? 7.262   11.690  -8.560  1.00 43.85  ? 26   GLU A OE2 1 
ATOM   215  N  N   . VAL A 1 34  ? 10.514  8.284   -9.267  1.00 30.08  ? 27   VAL A N   1 
ATOM   216  C  CA  . VAL A 1 34  ? 11.641  7.383   -9.010  1.00 31.78  ? 27   VAL A CA  1 
ATOM   217  C  C   . VAL A 1 34  ? 11.456  6.068   -9.764  1.00 21.48  ? 27   VAL A C   1 
ATOM   218  O  O   . VAL A 1 34  ? 12.389  5.570   -10.407 1.00 24.28  ? 27   VAL A O   1 
ATOM   219  C  CB  . VAL A 1 34  ? 11.799  7.090   -7.508  1.00 34.45  ? 27   VAL A CB  1 
ATOM   220  C  CG1 . VAL A 1 34  ? 12.509  5.765   -7.274  1.00 35.73  ? 27   VAL A CG1 1 
ATOM   221  C  CG2 . VAL A 1 34  ? 12.557  8.221   -6.832  1.00 41.80  ? 27   VAL A CG2 1 
ATOM   222  N  N   . ARG A 1 35  ? 10.230  5.550   -9.677  1.00 22.67  ? 28   ARG A N   1 
ATOM   223  C  CA  . ARG A 1 35  ? 9.922   4.296   -10.381 1.00 24.96  ? 28   ARG A CA  1 
ATOM   224  C  C   . ARG A 1 35  ? 10.112  4.469   -11.882 1.00 23.05  ? 28   ARG A C   1 
ATOM   225  O  O   . ARG A 1 35  ? 10.755  3.652   -12.544 1.00 25.82  ? 28   ARG A O   1 
ATOM   226  C  CB  . ARG A 1 35  ? 8.498   3.833   -10.096 1.00 21.75  ? 28   ARG A CB  1 
ATOM   227  C  CG  . ARG A 1 35  ? 8.037   2.627   -10.905 1.00 23.89  ? 28   ARG A CG  1 
ATOM   228  C  CD  . ARG A 1 35  ? 7.189   2.976   -12.111 1.00 25.99  ? 28   ARG A CD  1 
ATOM   229  N  NE  . ARG A 1 35  ? 6.847   1.797   -12.911 1.00 25.20  ? 28   ARG A NE  1 
ATOM   230  C  CZ  . ARG A 1 35  ? 6.692   1.767   -14.220 1.00 30.26  ? 28   ARG A CZ  1 
ATOM   231  N  NH1 . ARG A 1 35  ? 6.845   2.870   -14.946 1.00 29.11  ? 28   ARG A NH1 1 
ATOM   232  N  NH2 . ARG A 1 35  ? 6.375   0.635   -14.834 1.00 25.32  ? 28   ARG A NH2 1 
ATOM   233  N  N   . ASP A 1 36  ? 9.507   5.549   -12.377 1.00 22.78  ? 29   ASP A N   1 
ATOM   234  C  CA  . ASP A 1 36  ? 9.512   5.805   -13.811 1.00 22.39  ? 29   ASP A CA  1 
ATOM   235  C  C   . ASP A 1 36  ? 10.940  5.895   -14.326 1.00 25.00  ? 29   ASP A C   1 
ATOM   236  O  O   . ASP A 1 36  ? 11.334  5.326   -15.327 1.00 21.10  ? 29   ASP A O   1 
ATOM   237  C  CB  . ASP A 1 36  ? 8.729   7.087   -14.131 1.00 30.20  ? 29   ASP A CB  1 
ATOM   238  C  CG  . ASP A 1 36  ? 7.233   6.830   -14.121 1.00 40.36  ? 29   ASP A CG  1 
ATOM   239  O  OD1 . ASP A 1 36  ? 6.435   7.789   -14.114 1.00 26.12  ? 29   ASP A OD1 1 
ATOM   240  O  OD2 . ASP A 1 36  ? 6.849   5.639   -14.121 1.00 34.93  ? 29   ASP A OD2 1 
ATOM   241  N  N   . LYS A 1 37  ? 11.767  6.643   -13.612 1.00 24.77  ? 30   LYS A N   1 
ATOM   242  C  CA  . LYS A 1 37  ? 13.144  6.847   -14.037 1.00 26.01  ? 30   LYS A CA  1 
ATOM   243  C  C   . LYS A 1 37  ? 13.960  5.579   -13.917 1.00 21.42  ? 30   LYS A C   1 
ATOM   244  O  O   . LYS A 1 37  ? 14.770  5.267   -14.790 1.00 24.68  ? 30   LYS A O   1 
ATOM   245  C  CB  . LYS A 1 37  ? 13.756  7.970   -13.182 1.00 30.49  ? 30   LYS A CB  1 
ATOM   246  C  CG  . LYS A 1 37  ? 14.536  8.980   -14.018 1.00 51.56  ? 30   LYS A CG  1 
ATOM   247  C  CD  . LYS A 1 37  ? 15.600  9.660   -13.167 1.00 63.21  ? 30   LYS A CD  1 
ATOM   248  C  CE  . LYS A 1 37  ? 16.800  8.749   -12.970 1.00 69.67  ? 30   LYS A CE  1 
ATOM   249  N  NZ  . LYS A 1 37  ? 18.083  9.506   -13.038 1.00 60.84  ? 30   LYS A NZ  1 
ATOM   250  N  N   . PHE A 1 38  ? 13.740  4.828   -12.826 1.00 26.88  ? 31   PHE A N   1 
ATOM   251  C  CA  . PHE A 1 38  ? 14.492  3.569   -12.702 1.00 23.39  ? 31   PHE A CA  1 
ATOM   252  C  C   . PHE A 1 38  ? 14.111  2.655   -13.852 1.00 22.95  ? 31   PHE A C   1 
ATOM   253  O  O   . PHE A 1 38  ? 14.954  2.045   -14.496 1.00 27.63  ? 31   PHE A O   1 
ATOM   254  C  CB  . PHE A 1 38  ? 14.241  2.901   -11.347 1.00 29.75  ? 31   PHE A CB  1 
ATOM   255  C  CG  . PHE A 1 38  ? 14.960  1.559   -11.194 1.00 30.55  ? 31   PHE A CG  1 
ATOM   256  C  CD1 . PHE A 1 38  ? 14.258  0.370   -11.310 1.00 32.06  ? 31   PHE A CD1 1 
ATOM   257  C  CD2 . PHE A 1 38  ? 16.318  1.516   -10.940 1.00 21.27  ? 31   PHE A CD2 1 
ATOM   258  C  CE1 . PHE A 1 38  ? 14.889  -0.861  -11.188 1.00 27.34  ? 31   PHE A CE1 1 
ATOM   259  C  CE2 . PHE A 1 38  ? 16.969  0.293   -10.846 1.00 27.00  ? 31   PHE A CE2 1 
ATOM   260  C  CZ  . PHE A 1 38  ? 16.264  -0.885  -10.997 1.00 29.67  ? 31   PHE A CZ  1 
ATOM   261  N  N   . ILE A 1 39  ? 12.805  2.549   -14.110 1.00 19.77  ? 32   ILE A N   1 
ATOM   262  C  CA  . ILE A 1 39  ? 12.352  1.645   -15.169 1.00 18.02  ? 32   ILE A CA  1 
ATOM   263  C  C   . ILE A 1 39  ? 12.978  1.999   -16.504 1.00 26.81  ? 32   ILE A C   1 
ATOM   264  O  O   . ILE A 1 39  ? 13.574  1.192   -17.225 1.00 31.44  ? 32   ILE A O   1 
ATOM   265  C  CB  . ILE A 1 39  ? 10.821  1.728   -15.294 1.00 24.67  ? 32   ILE A CB  1 
ATOM   266  C  CG1 . ILE A 1 39  ? 10.097  1.032   -14.136 1.00 25.86  ? 32   ILE A CG1 1 
ATOM   267  C  CG2 . ILE A 1 39  ? 10.394  1.207   -16.653 1.00 31.22  ? 32   ILE A CG2 1 
ATOM   268  C  CD1 . ILE A 1 39  ? 10.734  -0.299  -13.812 1.00 17.17  ? 32   ILE A CD1 1 
ATOM   269  N  N   . GLN A 1 40  ? 12.855  3.284   -16.839 1.00 21.90  ? 33   GLN A N   1 
ATOM   270  C  CA  . GLN A 1 40  ? 13.455  3.769   -18.080 1.00 27.22  ? 33   GLN A CA  1 
ATOM   271  C  C   . GLN A 1 40  ? 14.943  3.516   -18.166 1.00 25.21  ? 33   GLN A C   1 
ATOM   272  O  O   . GLN A 1 40  ? 15.483  3.260   -19.241 1.00 33.42  ? 33   GLN A O   1 
ATOM   273  C  CB  . GLN A 1 40  ? 13.166  5.284   -18.216 1.00 27.84  ? 33   GLN A CB  1 
ATOM   274  C  CG  . GLN A 1 40  ? 11.709  5.498   -18.635 1.00 29.78  ? 33   GLN A CG  1 
ATOM   275  C  CD  . GLN A 1 40  ? 11.339  4.742   -19.898 1.00 41.53  ? 33   GLN A CD  1 
ATOM   276  O  OE1 . GLN A 1 40  ? 11.995  4.855   -20.941 1.00 54.42  ? 33   GLN A OE1 1 
ATOM   277  N  NE2 . GLN A 1 40  ? 10.267  3.954   -19.842 1.00 44.15  ? 33   GLN A NE2 1 
ATOM   278  N  N   . ASN A 1 41  ? 15.682  3.577   -17.071 1.00 26.53  ? 34   ASN A N   1 
ATOM   279  C  CA  . ASN A 1 41  ? 17.122  3.395   -17.199 1.00 33.44  ? 34   ASN A CA  1 
ATOM   280  C  C   . ASN A 1 41  ? 17.555  1.955   -17.033 1.00 34.82  ? 34   ASN A C   1 
ATOM   281  O  O   . ASN A 1 41  ? 18.683  1.618   -17.414 1.00 41.34  ? 34   ASN A O   1 
ATOM   282  C  CB  . ASN A 1 41  ? 17.851  4.279   -16.175 1.00 41.76  ? 34   ASN A CB  1 
ATOM   283  C  CG  . ASN A 1 41  ? 17.918  5.734   -16.605 1.00 39.36  ? 34   ASN A CG  1 
ATOM   284  O  OD1 . ASN A 1 41  ? 18.180  6.636   -15.808 1.00 45.58  ? 34   ASN A OD1 1 
ATOM   285  N  ND2 . ASN A 1 41  ? 17.669  5.981   -17.887 1.00 45.16  ? 34   ASN A ND2 1 
ATOM   286  N  N   . TYR A 1 42  ? 16.733  1.050   -16.493 1.00 29.39  ? 35   TYR A N   1 
ATOM   287  C  CA  . TYR A 1 42  ? 17.314  -0.290  -16.277 1.00 28.90  ? 35   TYR A CA  1 
ATOM   288  C  C   . TYR A 1 42  ? 16.438  -1.408  -16.785 1.00 20.41  ? 35   TYR A C   1 
ATOM   289  O  O   . TYR A 1 42  ? 16.864  -2.550  -16.906 1.00 29.35  ? 35   TYR A O   1 
ATOM   290  C  CB  . TYR A 1 42  ? 17.586  -0.488  -14.775 1.00 25.33  ? 35   TYR A CB  1 
ATOM   291  C  CG  . TYR A 1 42  ? 18.767  0.311   -14.267 1.00 25.79  ? 35   TYR A CG  1 
ATOM   292  C  CD1 . TYR A 1 42  ? 20.067  -0.068  -14.575 1.00 35.90  ? 35   TYR A CD1 1 
ATOM   293  C  CD2 . TYR A 1 42  ? 18.588  1.441   -13.479 1.00 30.72  ? 35   TYR A CD2 1 
ATOM   294  C  CE1 . TYR A 1 42  ? 21.168  0.648   -14.120 1.00 33.78  ? 35   TYR A CE1 1 
ATOM   295  C  CE2 . TYR A 1 42  ? 19.670  2.166   -13.023 1.00 38.53  ? 35   TYR A CE2 1 
ATOM   296  C  CZ  . TYR A 1 42  ? 20.952  1.768   -13.348 1.00 34.20  ? 35   TYR A CZ  1 
ATOM   297  O  OH  . TYR A 1 42  ? 22.024  2.489   -12.887 1.00 46.58  ? 35   TYR A OH  1 
ATOM   298  N  N   . ALA A 1 43  ? 15.165  -1.109  -17.070 1.00 22.46  ? 36   ALA A N   1 
ATOM   299  C  CA  . ALA A 1 43  ? 14.281  -2.253  -17.341 1.00 28.44  ? 36   ALA A CA  1 
ATOM   300  C  C   . ALA A 1 43  ? 13.728  -2.279  -18.752 1.00 26.03  ? 36   ALA A C   1 
ATOM   301  O  O   . ALA A 1 43  ? 13.012  -3.223  -19.107 1.00 26.51  ? 36   ALA A O   1 
ATOM   302  C  CB  . ALA A 1 43  ? 13.149  -2.262  -16.326 1.00 24.36  ? 36   ALA A CB  1 
ATOM   303  N  N   . THR A 1 44  ? 14.019  -1.290  -19.599 1.00 27.65  ? 37   THR A N   1 
ATOM   304  C  CA  . THR A 1 44  ? 13.478  -1.388  -20.957 1.00 30.39  ? 37   THR A CA  1 
ATOM   305  C  C   . THR A 1 44  ? 14.040  -2.574  -21.732 1.00 30.01  ? 37   THR A C   1 
ATOM   306  O  O   . THR A 1 44  ? 13.338  -3.170  -22.562 1.00 27.85  ? 37   THR A O   1 
ATOM   307  C  CB  . THR A 1 44  ? 13.751  -0.097  -21.757 1.00 38.47  ? 37   THR A CB  1 
ATOM   308  O  OG1 . THR A 1 44  ? 15.166  0.132   -21.752 1.00 47.00  ? 37   THR A OG1 1 
ATOM   309  C  CG2 . THR A 1 44  ? 13.095  1.109   -21.108 1.00 31.40  ? 37   THR A CG2 1 
ATOM   310  N  N   . SER A 1 45  ? 15.289  -2.966  -21.505 1.00 35.30  ? 38   SER A N   1 
ATOM   311  C  CA  . SER A 1 45  ? 15.889  -4.094  -22.215 1.00 37.12  ? 38   SER A CA  1 
ATOM   312  C  C   . SER A 1 45  ? 15.220  -5.437  -21.952 1.00 38.30  ? 38   SER A C   1 
ATOM   313  O  O   . SER A 1 45  ? 15.429  -6.380  -22.737 1.00 33.60  ? 38   SER A O   1 
ATOM   314  C  CB  . SER A 1 45  ? 17.384  -4.185  -21.873 1.00 36.50  ? 38   SER A CB  1 
ATOM   315  O  OG  . SER A 1 45  ? 17.607  -4.722  -20.580 1.00 39.92  ? 38   SER A OG  1 
ATOM   316  N  N   . LEU A 1 46  ? 14.408  -5.602  -20.911 1.00 31.70  ? 39   LEU A N   1 
ATOM   317  C  CA  . LEU A 1 46  ? 13.661  -6.843  -20.721 1.00 30.92  ? 39   LEU A CA  1 
ATOM   318  C  C   . LEU A 1 46  ? 12.874  -7.223  -21.988 1.00 34.33  ? 39   LEU A C   1 
ATOM   319  O  O   . LEU A 1 46  ? 12.689  -8.388  -22.331 1.00 28.36  ? 39   LEU A O   1 
ATOM   320  C  CB  . LEU A 1 46  ? 12.645  -6.751  -19.581 1.00 26.40  ? 39   LEU A CB  1 
ATOM   321  C  CG  . LEU A 1 46  ? 13.206  -6.572  -18.175 1.00 26.73  ? 39   LEU A CG  1 
ATOM   322  C  CD1 . LEU A 1 46  ? 12.059  -6.290  -17.214 1.00 23.43  ? 39   LEU A CD1 1 
ATOM   323  C  CD2 . LEU A 1 46  ? 14.041  -7.792  -17.788 1.00 25.09  ? 39   LEU A CD2 1 
ATOM   324  N  N   . LYS A 1 47  ? 12.405  -6.189  -22.667 1.00 30.84  ? 40   LYS A N   1 
ATOM   325  C  CA  . LYS A 1 47  ? 11.622  -6.359  -23.891 1.00 35.53  ? 40   LYS A CA  1 
ATOM   326  C  C   . LYS A 1 47  ? 12.453  -7.026  -24.976 1.00 29.74  ? 40   LYS A C   1 
ATOM   327  O  O   . LYS A 1 47  ? 11.946  -7.717  -25.857 1.00 32.57  ? 40   LYS A O   1 
ATOM   328  C  CB  . LYS A 1 47  ? 11.111  -4.991  -24.341 1.00 33.84  ? 40   LYS A CB  1 
ATOM   329  C  CG  . LYS A 1 47  ? 10.225  -4.993  -25.568 1.00 52.34  ? 40   LYS A CG  1 
ATOM   330  C  CD  . LYS A 1 47  ? 9.178   -3.894  -25.505 1.00 56.96  ? 40   LYS A CD  1 
ATOM   331  C  CE  . LYS A 1 47  ? 7.782   -4.470  -25.324 1.00 58.51  ? 40   LYS A CE  1 
ATOM   332  N  NZ  . LYS A 1 47  ? 7.606   -5.739  -26.081 1.00 64.05  ? 40   LYS A NZ  1 
ATOM   333  N  N   . ASP A 1 48  ? 13.781  -6.844  -24.943 1.00 33.63  ? 41   ASP A N   1 
ATOM   334  C  CA  . ASP A 1 48  ? 14.576  -7.525  -25.966 1.00 39.15  ? 41   ASP A CA  1 
ATOM   335  C  C   . ASP A 1 48  ? 15.110  -8.863  -25.477 1.00 45.34  ? 41   ASP A C   1 
ATOM   336  O  O   . ASP A 1 48  ? 16.096  -9.353  -26.041 1.00 39.34  ? 41   ASP A O   1 
ATOM   337  C  CB  . ASP A 1 48  ? 15.735  -6.644  -26.438 1.00 37.85  ? 41   ASP A CB  1 
ATOM   338  C  CG  . ASP A 1 48  ? 15.262  -5.290  -26.933 1.00 38.42  ? 41   ASP A CG  1 
ATOM   339  O  OD1 . ASP A 1 48  ? 15.950  -4.286  -26.659 1.00 46.87  ? 41   ASP A OD1 1 
ATOM   340  O  OD2 . ASP A 1 48  ? 14.205  -5.224  -27.593 1.00 38.74  ? 41   ASP A OD2 1 
ATOM   341  N  N   . SER A 1 49  ? 14.498  -9.463  -24.447 1.00 38.43  ? 42   SER A N   1 
ATOM   342  C  CA  . SER A 1 49  ? 15.014  -10.759 -23.998 1.00 35.22  ? 42   SER A CA  1 
ATOM   343  C  C   . SER A 1 49  ? 14.946  -11.786 -25.130 1.00 30.46  ? 42   SER A C   1 
ATOM   344  O  O   . SER A 1 49  ? 13.949  -11.870 -25.854 1.00 43.11  ? 42   SER A O   1 
ATOM   345  C  CB  . SER A 1 49  ? 14.251  -11.249 -22.767 1.00 32.30  ? 42   SER A CB  1 
ATOM   346  O  OG  . SER A 1 49  ? 14.197  -10.256 -21.751 1.00 36.18  ? 42   SER A OG  1 
ATOM   347  N  N   . ASN A 1 50  ? 15.977  -12.607 -25.308 1.00 30.08  ? 43   ASN A N   1 
ATOM   348  C  CA  . ASN A 1 50  ? 15.932  -13.593 -26.389 1.00 41.87  ? 43   ASN A CA  1 
ATOM   349  C  C   . ASN A 1 50  ? 14.990  -14.756 -26.139 1.00 49.94  ? 43   ASN A C   1 
ATOM   350  O  O   . ASN A 1 50  ? 14.431  -15.301 -27.094 1.00 52.53  ? 43   ASN A O   1 
ATOM   351  C  CB  . ASN A 1 50  ? 17.334  -14.184 -26.609 1.00 44.98  ? 43   ASN A CB  1 
ATOM   352  C  CG  . ASN A 1 50  ? 18.303  -13.109 -27.052 1.00 49.85  ? 43   ASN A CG  1 
ATOM   353  O  OD1 . ASN A 1 50  ? 19.459  -13.108 -26.637 1.00 84.47  ? 43   ASN A OD1 1 
ATOM   354  N  ND2 . ASN A 1 50  ? 17.819  -12.202 -27.895 1.00 59.84  ? 43   ASN A ND2 1 
ATOM   355  N  N   . ASP A 1 51  ? 14.829  -15.171 -24.886 1.00 43.25  ? 44   ASP A N   1 
ATOM   356  C  CA  . ASP A 1 51  ? 14.116  -16.400 -24.560 1.00 49.22  ? 44   ASP A CA  1 
ATOM   357  C  C   . ASP A 1 51  ? 13.774  -16.429 -23.076 1.00 46.79  ? 44   ASP A C   1 
ATOM   358  O  O   . ASP A 1 51  ? 14.324  -15.604 -22.348 1.00 45.80  ? 44   ASP A O   1 
ATOM   359  C  CB  . ASP A 1 51  ? 14.993  -17.600 -24.952 1.00 48.77  ? 44   ASP A CB  1 
ATOM   360  C  CG  . ASP A 1 51  ? 16.328  -17.540 -24.234 1.00 44.71  ? 44   ASP A CG  1 
ATOM   361  O  OD1 . ASP A 1 51  ? 17.331  -17.197 -24.886 1.00 48.49  ? 44   ASP A OD1 1 
ATOM   362  O  OD2 . ASP A 1 51  ? 16.358  -17.824 -23.020 1.00 51.34  ? 44   ASP A OD2 1 
ATOM   363  N  N   . PRO A 1 52  ? 12.893  -17.307 -22.627 1.00 44.31  ? 45   PRO A N   1 
ATOM   364  C  CA  . PRO A 1 52  ? 12.508  -17.367 -21.214 1.00 38.80  ? 45   PRO A CA  1 
ATOM   365  C  C   . PRO A 1 52  ? 13.647  -17.282 -20.221 1.00 37.86  ? 45   PRO A C   1 
ATOM   366  O  O   . PRO A 1 52  ? 13.592  -16.556 -19.219 1.00 35.21  ? 45   PRO A O   1 
ATOM   367  C  CB  . PRO A 1 52  ? 11.867  -18.769 -21.129 1.00 43.10  ? 45   PRO A CB  1 
ATOM   368  C  CG  . PRO A 1 52  ? 11.230  -18.954 -22.464 1.00 42.56  ? 45   PRO A CG  1 
ATOM   369  C  CD  . PRO A 1 52  ? 12.159  -18.303 -23.437 1.00 38.16  ? 45   PRO A CD  1 
ATOM   370  N  N   . GLN A 1 53  ? 14.749  -18.014 -20.404 1.00 40.43  ? 46   GLN A N   1 
ATOM   371  C  CA  . GLN A 1 53  ? 15.720  -17.919 -19.302 1.00 48.79  ? 46   GLN A CA  1 
ATOM   372  C  C   . GLN A 1 53  ? 16.636  -16.721 -19.512 1.00 46.95  ? 46   GLN A C   1 
ATOM   373  O  O   . GLN A 1 53  ? 17.343  -16.285 -18.599 1.00 34.84  ? 46   GLN A O   1 
ATOM   374  C  CB  . GLN A 1 53  ? 16.497  -19.225 -19.141 1.00 57.41  ? 46   GLN A CB  1 
ATOM   375  C  CG  . GLN A 1 53  ? 15.725  -20.374 -18.516 1.00 61.33  ? 46   GLN A CG  1 
ATOM   376  C  CD  . GLN A 1 53  ? 15.015  -20.033 -17.223 1.00 57.40  ? 46   GLN A CD  1 
ATOM   377  O  OE1 . GLN A 1 53  ? 15.579  -19.428 -16.310 1.00 38.08  ? 46   GLN A OE1 1 
ATOM   378  N  NE2 . GLN A 1 53  ? 13.748  -20.427 -17.109 1.00 43.99  ? 46   GLN A NE2 1 
ATOM   379  N  N   . ASP A 1 54  ? 16.634  -16.166 -20.725 1.00 37.32  ? 47   ASP A N   1 
ATOM   380  C  CA  . ASP A 1 54  ? 17.441  -14.957 -20.933 1.00 30.89  ? 47   ASP A CA  1 
ATOM   381  C  C   . ASP A 1 54  ? 16.699  -13.782 -20.295 1.00 25.01  ? 47   ASP A C   1 
ATOM   382  O  O   . ASP A 1 54  ? 17.331  -12.860 -19.790 1.00 35.10  ? 47   ASP A O   1 
ATOM   383  C  CB  . ASP A 1 54  ? 17.698  -14.675 -22.402 1.00 37.20  ? 47   ASP A CB  1 
ATOM   384  C  CG  . ASP A 1 54  ? 18.491  -13.419 -22.687 1.00 34.40  ? 47   ASP A CG  1 
ATOM   385  O  OD1 . ASP A 1 54  ? 19.617  -13.265 -22.165 1.00 45.99  ? 47   ASP A OD1 1 
ATOM   386  O  OD2 . ASP A 1 54  ? 17.994  -12.568 -23.458 1.00 43.16  ? 47   ASP A OD2 1 
ATOM   387  N  N   . PHE A 1 55  ? 15.383  -13.852 -20.339 1.00 22.71  ? 48   PHE A N   1 
ATOM   388  C  CA  . PHE A 1 55  ? 14.500  -12.928 -19.639 1.00 25.97  ? 48   PHE A CA  1 
ATOM   389  C  C   . PHE A 1 55  ? 14.821  -12.966 -18.143 1.00 23.92  ? 48   PHE A C   1 
ATOM   390  O  O   . PHE A 1 55  ? 15.038  -11.942 -17.496 1.00 33.15  ? 48   PHE A O   1 
ATOM   391  C  CB  . PHE A 1 55  ? 13.035  -13.292 -19.887 1.00 21.92  ? 48   PHE A CB  1 
ATOM   392  C  CG  . PHE A 1 55  ? 12.041  -12.584 -18.989 1.00 22.14  ? 48   PHE A CG  1 
ATOM   393  C  CD1 . PHE A 1 55  ? 11.364  -13.256 -17.983 1.00 28.40  ? 48   PHE A CD1 1 
ATOM   394  C  CD2 . PHE A 1 55  ? 11.776  -11.240 -19.149 1.00 21.10  ? 48   PHE A CD2 1 
ATOM   395  C  CE1 . PHE A 1 55  ? 10.451  -12.608 -17.171 1.00 23.50  ? 48   PHE A CE1 1 
ATOM   396  C  CE2 . PHE A 1 55  ? 10.870  -10.583 -18.338 1.00 26.07  ? 48   PHE A CE2 1 
ATOM   397  C  CZ  . PHE A 1 55  ? 10.196  -11.263 -17.342 1.00 21.24  ? 48   PHE A CZ  1 
ATOM   398  N  N   . LEU A 1 56  ? 14.854  -14.166 -17.575 1.00 31.33  ? 49   LEU A N   1 
ATOM   399  C  CA  . LEU A 1 56  ? 15.062  -14.308 -16.129 1.00 33.74  ? 49   LEU A CA  1 
ATOM   400  C  C   . LEU A 1 56  ? 16.463  -13.889 -15.728 1.00 24.98  ? 49   LEU A C   1 
ATOM   401  O  O   . LEU A 1 56  ? 16.682  -13.377 -14.635 1.00 29.58  ? 49   LEU A O   1 
ATOM   402  C  CB  . LEU A 1 56  ? 14.802  -15.749 -15.686 1.00 36.79  ? 49   LEU A CB  1 
ATOM   403  C  CG  . LEU A 1 56  ? 13.310  -16.091 -15.633 1.00 34.30  ? 49   LEU A CG  1 
ATOM   404  C  CD1 . LEU A 1 56  ? 13.097  -17.427 -14.949 1.00 43.04  ? 49   LEU A CD1 1 
ATOM   405  C  CD2 . LEU A 1 56  ? 12.553  -14.954 -14.945 1.00 26.65  ? 49   LEU A CD2 1 
ATOM   406  N  N   . ARG A 1 57  ? 17.408  -14.132 -16.632 1.00 24.55  ? 50   ARG A N   1 
ATOM   407  C  CA  . ARG A 1 57  ? 18.755  -13.643 -16.421 1.00 33.32  ? 50   ARG A CA  1 
ATOM   408  C  C   . ARG A 1 57  ? 18.737  -12.113 -16.379 1.00 36.82  ? 50   ARG A C   1 
ATOM   409  O  O   . ARG A 1 57  ? 19.425  -11.485 -15.585 1.00 29.28  ? 50   ARG A O   1 
ATOM   410  C  CB  . ARG A 1 57  ? 19.697  -14.081 -17.538 1.00 32.12  ? 50   ARG A CB  1 
ATOM   411  C  CG  . ARG A 1 57  ? 21.110  -13.549 -17.334 1.00 44.58  ? 50   ARG A CG  1 
ATOM   412  C  CD  . ARG A 1 57  ? 21.931  -14.622 -16.609 1.00 69.30  ? 50   ARG A CD  1 
ATOM   413  N  NE  . ARG A 1 57  ? 21.663  -15.944 -17.175 1.00 79.07  ? 50   ARG A NE  1 
ATOM   414  C  CZ  . ARG A 1 57  ? 22.213  -16.411 -18.287 1.00 82.56  ? 50   ARG A CZ  1 
ATOM   415  N  NH1 . ARG A 1 57  ? 23.081  -15.694 -18.982 1.00 59.46  ? 50   ARG A NH1 1 
ATOM   416  N  NH2 . ARG A 1 57  ? 21.897  -17.631 -18.715 1.00 104.17 ? 50   ARG A NH2 1 
ATOM   417  N  N   . ARG A 1 58  ? 17.932  -11.518 -17.260 1.00 27.93  ? 51   ARG A N   1 
ATOM   418  C  CA  . ARG A 1 58  ? 17.859  -10.059 -17.278 1.00 21.25  ? 51   ARG A CA  1 
ATOM   419  C  C   . ARG A 1 58  ? 17.075  -9.567  -16.081 1.00 23.14  ? 51   ARG A C   1 
ATOM   420  O  O   . ARG A 1 58  ? 17.277  -8.461  -15.587 1.00 19.86  ? 51   ARG A O   1 
ATOM   421  C  CB  . ARG A 1 58  ? 17.212  -9.605  -18.586 1.00 31.84  ? 51   ARG A CB  1 
ATOM   422  C  CG  . ARG A 1 58  ? 18.098  -9.871  -19.799 1.00 32.00  ? 51   ARG A CG  1 
ATOM   423  C  CD  . ARG A 1 58  ? 17.557  -9.189  -21.047 1.00 36.59  ? 51   ARG A CD  1 
ATOM   424  N  NE  . ARG A 1 58  ? 18.218  -9.688  -22.253 1.00 33.56  ? 51   ARG A NE  1 
ATOM   425  C  CZ  . ARG A 1 58  ? 18.397  -8.975  -23.357 1.00 41.96  ? 51   ARG A CZ  1 
ATOM   426  N  NH1 . ARG A 1 58  ? 17.977  -7.718  -23.434 1.00 32.94  ? 51   ARG A NH1 1 
ATOM   427  N  NH2 . ARG A 1 58  ? 19.014  -9.548  -24.385 1.00 39.60  ? 51   ARG A NH2 1 
ATOM   428  N  N   . VAL A 1 59  ? 16.160  -10.401 -15.591 1.00 25.10  ? 52   VAL A N   1 
ATOM   429  C  CA  . VAL A 1 59  ? 15.417  -10.038 -14.374 1.00 24.84  ? 52   VAL A CA  1 
ATOM   430  C  C   . VAL A 1 59  ? 16.328  -10.106 -13.151 1.00 17.70  ? 52   VAL A C   1 
ATOM   431  O  O   . VAL A 1 59  ? 16.316  -9.195  -12.316 1.00 21.63  ? 52   VAL A O   1 
ATOM   432  C  CB  . VAL A 1 59  ? 14.191  -10.939 -14.184 1.00 26.77  ? 52   VAL A CB  1 
ATOM   433  C  CG1 . VAL A 1 59  ? 13.581  -10.722 -12.797 1.00 29.08  ? 52   VAL A CG1 1 
ATOM   434  C  CG2 . VAL A 1 59  ? 13.150  -10.690 -15.266 1.00 21.67  ? 52   VAL A CG2 1 
ATOM   435  N  N   . GLN A 1 60  ? 17.168  -11.112 -12.980 1.00 18.53  ? 53   GLN A N   1 
ATOM   436  C  CA  . GLN A 1 60  ? 18.234  -11.068 -11.990 1.00 27.08  ? 53   GLN A CA  1 
ATOM   437  C  C   . GLN A 1 60  ? 19.088  -9.805  -12.042 1.00 22.79  ? 53   GLN A C   1 
ATOM   438  O  O   . GLN A 1 60  ? 19.352  -9.119  -11.057 1.00 21.58  ? 53   GLN A O   1 
ATOM   439  C  CB  . GLN A 1 60  ? 19.218  -12.240 -12.197 1.00 30.45  ? 53   GLN A CB  1 
ATOM   440  C  CG  . GLN A 1 60  ? 18.670  -13.585 -11.762 1.00 35.37  ? 53   GLN A CG  1 
ATOM   441  C  CD  . GLN A 1 60  ? 19.809  -14.573 -11.553 1.00 51.49  ? 53   GLN A CD  1 
ATOM   442  O  OE1 . GLN A 1 60  ? 20.958  -14.204 -11.315 1.00 65.26  ? 53   GLN A OE1 1 
ATOM   443  N  NE2 . GLN A 1 60  ? 19.450  -15.839 -11.632 1.00 49.03  ? 53   GLN A NE2 1 
ATOM   444  N  N   . GLU A 1 61  ? 19.586  -9.438  -13.219 1.00 24.47  ? 54   GLU A N   1 
ATOM   445  C  CA  . GLU A 1 61  ? 20.396  -8.217  -13.325 1.00 22.79  ? 54   GLU A CA  1 
ATOM   446  C  C   . GLU A 1 61  ? 19.611  -6.978  -12.942 1.00 18.86  ? 54   GLU A C   1 
ATOM   447  O  O   . GLU A 1 61  ? 20.129  -6.011  -12.383 1.00 27.91  ? 54   GLU A O   1 
ATOM   448  C  CB  . GLU A 1 61  ? 20.940  -8.093  -14.754 1.00 21.08  ? 54   GLU A CB  1 
ATOM   449  C  CG  . GLU A 1 61  ? 22.063  -7.088  -14.931 1.00 31.95  ? 54   GLU A CG  1 
ATOM   450  C  CD  . GLU A 1 61  ? 23.169  -7.288  -13.909 1.00 41.40  ? 54   GLU A CD  1 
ATOM   451  O  OE1 . GLU A 1 61  ? 23.760  -8.388  -13.874 1.00 63.52  ? 54   GLU A OE1 1 
ATOM   452  O  OE2 . GLU A 1 61  ? 23.439  -6.360  -13.123 1.00 47.57  ? 54   GLU A OE2 1 
ATOM   453  N  N   . LEU A 1 62  ? 18.316  -6.970  -13.262 1.00 22.77  ? 55   LEU A N   1 
ATOM   454  C  CA  . LEU A 1 62  ? 17.446  -5.882  -12.845 1.00 22.88  ? 55   LEU A CA  1 
ATOM   455  C  C   . LEU A 1 62  ? 17.378  -5.791  -11.324 1.00 21.88  ? 55   LEU A C   1 
ATOM   456  O  O   . LEU A 1 62  ? 17.408  -4.686  -10.786 1.00 20.86  ? 55   LEU A O   1 
ATOM   457  C  CB  . LEU A 1 62  ? 16.021  -6.039  -13.408 1.00 19.52  ? 55   LEU A CB  1 
ATOM   458  C  CG  . LEU A 1 62  ? 15.049  -4.902  -13.108 1.00 20.93  ? 55   LEU A CG  1 
ATOM   459  C  CD1 . LEU A 1 62  ? 15.575  -3.567  -13.621 1.00 24.18  ? 55   LEU A CD1 1 
ATOM   460  C  CD2 . LEU A 1 62  ? 13.683  -5.186  -13.718 1.00 21.18  ? 55   LEU A CD2 1 
ATOM   461  N  N   . ARG A 1 63  ? 17.262  -6.938  -10.666 1.00 18.49  ? 56   ARG A N   1 
ATOM   462  C  CA  . ARG A 1 63  ? 17.233  -6.931  -9.208  1.00 24.19  ? 56   ARG A CA  1 
ATOM   463  C  C   . ARG A 1 63  ? 18.569  -6.433  -8.661  1.00 20.52  ? 56   ARG A C   1 
ATOM   464  O  O   . ARG A 1 63  ? 18.640  -5.745  -7.652  1.00 20.46  ? 56   ARG A O   1 
ATOM   465  C  CB  . ARG A 1 63  ? 16.971  -8.312  -8.607  1.00 21.35  ? 56   ARG A CB  1 
ATOM   466  C  CG  . ARG A 1 63  ? 17.014  -8.372  -7.072  1.00 20.46  ? 56   ARG A CG  1 
ATOM   467  C  CD  . ARG A 1 63  ? 15.897  -7.597  -6.420  1.00 23.84  ? 56   ARG A CD  1 
ATOM   468  N  NE  . ARG A 1 63  ? 15.869  -7.499  -4.971  1.00 30.77  ? 56   ARG A NE  1 
ATOM   469  C  CZ  . ARG A 1 63  ? 15.218  -8.339  -4.167  1.00 43.65  ? 56   ARG A CZ  1 
ATOM   470  N  NH1 . ARG A 1 63  ? 14.545  -9.359  -4.683  1.00 65.30  ? 56   ARG A NH1 1 
ATOM   471  N  NH2 . ARG A 1 63  ? 15.212  -8.213  -2.846  1.00 44.83  ? 56   ARG A NH2 1 
ATOM   472  N  N   . ILE A 1 64  ? 19.635  -6.841  -9.325  1.00 22.03  ? 57   ILE A N   1 
ATOM   473  C  CA  . ILE A 1 64  ? 20.954  -6.397  -8.839  1.00 22.59  ? 57   ILE A CA  1 
ATOM   474  C  C   . ILE A 1 64  ? 21.032  -4.893  -9.051  1.00 27.58  ? 57   ILE A C   1 
ATOM   475  O  O   . ILE A 1 64  ? 21.517  -4.175  -8.168  1.00 30.50  ? 57   ILE A O   1 
ATOM   476  C  CB  . ILE A 1 64  ? 22.108  -7.165  -9.490  1.00 21.95  ? 57   ILE A CB  1 
ATOM   477  C  CG1 . ILE A 1 64  ? 22.252  -8.615  -9.004  1.00 26.01  ? 57   ILE A CG1 1 
ATOM   478  C  CG2 . ILE A 1 64  ? 23.442  -6.445  -9.303  1.00 25.34  ? 57   ILE A CG2 1 
ATOM   479  C  CD1 . ILE A 1 64  ? 23.106  -9.482  -9.902  1.00 34.55  ? 57   ILE A CD1 1 
ATOM   480  N  N   . ASN A 1 65  ? 20.533  -4.389  -10.185 1.00 23.12  ? 58   ASN A N   1 
ATOM   481  C  CA  . ASN A 1 65  ? 20.548  -2.930  -10.379 1.00 27.88  ? 58   ASN A CA  1 
ATOM   482  C  C   . ASN A 1 65  ? 19.638  -2.236  -9.379  1.00 31.38  ? 58   ASN A C   1 
ATOM   483  O  O   . ASN A 1 65  ? 19.909  -1.130  -8.900  1.00 29.91  ? 58   ASN A O   1 
ATOM   484  C  CB  . ASN A 1 65  ? 20.165  -2.568  -11.825 1.00 22.93  ? 58   ASN A CB  1 
ATOM   485  C  CG  . ASN A 1 65  ? 21.385  -2.794  -12.703 1.00 29.59  ? 58   ASN A CG  1 
ATOM   486  O  OD1 . ASN A 1 65  ? 22.474  -2.544  -12.197 1.00 26.83  ? 58   ASN A OD1 1 
ATOM   487  N  ND2 . ASN A 1 65  ? 21.249  -3.262  -13.931 1.00 27.33  ? 58   ASN A ND2 1 
HETATM 488  N  N   . MSE A 1 66  ? 18.526  -2.874  -9.017  1.00 20.98  ? 59   MSE A N   1 
HETATM 489  C  CA  . MSE A 1 66  ? 17.664  -2.290  -7.983  1.00 19.12  ? 59   MSE A CA  1 
HETATM 490  C  C   . MSE A 1 66  ? 18.463  -2.173  -6.682  1.00 24.48  ? 59   MSE A C   1 
HETATM 491  O  O   . MSE A 1 66  ? 18.468  -1.153  -5.976  1.00 28.56  ? 59   MSE A O   1 
HETATM 492  C  CB  . MSE A 1 66  ? 16.419  -3.144  -7.783  1.00 26.88  ? 59   MSE A CB  1 
HETATM 493  C  CG  . MSE A 1 66  ? 15.273  -3.116  -8.781  1.00 23.82  ? 59   MSE A CG  1 
HETATM 494  SE SE  . MSE A 1 66  ? 14.053  -4.444  -8.479  1.00 26.52  ? 59   MSE A SE  1 
HETATM 495  C  CE  . MSE A 1 66  ? 13.170  -3.613  -7.138  1.00 23.69  ? 59   MSE A CE  1 
ATOM   496  N  N   . GLN A 1 67  ? 19.185  -3.207  -6.268  1.00 22.77  ? 60   GLN A N   1 
ATOM   497  C  CA  . GLN A 1 67  ? 19.910  -3.138  -4.986  1.00 26.40  ? 60   GLN A CA  1 
ATOM   498  C  C   . GLN A 1 67  ? 21.002  -2.083  -5.021  1.00 26.75  ? 60   GLN A C   1 
ATOM   499  O  O   . GLN A 1 67  ? 21.190  -1.307  -4.090  1.00 30.88  ? 60   GLN A O   1 
ATOM   500  C  CB  . GLN A 1 67  ? 20.548  -4.481  -4.624  1.00 28.45  ? 60   GLN A CB  1 
ATOM   501  C  CG  . GLN A 1 67  ? 19.577  -5.653  -4.521  1.00 33.35  ? 60   GLN A CG  1 
ATOM   502  C  CD  . GLN A 1 67  ? 19.065  -5.937  -3.126  1.00 39.62  ? 60   GLN A CD  1 
ATOM   503  O  OE1 . GLN A 1 67  ? 18.861  -7.081  -2.700  1.00 55.30  ? 60   GLN A OE1 1 
ATOM   504  N  NE2 . GLN A 1 67  ? 18.822  -4.888  -2.354  1.00 33.47  ? 60   GLN A NE2 1 
ATOM   505  N  N   . LYS A 1 68  ? 21.747  -2.048  -6.113  1.00 23.16  ? 61   LYS A N   1 
ATOM   506  C  CA  . LYS A 1 68  ? 22.818  -1.083  -6.279  1.00 35.33  ? 61   LYS A CA  1 
ATOM   507  C  C   . LYS A 1 68  ? 22.301  0.352   -6.274  1.00 38.04  ? 61   LYS A C   1 
ATOM   508  O  O   . LYS A 1 68  ? 23.087  1.264   -5.978  1.00 39.11  ? 61   LYS A O   1 
ATOM   509  C  CB  . LYS A 1 68  ? 23.587  -1.328  -7.578  1.00 29.74  ? 61   LYS A CB  1 
ATOM   510  C  CG  . LYS A 1 68  ? 24.428  -2.601  -7.608  1.00 36.41  ? 61   LYS A CG  1 
ATOM   511  C  CD  . LYS A 1 68  ? 25.032  -2.735  -9.000  1.00 36.76  ? 61   LYS A CD  1 
ATOM   512  C  CE  . LYS A 1 68  ? 26.199  -3.698  -9.040  1.00 39.78  ? 61   LYS A CE  1 
ATOM   513  N  NZ  . LYS A 1 68  ? 26.620  -3.931  -10.455 1.00 33.55  ? 61   LYS A NZ  1 
ATOM   514  N  N   . ASN A 1 69  ? 21.032  0.563   -6.591  1.00 33.03  ? 62   ASN A N   1 
ATOM   515  C  CA  . ASN A 1 69  ? 20.462  1.912   -6.648  1.00 27.72  ? 62   ASN A CA  1 
ATOM   516  C  C   . ASN A 1 69  ? 19.643  2.225   -5.402  1.00 28.82  ? 62   ASN A C   1 
ATOM   517  O  O   . ASN A 1 69  ? 18.891  3.194   -5.351  1.00 32.41  ? 62   ASN A O   1 
ATOM   518  C  CB  . ASN A 1 69  ? 19.609  2.066   -7.915  1.00 35.11  ? 62   ASN A CB  1 
ATOM   519  C  CG  . ASN A 1 69  ? 20.468  2.321   -9.142  1.00 37.15  ? 62   ASN A CG  1 
ATOM   520  O  OD1 . ASN A 1 69  ? 21.059  1.428   -9.749  1.00 36.08  ? 62   ASN A OD1 1 
ATOM   521  N  ND2 . ASN A 1 69  ? 20.538  3.593   -9.513  1.00 41.72  ? 62   ASN A ND2 1 
ATOM   522  N  N   . PHE A 1 70  ? 19.792  1.380   -4.389  1.00 27.15  ? 63   PHE A N   1 
ATOM   523  C  CA  . PHE A 1 70  ? 19.068  1.420   -3.130  1.00 25.74  ? 63   PHE A CA  1 
ATOM   524  C  C   . PHE A 1 70  ? 17.565  1.501   -3.305  1.00 35.83  ? 63   PHE A C   1 
ATOM   525  O  O   . PHE A 1 70  ? 16.862  2.140   -2.526  1.00 31.84  ? 63   PHE A O   1 
ATOM   526  C  CB  . PHE A 1 70  ? 19.571  2.590   -2.259  1.00 23.61  ? 63   PHE A CB  1 
ATOM   527  C  CG  . PHE A 1 70  ? 20.979  2.255   -1.760  1.00 29.36  ? 63   PHE A CG  1 
ATOM   528  C  CD1 . PHE A 1 70  ? 21.183  1.936   -0.430  1.00 35.72  ? 63   PHE A CD1 1 
ATOM   529  C  CD2 . PHE A 1 70  ? 22.053  2.264   -2.637  1.00 35.13  ? 63   PHE A CD2 1 
ATOM   530  C  CE1 . PHE A 1 70  ? 22.455  1.631   0.030   1.00 34.34  ? 63   PHE A CE1 1 
ATOM   531  C  CE2 . PHE A 1 70  ? 23.323  1.959   -2.192  1.00 35.50  ? 63   PHE A CE2 1 
ATOM   532  C  CZ  . PHE A 1 70  ? 23.510  1.632   -0.859  1.00 30.77  ? 63   PHE A CZ  1 
ATOM   533  N  N   . ILE A 1 71  ? 17.022  0.822   -4.325  1.00 35.30  ? 64   ILE A N   1 
ATOM   534  C  CA  . ILE A 1 71  ? 15.560  0.771   -4.350  1.00 36.42  ? 64   ILE A CA  1 
ATOM   535  C  C   . ILE A 1 71  ? 15.100  -0.079  -3.175  1.00 42.89  ? 64   ILE A C   1 
ATOM   536  O  O   . ILE A 1 71  ? 15.691  -1.114  -2.850  1.00 50.82  ? 64   ILE A O   1 
ATOM   537  C  CB  . ILE A 1 71  ? 15.013  0.179   -5.645  1.00 42.79  ? 64   ILE A CB  1 
ATOM   538  C  CG1 . ILE A 1 71  ? 13.637  0.692   -6.060  1.00 45.44  ? 64   ILE A CG1 1 
ATOM   539  C  CG2 . ILE A 1 71  ? 14.902  -1.331  -5.513  1.00 63.73  ? 64   ILE A CG2 1 
ATOM   540  C  CD1 . ILE A 1 71  ? 12.565  -0.269  -5.598  1.00 50.44  ? 64   ILE A CD1 1 
ATOM   541  N  N   . SER A 1 72  ? 14.039  0.338   -2.486  1.00 47.02  ? 65   SER A N   1 
ATOM   542  C  CA  . SER A 1 72  ? 13.623  -0.424  -1.311  1.00 48.39  ? 65   SER A CA  1 
ATOM   543  C  C   . SER A 1 72  ? 12.114  -0.344  -1.129  1.00 39.65  ? 65   SER A C   1 
ATOM   544  O  O   . SER A 1 72  ? 11.540  0.734   -1.029  1.00 44.09  ? 65   SER A O   1 
ATOM   545  C  CB  . SER A 1 72  ? 14.319  0.093   -0.045  1.00 45.79  ? 65   SER A CB  1 
ATOM   546  O  OG  . SER A 1 72  ? 14.509  -0.955  0.898   1.00 50.86  ? 65   SER A OG  1 
ATOM   547  N  N   . PHE A 1 73  ? 11.492  -1.515  -1.079  1.00 40.06  ? 66   PHE A N   1 
ATOM   548  C  CA  . PHE A 1 73  ? 10.053  -1.561  -0.863  1.00 36.87  ? 66   PHE A CA  1 
ATOM   549  C  C   . PHE A 1 73  ? 9.746   -1.498  0.627   1.00 45.04  ? 66   PHE A C   1 
ATOM   550  O  O   . PHE A 1 73  ? 8.658   -1.081  1.009   1.00 48.81  ? 66   PHE A O   1 
ATOM   551  C  CB  . PHE A 1 73  ? 9.464   -2.830  -1.458  1.00 32.91  ? 66   PHE A CB  1 
ATOM   552  C  CG  . PHE A 1 73  ? 9.623   -2.920  -2.968  1.00 26.83  ? 66   PHE A CG  1 
ATOM   553  C  CD1 . PHE A 1 73  ? 9.593   -1.762  -3.740  1.00 34.42  ? 66   PHE A CD1 1 
ATOM   554  C  CD2 . PHE A 1 73  ? 9.784   -4.152  -3.566  1.00 30.77  ? 66   PHE A CD2 1 
ATOM   555  C  CE1 . PHE A 1 73  ? 9.725   -1.857  -5.113  1.00 34.14  ? 66   PHE A CE1 1 
ATOM   556  C  CE2 . PHE A 1 73  ? 9.950   -4.233  -4.944  1.00 35.80  ? 66   PHE A CE2 1 
ATOM   557  C  CZ  . PHE A 1 73  ? 9.933   -3.085  -5.710  1.00 29.92  ? 66   PHE A CZ  1 
ATOM   558  N  N   . ASP A 1 74  ? 10.731  -1.913  1.419   1.00 44.36  ? 67   ASP A N   1 
ATOM   559  C  CA  . ASP A 1 74  ? 10.599  -1.848  2.874   1.00 49.46  ? 67   ASP A CA  1 
ATOM   560  C  C   . ASP A 1 74  ? 10.087  -0.484  3.322   1.00 44.00  ? 67   ASP A C   1 
ATOM   561  O  O   . ASP A 1 74  ? 9.266   -0.360  4.236   1.00 40.94  ? 67   ASP A O   1 
ATOM   562  C  CB  . ASP A 1 74  ? 11.946  -2.200  3.514   1.00 47.84  ? 67   ASP A CB  1 
ATOM   563  C  CG  . ASP A 1 74  ? 12.284  -3.674  3.262   1.00 62.64  ? 67   ASP A CG  1 
ATOM   564  O  OD1 . ASP A 1 74  ? 13.479  -4.032  3.222   1.00 82.05  ? 67   ASP A OD1 1 
ATOM   565  O  OD2 . ASP A 1 74  ? 11.343  -4.472  3.096   1.00 63.99  ? 67   ASP A OD2 1 
ATOM   566  N  N   . ALA A 1 75  ? 10.553  0.572   2.651   1.00 33.54  ? 68   ALA A N   1 
ATOM   567  C  CA  . ALA A 1 75  ? 10.086  1.910   3.035   1.00 28.85  ? 68   ALA A CA  1 
ATOM   568  C  C   . ALA A 1 75  ? 8.578   2.031   2.877   1.00 44.80  ? 68   ALA A C   1 
ATOM   569  O  O   . ALA A 1 75  ? 7.901   2.577   3.751   1.00 51.45  ? 68   ALA A O   1 
ATOM   570  C  CB  . ALA A 1 75  ? 10.784  2.946   2.175   1.00 27.87  ? 68   ALA A CB  1 
ATOM   571  N  N   . TYR A 1 76  ? 8.041   1.533   1.759   1.00 48.38  ? 69   TYR A N   1 
ATOM   572  C  CA  . TYR A 1 76  ? 6.595   1.624   1.530   1.00 51.00  ? 69   TYR A CA  1 
ATOM   573  C  C   . TYR A 1 76  ? 5.849   0.811   2.594   1.00 38.91  ? 69   TYR A C   1 
ATOM   574  O  O   . TYR A 1 76  ? 4.712   1.171   2.894   1.00 37.03  ? 69   TYR A O   1 
ATOM   575  C  CB  . TYR A 1 76  ? 6.157   1.141   0.143   1.00 41.99  ? 69   TYR A CB  1 
ATOM   576  C  CG  . TYR A 1 76  ? 6.826   1.862   -1.000  1.00 49.22  ? 69   TYR A CG  1 
ATOM   577  C  CD1 . TYR A 1 76  ? 7.127   1.225   -2.197  1.00 45.78  ? 69   TYR A CD1 1 
ATOM   578  C  CD2 . TYR A 1 76  ? 7.165   3.207   -0.878  1.00 52.67  ? 69   TYR A CD2 1 
ATOM   579  C  CE1 . TYR A 1 76  ? 7.744   1.904   -3.232  1.00 46.25  ? 69   TYR A CE1 1 
ATOM   580  C  CE2 . TYR A 1 76  ? 7.783   3.888   -1.907  1.00 50.24  ? 69   TYR A CE2 1 
ATOM   581  C  CZ  . TYR A 1 76  ? 8.068   3.231   -3.083  1.00 55.99  ? 69   TYR A CZ  1 
ATOM   582  O  OH  . TYR A 1 76  ? 8.683   3.910   -4.112  1.00 82.86  ? 69   TYR A OH  1 
ATOM   583  N  N   . TYR A 1 77  ? 6.500   -0.228  3.093   1.00 40.71  ? 70   TYR A N   1 
ATOM   584  C  CA  . TYR A 1 77  ? 5.999   -1.085  4.158   1.00 47.23  ? 70   TYR A CA  1 
ATOM   585  C  C   . TYR A 1 77  ? 5.758   -0.227  5.401   1.00 47.09  ? 70   TYR A C   1 
ATOM   586  O  O   . TYR A 1 77  ? 4.710   -0.322  6.039   1.00 43.13  ? 70   TYR A O   1 
ATOM   587  C  CB  . TYR A 1 77  ? 6.947   -2.248  4.496   1.00 42.06  ? 70   TYR A CB  1 
ATOM   588  C  CG  . TYR A 1 77  ? 6.402   -3.148  5.590   1.00 46.49  ? 70   TYR A CG  1 
ATOM   589  C  CD1 . TYR A 1 77  ? 5.340   -3.998  5.331   1.00 47.08  ? 70   TYR A CD1 1 
ATOM   590  C  CD2 . TYR A 1 77  ? 6.916   -3.159  6.882   1.00 49.23  ? 70   TYR A CD2 1 
ATOM   591  C  CE1 . TYR A 1 77  ? 4.813   -4.831  6.298   1.00 56.98  ? 70   TYR A CE1 1 
ATOM   592  C  CE2 . TYR A 1 77  ? 6.396   -3.985  7.864   1.00 57.78  ? 70   TYR A CE2 1 
ATOM   593  C  CZ  . TYR A 1 77  ? 5.343   -4.825  7.571   1.00 63.47  ? 70   TYR A CZ  1 
ATOM   594  O  OH  . TYR A 1 77  ? 4.800   -5.665  8.521   1.00 62.97  ? 70   TYR A OH  1 
ATOM   595  N  N   . ASN A 1 78  ? 6.753   0.602   5.699   1.00 49.00  ? 71   ASN A N   1 
ATOM   596  C  CA  . ASN A 1 78  ? 6.712   1.473   6.870   1.00 52.58  ? 71   ASN A CA  1 
ATOM   597  C  C   . ASN A 1 78  ? 5.709   2.610   6.658   1.00 56.60  ? 71   ASN A C   1 
ATOM   598  O  O   . ASN A 1 78  ? 4.974   2.962   7.586   1.00 49.64  ? 71   ASN A O   1 
ATOM   599  C  CB  . ASN A 1 78  ? 8.084   2.032   7.212   1.00 48.32  ? 71   ASN A CB  1 
ATOM   600  C  CG  . ASN A 1 78  ? 9.179   1.012   7.451   1.00 57.61  ? 71   ASN A CG  1 
ATOM   601  O  OD1 . ASN A 1 78  ? 8.985   -0.158  7.801   1.00 51.73  ? 71   ASN A OD1 1 
ATOM   602  N  ND2 . ASN A 1 78  ? 10.415  1.467   7.259   1.00 57.96  ? 71   ASN A ND2 1 
ATOM   603  N  N   . TYR A 1 79  ? 5.679   3.164   5.448   1.00 49.55  ? 72   TYR A N   1 
ATOM   604  C  CA  . TYR A 1 79  ? 4.703   4.205   5.137   1.00 37.97  ? 72   TYR A CA  1 
ATOM   605  C  C   . TYR A 1 79  ? 3.297   3.702   5.477   1.00 38.25  ? 72   TYR A C   1 
ATOM   606  O  O   . TYR A 1 79  ? 2.550   4.348   6.210   1.00 46.19  ? 72   TYR A O   1 
ATOM   607  C  CB  . TYR A 1 79  ? 4.766   4.655   3.672   1.00 38.82  ? 72   TYR A CB  1 
ATOM   608  C  CG  . TYR A 1 79  ? 3.541   5.459   3.279   1.00 41.98  ? 72   TYR A CG  1 
ATOM   609  C  CD1 . TYR A 1 79  ? 3.381   6.778   3.696   1.00 39.53  ? 72   TYR A CD1 1 
ATOM   610  C  CD2 . TYR A 1 79  ? 2.538   4.901   2.501   1.00 36.15  ? 72   TYR A CD2 1 
ATOM   611  C  CE1 . TYR A 1 79  ? 2.261   7.505   3.339   1.00 30.39  ? 72   TYR A CE1 1 
ATOM   612  C  CE2 . TYR A 1 79  ? 1.414   5.622   2.143   1.00 39.50  ? 72   TYR A CE2 1 
ATOM   613  C  CZ  . TYR A 1 79  ? 1.278   6.931   2.567   1.00 39.16  ? 72   TYR A CZ  1 
ATOM   614  O  OH  . TYR A 1 79  ? 0.155   7.649   2.202   1.00 36.18  ? 72   TYR A OH  1 
ATOM   615  N  N   . LEU A 1 80  ? 2.933   2.531   4.960   1.00 37.57  ? 73   LEU A N   1 
ATOM   616  C  CA  . LEU A 1 80  ? 1.610   1.988   5.236   1.00 36.68  ? 73   LEU A CA  1 
ATOM   617  C  C   . LEU A 1 80  ? 1.372   1.712   6.715   1.00 43.10  ? 73   LEU A C   1 
ATOM   618  O  O   . LEU A 1 80  ? 0.271   2.012   7.195   1.00 35.87  ? 73   LEU A O   1 
ATOM   619  C  CB  . LEU A 1 80  ? 1.385   0.703   4.434   1.00 27.44  ? 73   LEU A CB  1 
ATOM   620  C  CG  . LEU A 1 80  ? 1.223   0.988   2.934   1.00 27.78  ? 73   LEU A CG  1 
ATOM   621  C  CD1 . LEU A 1 80  ? 1.230   -0.307  2.147   1.00 28.86  ? 73   LEU A CD1 1 
ATOM   622  C  CD2 . LEU A 1 80  ? -0.047  1.809   2.723   1.00 28.14  ? 73   LEU A CD2 1 
ATOM   623  N  N   . ASN A 1 81  ? 2.365   1.156   7.404   1.00 38.88  ? 74   ASN A N   1 
ATOM   624  C  CA  . ASN A 1 81  ? 2.191   0.909   8.839   1.00 46.69  ? 74   ASN A CA  1 
ATOM   625  C  C   . ASN A 1 81  ? 1.933   2.219   9.576   1.00 39.99  ? 74   ASN A C   1 
ATOM   626  O  O   . ASN A 1 81  ? 1.024   2.327   10.396  1.00 48.18  ? 74   ASN A O   1 
ATOM   627  C  CB  . ASN A 1 81  ? 3.411   0.187   9.420   1.00 51.15  ? 74   ASN A CB  1 
ATOM   628  C  CG  . ASN A 1 81  ? 3.180   -0.316  10.828  1.00 58.33  ? 74   ASN A CG  1 
ATOM   629  O  OD1 . ASN A 1 81  ? 2.906   -1.504  11.047  1.00 69.19  ? 74   ASN A OD1 1 
ATOM   630  N  ND2 . ASN A 1 81  ? 3.289   0.576   11.812  1.00 64.96  ? 74   ASN A ND2 1 
ATOM   631  N  N   . ASN A 1 82  ? 2.737   3.243   9.307   1.00 40.93  ? 75   ASN A N   1 
ATOM   632  C  CA  . ASN A 1 82  ? 2.578   4.549   9.925   1.00 35.86  ? 75   ASN A CA  1 
ATOM   633  C  C   . ASN A 1 82  ? 1.190   5.131   9.669   1.00 52.11  ? 75   ASN A C   1 
ATOM   634  O  O   . ASN A 1 82  ? 0.520   5.616   10.573  1.00 44.63  ? 75   ASN A O   1 
ATOM   635  C  CB  . ASN A 1 82  ? 3.616   5.530   9.389   1.00 34.09  ? 75   ASN A CB  1 
ATOM   636  C  CG  . ASN A 1 82  ? 5.026   5.090   9.738   1.00 42.55  ? 75   ASN A CG  1 
ATOM   637  O  OD1 . ASN A 1 82  ? 5.197   4.089   10.436  1.00 44.33  ? 75   ASN A OD1 1 
ATOM   638  N  ND2 . ASN A 1 82  ? 6.010   5.838   9.247   1.00 52.02  ? 75   ASN A ND2 1 
ATOM   639  N  N   . LEU A 1 83  ? 0.775   5.083   8.406   1.00 51.24  ? 76   LEU A N   1 
ATOM   640  C  CA  . LEU A 1 83  ? -0.530  5.566   7.994   1.00 36.30  ? 76   LEU A CA  1 
ATOM   641  C  C   . LEU A 1 83  ? -1.661  4.834   8.694   1.00 31.51  ? 76   LEU A C   1 
ATOM   642  O  O   . LEU A 1 83  ? -2.603  5.431   9.207   1.00 52.55  ? 76   LEU A O   1 
ATOM   643  C  CB  . LEU A 1 83  ? -0.708  5.382   6.471   1.00 34.51  ? 76   LEU A CB  1 
ATOM   644  C  CG  . LEU A 1 83  ? -2.094  5.817   5.974   1.00 35.02  ? 76   LEU A CG  1 
ATOM   645  C  CD1 . LEU A 1 83  ? -1.959  7.043   5.088   1.00 42.81  ? 76   LEU A CD1 1 
ATOM   646  C  CD2 . LEU A 1 83  ? -2.792  4.680   5.251   1.00 29.53  ? 76   LEU A CD2 1 
ATOM   647  N  N   . VAL A 1 84  ? -1.579  3.505   8.691   1.00 30.28  ? 77   VAL A N   1 
ATOM   648  C  CA  . VAL A 1 84  ? -2.612  2.687   9.315   1.00 34.41  ? 77   VAL A CA  1 
ATOM   649  C  C   . VAL A 1 84  ? -2.724  2.987   10.809  1.00 48.24  ? 77   VAL A C   1 
ATOM   650  O  O   . VAL A 1 84  ? -3.842  3.090   11.322  1.00 39.43  ? 77   VAL A O   1 
ATOM   651  C  CB  . VAL A 1 84  ? -2.349  1.190   9.105   1.00 38.07  ? 77   VAL A CB  1 
ATOM   652  C  CG1 . VAL A 1 84  ? -3.253  0.327   9.983   1.00 37.73  ? 77   VAL A CG1 1 
ATOM   653  C  CG2 . VAL A 1 84  ? -2.541  0.855   7.631   1.00 31.36  ? 77   VAL A CG2 1 
ATOM   654  N  N   . LEU A 1 85  ? -1.570  3.116   11.455  1.00 46.30  ? 78   LEU A N   1 
ATOM   655  C  CA  . LEU A 1 85  ? -1.520  3.389   12.883  1.00 44.49  ? 78   LEU A CA  1 
ATOM   656  C  C   . LEU A 1 85  ? -2.162  4.742   13.182  1.00 48.18  ? 78   LEU A C   1 
ATOM   657  O  O   . LEU A 1 85  ? -3.029  4.849   14.052  1.00 41.82  ? 78   LEU A O   1 
ATOM   658  C  CB  . LEU A 1 85  ? -0.079  3.327   13.380  1.00 40.19  ? 78   LEU A CB  1 
ATOM   659  C  CG  . LEU A 1 85  ? 0.127   3.478   14.891  1.00 45.05  ? 78   LEU A CG  1 
ATOM   660  C  CD1 . LEU A 1 85  ? -0.554  2.352   15.653  1.00 42.19  ? 78   LEU A CD1 1 
ATOM   661  C  CD2 . LEU A 1 85  ? 1.608   3.537   15.219  1.00 53.02  ? 78   LEU A CD2 1 
ATOM   662  N  N   . ALA A 1 86  ? -1.711  5.744   12.436  1.00 43.57  ? 79   ALA A N   1 
ATOM   663  C  CA  . ALA A 1 86  ? -2.137  7.121   12.596  1.00 36.22  ? 79   ALA A CA  1 
ATOM   664  C  C   . ALA A 1 86  ? -3.649  7.267   12.380  1.00 42.06  ? 79   ALA A C   1 
ATOM   665  O  O   . ALA A 1 86  ? -4.243  8.094   13.077  1.00 47.96  ? 79   ALA A O   1 
ATOM   666  C  CB  . ALA A 1 86  ? -1.416  8.074   11.656  1.00 30.83  ? 79   ALA A CB  1 
ATOM   667  N  N   . SER A 1 87  ? -4.193  6.495   11.463  1.00 37.58  ? 80   SER A N   1 
ATOM   668  C  CA  . SER A 1 87  ? -5.603  6.428   11.115  1.00 39.45  ? 80   SER A CA  1 
ATOM   669  C  C   . SER A 1 87  ? -6.390  5.781   12.257  1.00 45.10  ? 80   SER A C   1 
ATOM   670  O  O   . SER A 1 87  ? -7.481  6.221   12.612  1.00 40.27  ? 80   SER A O   1 
ATOM   671  C  CB  . SER A 1 87  ? -5.809  5.642   9.816   1.00 40.57  ? 80   SER A CB  1 
ATOM   672  O  OG  . SER A 1 87  ? -5.414  6.375   8.668   1.00 40.49  ? 80   SER A OG  1 
ATOM   673  N  N   . TYR A 1 88  ? -5.807  4.728   12.823  1.00 38.13  ? 81   TYR A N   1 
ATOM   674  C  CA  . TYR A 1 88  ? -6.372  3.991   13.939  1.00 43.25  ? 81   TYR A CA  1 
ATOM   675  C  C   . TYR A 1 88  ? -6.488  4.861   15.193  1.00 46.91  ? 81   TYR A C   1 
ATOM   676  O  O   . TYR A 1 88  ? -7.499  4.840   15.878  1.00 42.20  ? 81   TYR A O   1 
ATOM   677  C  CB  . TYR A 1 88  ? -5.508  2.787   14.293  1.00 49.96  ? 81   TYR A CB  1 
ATOM   678  C  CG  . TYR A 1 88  ? -5.948  2.035   15.529  1.00 47.63  ? 81   TYR A CG  1 
ATOM   679  C  CD1 . TYR A 1 88  ? -5.159  2.013   16.669  1.00 40.81  ? 81   TYR A CD1 1 
ATOM   680  C  CD2 . TYR A 1 88  ? -7.149  1.339   15.546  1.00 51.91  ? 81   TYR A CD2 1 
ATOM   681  C  CE1 . TYR A 1 88  ? -5.553  1.327   17.803  1.00 43.10  ? 81   TYR A CE1 1 
ATOM   682  C  CE2 . TYR A 1 88  ? -7.547  0.650   16.675  1.00 50.18  ? 81   TYR A CE2 1 
ATOM   683  C  CZ  . TYR A 1 88  ? -6.749  0.643   17.795  1.00 42.18  ? 81   TYR A CZ  1 
ATOM   684  O  OH  . TYR A 1 88  ? -7.155  -0.043  18.917  1.00 35.30  ? 81   TYR A OH  1 
ATOM   685  N  N   . ASN A 1 89  ? -5.415  5.599   15.427  1.00 47.16  ? 82   ASN A N   1 
ATOM   686  C  CA  . ASN A 1 89  ? -5.261  6.502   16.549  1.00 44.44  ? 82   ASN A CA  1 
ATOM   687  C  C   . ASN A 1 89  ? -6.261  7.647   16.461  1.00 49.98  ? 82   ASN A C   1 
ATOM   688  O  O   . ASN A 1 89  ? -6.795  8.060   17.491  1.00 41.34  ? 82   ASN A O   1 
ATOM   689  C  CB  . ASN A 1 89  ? -3.830  7.021   16.591  1.00 46.01  ? 82   ASN A CB  1 
ATOM   690  C  CG  . ASN A 1 89  ? -2.845  6.010   17.148  1.00 49.04  ? 82   ASN A CG  1 
ATOM   691  O  OD1 . ASN A 1 89  ? -1.629  6.206   17.045  1.00 42.18  ? 82   ASN A OD1 1 
ATOM   692  N  ND2 . ASN A 1 89  ? -3.339  4.934   17.745  1.00 40.55  ? 82   ASN A ND2 1 
ATOM   693  N  N   . ARG A 1 90  ? -6.519  8.143   15.258  1.00 48.68  ? 83   ARG A N   1 
ATOM   694  C  CA  . ARG A 1 90  ? -7.532  9.179   15.042  1.00 48.16  ? 83   ARG A CA  1 
ATOM   695  C  C   . ARG A 1 90  ? -8.937  8.631   15.253  1.00 43.51  ? 83   ARG A C   1 
ATOM   696  O  O   . ARG A 1 90  ? -9.771  9.187   15.970  1.00 37.56  ? 83   ARG A O   1 
ATOM   697  C  CB  . ARG A 1 90  ? -7.389  9.755   13.635  1.00 45.34  ? 83   ARG A CB  1 
ATOM   698  C  CG  . ARG A 1 90  ? -8.381  10.825  13.229  1.00 45.50  ? 83   ARG A CG  1 
ATOM   699  C  CD  . ARG A 1 90  ? -8.633  11.842  14.331  1.00 55.54  ? 83   ARG A CD  1 
ATOM   700  N  NE  . ARG A 1 90  ? -9.904  12.545  14.132  1.00 53.36  ? 83   ARG A NE  1 
ATOM   701  C  CZ  . ARG A 1 90  ? -10.201 13.715  14.685  1.00 55.49  ? 83   ARG A CZ  1 
ATOM   702  N  NH1 . ARG A 1 90  ? -11.378 14.273  14.445  1.00 50.82  ? 83   ARG A NH1 1 
ATOM   703  N  NH2 . ARG A 1 90  ? -9.334  14.333  15.475  1.00 38.14  ? 83   ARG A NH2 1 
ATOM   704  N  N   . CYS A 1 91  ? -9.248  7.497   14.627  1.00 38.07  ? 84   CYS A N   1 
ATOM   705  C  CA  . CYS A 1 91  ? -10.577 6.916   14.782  1.00 42.83  ? 84   CYS A CA  1 
ATOM   706  C  C   . CYS A 1 91  ? -10.871 6.462   16.205  1.00 54.39  ? 84   CYS A C   1 
ATOM   707  O  O   . CYS A 1 91  ? -12.029 6.522   16.645  1.00 58.44  ? 84   CYS A O   1 
ATOM   708  C  CB  . CYS A 1 91  ? -10.746 5.735   13.816  1.00 41.30  ? 84   CYS A CB  1 
ATOM   709  S  SG  . CYS A 1 91  ? -10.618 6.235   12.072  1.00 38.15  ? 84   CYS A SG  1 
ATOM   710  N  N   . LYS A 1 92  ? -9.859  6.005   16.937  1.00 53.17  ? 85   LYS A N   1 
ATOM   711  C  CA  . LYS A 1 92  ? -10.089 5.511   18.289  1.00 57.15  ? 85   LYS A CA  1 
ATOM   712  C  C   . LYS A 1 92  ? -10.511 6.646   19.231  1.00 54.24  ? 85   LYS A C   1 
ATOM   713  O  O   . LYS A 1 92  ? -11.405 6.420   20.049  1.00 58.19  ? 85   LYS A O   1 
ATOM   714  C  CB  . LYS A 1 92  ? -8.858  4.802   18.857  1.00 57.51  ? 85   LYS A CB  1 
ATOM   715  C  CG  . LYS A 1 92  ? -9.219  3.797   19.945  1.00 62.98  ? 85   LYS A CG  1 
ATOM   716  C  CD  . LYS A 1 92  ? -8.259  2.621   19.954  1.00 71.73  ? 85   LYS A CD  1 
ATOM   717  C  CE  . LYS A 1 92  ? -8.031  2.051   21.340  1.00 73.03  ? 85   LYS A CE  1 
ATOM   718  N  NZ  . LYS A 1 92  ? -7.475  3.075   22.275  1.00 68.66  ? 85   LYS A NZ  1 
ATOM   719  N  N   . GLN A 1 93  ? -9.865  7.785   19.069  1.00 45.27  ? 86   GLN A N   1 
ATOM   720  C  CA  . GLN A 1 93  ? -10.083 9.030   19.770  1.00 46.14  ? 86   GLN A CA  1 
ATOM   721  C  C   . GLN A 1 93  ? -11.470 9.568   19.419  1.00 57.10  ? 86   GLN A C   1 
ATOM   722  O  O   . GLN A 1 93  ? -12.254 9.937   20.291  1.00 51.11  ? 86   GLN A O   1 
ATOM   723  C  CB  . GLN A 1 93  ? -9.017  10.066  19.419  1.00 48.84  ? 86   GLN A CB  1 
ATOM   724  C  CG  . GLN A 1 93  ? -9.499  11.509  19.438  1.00 52.24  ? 86   GLN A CG  1 
ATOM   725  C  CD  . GLN A 1 93  ? -8.369  12.506  19.629  1.00 64.35  ? 86   GLN A CD  1 
ATOM   726  O  OE1 . GLN A 1 93  ? -8.561  13.724  19.557  1.00 68.53  ? 86   GLN A OE1 1 
ATOM   727  N  NE2 . GLN A 1 93  ? -7.166  11.992  19.884  1.00 65.82  ? 86   GLN A NE2 1 
ATOM   728  N  N   . GLU A 1 94  ? -11.757 9.590   18.120  1.00 58.66  ? 87   GLU A N   1 
ATOM   729  C  CA  . GLU A 1 94  ? -13.094 9.978   17.676  1.00 57.08  ? 87   GLU A CA  1 
ATOM   730  C  C   . GLU A 1 94  ? -14.109 9.059   18.354  1.00 59.08  ? 87   GLU A C   1 
ATOM   731  O  O   . GLU A 1 94  ? -15.061 9.524   18.985  1.00 62.95  ? 87   GLU A O   1 
ATOM   732  C  CB  . GLU A 1 94  ? -13.228 9.921   16.157  1.00 55.85  ? 87   GLU A CB  1 
ATOM   733  C  CG  . GLU A 1 94  ? -12.516 11.044  15.421  1.00 54.68  ? 87   GLU A CG  1 
ATOM   734  C  CD  . GLU A 1 94  ? -12.885 11.150  13.955  1.00 50.88  ? 87   GLU A CD  1 
ATOM   735  O  OE1 . GLU A 1 94  ? -13.957 10.672  13.529  1.00 48.08  ? 87   GLU A OE1 1 
ATOM   736  O  OE2 . GLU A 1 94  ? -12.082 11.748  13.208  1.00 41.44  ? 87   GLU A OE2 1 
ATOM   737  N  N   . LYS A 1 95  ? -13.869 7.753   18.216  1.00 52.83  ? 88   LYS A N   1 
ATOM   738  C  CA  . LYS A 1 95  ? -14.759 6.752   18.786  1.00 47.54  ? 88   LYS A CA  1 
ATOM   739  C  C   . LYS A 1 95  ? -15.014 7.030   20.262  1.00 55.57  ? 88   LYS A C   1 
ATOM   740  O  O   . LYS A 1 95  ? -16.141 6.942   20.745  1.00 52.92  ? 88   LYS A O   1 
ATOM   741  C  CB  . LYS A 1 95  ? -14.208 5.335   18.627  1.00 50.36  ? 88   LYS A CB  1 
ATOM   742  C  CG  . LYS A 1 95  ? -15.323 4.296   18.548  1.00 52.25  ? 88   LYS A CG  1 
ATOM   743  C  CD  . LYS A 1 95  ? -14.792 2.872   18.651  1.00 47.39  ? 88   LYS A CD  1 
ATOM   744  C  CE  . LYS A 1 95  ? -15.200 2.233   19.970  1.00 53.77  ? 88   LYS A CE  1 
ATOM   745  N  NZ  . LYS A 1 95  ? -15.514 0.786   19.804  1.00 66.61  ? 88   LYS A NZ  1 
ATOM   746  N  N   . THR A 1 96  ? -13.955 7.369   20.997  1.00 58.38  ? 89   THR A N   1 
ATOM   747  C  CA  . THR A 1 96  ? -14.159 7.594   22.424  1.00 60.46  ? 89   THR A CA  1 
ATOM   748  C  C   . THR A 1 96  ? -15.031 8.829   22.652  1.00 55.73  ? 89   THR A C   1 
ATOM   749  O  O   . THR A 1 96  ? -16.023 8.734   23.377  1.00 57.58  ? 89   THR A O   1 
ATOM   750  C  CB  . THR A 1 96  ? -12.828 7.743   23.178  1.00 65.02  ? 89   THR A CB  1 
ATOM   751  O  OG1 . THR A 1 96  ? -11.979 6.632   22.885  1.00 51.45  ? 89   THR A OG1 1 
ATOM   752  C  CG2 . THR A 1 96  ? -13.067 7.729   24.687  1.00 70.18  ? 89   THR A CG2 1 
ATOM   753  N  N   . PHE A 1 97  ? -14.663 9.948   22.050  1.00 51.04  ? 90   PHE A N   1 
ATOM   754  C  CA  . PHE A 1 97  ? -15.374 11.211  22.174  1.00 43.57  ? 90   PHE A CA  1 
ATOM   755  C  C   . PHE A 1 97  ? -16.825 11.089  21.731  1.00 47.53  ? 90   PHE A C   1 
ATOM   756  O  O   . PHE A 1 97  ? -17.674 11.840  22.221  1.00 55.46  ? 90   PHE A O   1 
ATOM   757  C  CB  . PHE A 1 97  ? -14.715 12.327  21.356  1.00 51.10  ? 90   PHE A CB  1 
ATOM   758  C  CG  . PHE A 1 97  ? -15.344 13.694  21.598  1.00 56.36  ? 90   PHE A CG  1 
ATOM   759  C  CD1 . PHE A 1 97  ? -14.939 14.476  22.665  1.00 61.56  ? 90   PHE A CD1 1 
ATOM   760  C  CD2 . PHE A 1 97  ? -16.326 14.181  20.756  1.00 54.63  ? 90   PHE A CD2 1 
ATOM   761  C  CE1 . PHE A 1 97  ? -15.503 15.718  22.897  1.00 61.54  ? 90   PHE A CE1 1 
ATOM   762  C  CE2 . PHE A 1 97  ? -16.898 15.418  20.973  1.00 55.05  ? 90   PHE A CE2 1 
ATOM   763  C  CZ  . PHE A 1 97  ? -16.487 16.189  22.047  1.00 62.28  ? 90   PHE A CZ  1 
ATOM   764  N  N   . ALA A 1 98  ? -17.137 10.167  20.822  1.00 45.94  ? 91   ALA A N   1 
ATOM   765  C  CA  . ALA A 1 98  ? -18.552 10.015  20.473  1.00 49.97  ? 91   ALA A CA  1 
ATOM   766  C  C   . ALA A 1 98  ? -19.310 9.298   21.593  1.00 56.40  ? 91   ALA A C   1 
ATOM   767  O  O   . ALA A 1 98  ? -20.453 9.634   21.908  1.00 53.17  ? 91   ALA A O   1 
ATOM   768  C  CB  . ALA A 1 98  ? -18.721 9.272   19.164  1.00 44.03  ? 91   ALA A CB  1 
ATOM   769  N  N   . GLU A 1 99  ? -18.671 8.297   22.188  1.00 53.56  ? 92   GLU A N   1 
ATOM   770  C  CA  . GLU A 1 99  ? -19.271 7.513   23.262  1.00 52.91  ? 92   GLU A CA  1 
ATOM   771  C  C   . GLU A 1 99  ? -19.293 8.335   24.549  1.00 60.30  ? 92   GLU A C   1 
ATOM   772  O  O   . GLU A 1 99  ? -19.957 7.986   25.521  1.00 60.58  ? 92   GLU A O   1 
ATOM   773  C  CB  . GLU A 1 99  ? -18.529 6.202   23.504  1.00 43.72  ? 92   GLU A CB  1 
ATOM   774  C  CG  . GLU A 1 99  ? -18.257 5.370   22.273  1.00 41.97  ? 92   GLU A CG  1 
ATOM   775  C  CD  . GLU A 1 99  ? -17.205 4.299   22.493  1.00 47.41  ? 92   GLU A CD  1 
ATOM   776  O  OE1 . GLU A 1 99  ? -16.153 4.612   23.095  1.00 44.47  ? 92   GLU A OE1 1 
ATOM   777  O  OE2 . GLU A 1 99  ? -17.453 3.151   22.057  1.00 49.54  ? 92   GLU A OE2 1 
ATOM   778  N  N   . SER A 1 100 ? -18.559 9.444   24.545  1.00 63.17  ? 93   SER A N   1 
ATOM   779  C  CA  . SER A 1 100 ? -18.561 10.326  25.708  1.00 73.00  ? 93   SER A CA  1 
ATOM   780  C  C   . SER A 1 100 ? -19.553 11.470  25.506  1.00 76.47  ? 93   SER A C   1 
ATOM   781  O  O   . SER A 1 100 ? -19.865 12.205  26.443  1.00 98.68  ? 93   SER A O   1 
ATOM   782  C  CB  . SER A 1 100 ? -17.166 10.898  25.970  1.00 73.07  ? 93   SER A CB  1 
ATOM   783  O  OG  . SER A 1 100 ? -16.252 9.909   26.406  1.00 74.34  ? 93   SER A OG  1 
ATOM   784  N  N   . THR A 1 101 ? -20.019 11.617  24.266  1.00 64.91  ? 94   THR A N   1 
ATOM   785  C  CA  . THR A 1 101 ? -20.792 12.791  23.888  1.00 62.78  ? 94   THR A CA  1 
ATOM   786  C  C   . THR A 1 101 ? -22.185 12.473  23.368  1.00 58.32  ? 94   THR A C   1 
ATOM   787  O  O   . THR A 1 101 ? -23.021 13.380  23.307  1.00 65.23  ? 94   THR A O   1 
ATOM   788  C  CB  . THR A 1 101 ? -20.030 13.579  22.792  1.00 63.82  ? 94   THR A CB  1 
ATOM   789  O  OG1 . THR A 1 101 ? -18.808 14.102  23.327  1.00 76.77  ? 94   THR A OG1 1 
ATOM   790  C  CG2 . THR A 1 101 ? -20.838 14.775  22.309  1.00 53.03  ? 94   THR A CG2 1 
ATOM   791  N  N   . ILE A 1 102 ? -22.457 11.235  22.977  1.00 47.91  ? 95   ILE A N   1 
ATOM   792  C  CA  . ILE A 1 102 ? -23.676 10.938  22.222  1.00 46.58  ? 95   ILE A CA  1 
ATOM   793  C  C   . ILE A 1 102 ? -24.563 9.958   22.967  1.00 51.89  ? 95   ILE A C   1 
ATOM   794  O  O   . ILE A 1 102 ? -24.243 8.782   23.125  1.00 53.60  ? 95   ILE A O   1 
ATOM   795  C  CB  . ILE A 1 102 ? -23.298 10.412  20.820  1.00 43.09  ? 95   ILE A CB  1 
ATOM   796  C  CG1 . ILE A 1 102 ? -22.375 11.365  20.054  1.00 40.77  ? 95   ILE A CG1 1 
ATOM   797  C  CG2 . ILE A 1 102 ? -24.519 10.080  19.987  1.00 39.78  ? 95   ILE A CG2 1 
ATOM   798  C  CD1 . ILE A 1 102 ? -22.310 11.138  18.569  1.00 44.42  ? 95   ILE A CD1 1 
ATOM   799  N  N   . LYS A 1 103 ? -25.707 10.443  23.456  1.00 57.29  ? 96   LYS A N   1 
ATOM   800  C  CA  . LYS A 1 103 ? -26.549 9.639   24.333  1.00 51.60  ? 96   LYS A CA  1 
ATOM   801  C  C   . LYS A 1 103 ? -27.403 8.635   23.584  1.00 40.80  ? 96   LYS A C   1 
ATOM   802  O  O   . LYS A 1 103 ? -27.618 7.513   24.045  1.00 52.03  ? 96   LYS A O   1 
ATOM   803  C  CB  . LYS A 1 103 ? -27.458 10.540  25.191  1.00 55.03  ? 96   LYS A CB  1 
ATOM   804  C  CG  . LYS A 1 103 ? -26.836 10.860  26.545  1.00 52.48  ? 96   LYS A CG  1 
ATOM   805  C  CD  . LYS A 1 103 ? -25.475 11.514  26.356  1.00 63.84  ? 96   LYS A CD  1 
ATOM   806  C  CE  . LYS A 1 103 ? -24.463 11.073  27.404  1.00 65.85  ? 96   LYS A CE  1 
ATOM   807  N  NZ  . LYS A 1 103 ? -23.364 12.078  27.549  1.00 62.56  ? 96   LYS A NZ  1 
ATOM   808  N  N   . ASN A 1 104 ? -27.928 8.997   22.418  1.00 37.91  ? 97   ASN A N   1 
ATOM   809  C  CA  . ASN A 1 104 ? -28.750 8.007   21.719  1.00 41.37  ? 97   ASN A CA  1 
ATOM   810  C  C   . ASN A 1 104 ? -27.867 6.905   21.140  1.00 51.47  ? 97   ASN A C   1 
ATOM   811  O  O   . ASN A 1 104 ? -27.046 7.172   20.261  1.00 52.49  ? 97   ASN A O   1 
ATOM   812  C  CB  . ASN A 1 104 ? -29.575 8.684   20.629  1.00 42.47  ? 97   ASN A CB  1 
ATOM   813  C  CG  . ASN A 1 104 ? -30.617 7.769   20.021  1.00 52.19  ? 97   ASN A CG  1 
ATOM   814  O  OD1 . ASN A 1 104 ? -30.282 6.748   19.422  1.00 54.20  ? 97   ASN A OD1 1 
ATOM   815  N  ND2 . ASN A 1 104 ? -31.885 8.138   20.168  1.00 49.29  ? 97   ASN A ND2 1 
ATOM   816  N  N   . GLU A 1 105 ? -28.046 5.696   21.642  1.00 60.34  ? 98   GLU A N   1 
ATOM   817  C  CA  . GLU A 1 105 ? -27.294 4.508   21.267  1.00 65.04  ? 98   GLU A CA  1 
ATOM   818  C  C   . GLU A 1 105 ? -27.361 4.229   19.772  1.00 62.78  ? 98   GLU A C   1 
ATOM   819  O  O   . GLU A 1 105 ? -26.372 3.815   19.158  1.00 65.66  ? 98   GLU A O   1 
ATOM   820  C  CB  . GLU A 1 105 ? -27.797 3.300   22.076  1.00 68.80  ? 98   GLU A CB  1 
ATOM   821  C  CG  . GLU A 1 105 ? -27.180 3.227   23.467  1.00 77.54  ? 98   GLU A CG  1 
ATOM   822  C  CD  . GLU A 1 105 ? -28.051 2.530   24.496  1.00 86.26  ? 98   GLU A CD  1 
ATOM   823  O  OE1 . GLU A 1 105 ? -27.912 1.295   24.673  1.00 107.52 ? 98   GLU A OE1 1 
ATOM   824  O  OE2 . GLU A 1 105 ? -28.886 3.186   25.154  1.00 78.43  ? 98   GLU A OE2 1 
ATOM   825  N  N   . LEU A 1 106 ? -28.508 4.447   19.133  1.00 49.24  ? 99   LEU A N   1 
ATOM   826  C  CA  . LEU A 1 106 ? -28.576 4.202   17.692  1.00 48.89  ? 99   LEU A CA  1 
ATOM   827  C  C   . LEU A 1 106 ? -27.826 5.275   16.910  1.00 55.64  ? 99   LEU A C   1 
ATOM   828  O  O   . LEU A 1 106 ? -27.132 5.021   15.919  1.00 48.31  ? 99   LEU A O   1 
ATOM   829  C  CB  . LEU A 1 106 ? -30.034 4.127   17.256  1.00 57.62  ? 99   LEU A CB  1 
ATOM   830  C  CG  . LEU A 1 106 ? -30.854 2.933   17.740  1.00 63.46  ? 99   LEU A CG  1 
ATOM   831  C  CD1 . LEU A 1 106 ? -31.133 2.993   19.234  1.00 70.66  ? 99   LEU A CD1 1 
ATOM   832  C  CD2 . LEU A 1 106 ? -32.165 2.853   16.963  1.00 65.87  ? 99   LEU A CD2 1 
ATOM   833  N  N   . THR A 1 107 ? -27.955 6.526   17.343  1.00 43.07  ? 100  THR A N   1 
ATOM   834  C  CA  . THR A 1 107 ? -27.202 7.611   16.734  1.00 43.21  ? 100  THR A CA  1 
ATOM   835  C  C   . THR A 1 107 ? -25.706 7.360   16.922  1.00 47.66  ? 100  THR A C   1 
ATOM   836  O  O   . THR A 1 107 ? -24.870 7.796   16.123  1.00 44.24  ? 100  THR A O   1 
ATOM   837  C  CB  . THR A 1 107 ? -27.581 8.975   17.336  1.00 38.64  ? 100  THR A CB  1 
ATOM   838  O  OG1 . THR A 1 107 ? -28.980 9.231   17.119  1.00 40.18  ? 100  THR A OG1 1 
ATOM   839  C  CG2 . THR A 1 107 ? -26.827 10.115  16.661  1.00 35.02  ? 100  THR A CG2 1 
ATOM   840  N  N   . LEU A 1 108 ? -25.352 6.657   18.001  1.00 43.11  ? 101  LEU A N   1 
ATOM   841  C  CA  . LEU A 1 108 ? -23.919 6.479   18.289  1.00 53.99  ? 101  LEU A CA  1 
ATOM   842  C  C   . LEU A 1 108 ? -23.380 5.427   17.321  1.00 57.10  ? 101  LEU A C   1 
ATOM   843  O  O   . LEU A 1 108 ? -22.231 5.493   16.886  1.00 54.27  ? 101  LEU A O   1 
ATOM   844  C  CB  . LEU A 1 108 ? -23.678 6.132   19.747  1.00 56.04  ? 101  LEU A CB  1 
ATOM   845  C  CG  . LEU A 1 108 ? -22.312 5.621   20.199  1.00 54.54  ? 101  LEU A CG  1 
ATOM   846  C  CD1 . LEU A 1 108 ? -21.214 6.643   19.965  1.00 49.81  ? 101  LEU A CD1 1 
ATOM   847  C  CD2 . LEU A 1 108 ? -22.337 5.236   21.677  1.00 44.83  ? 101  LEU A CD2 1 
ATOM   848  N  N   . GLY A 1 109 ? -24.268 4.492   16.998  1.00 50.69  ? 102  GLY A N   1 
ATOM   849  C  CA  . GLY A 1 109 ? -24.004 3.491   15.979  1.00 57.35  ? 102  GLY A CA  1 
ATOM   850  C  C   . GLY A 1 109 ? -23.729 4.157   14.642  1.00 56.20  ? 102  GLY A C   1 
ATOM   851  O  O   . GLY A 1 109 ? -22.823 3.730   13.924  1.00 74.78  ? 102  GLY A O   1 
ATOM   852  N  N   . GLU A 1 110 ? -24.492 5.199   14.320  1.00 46.56  ? 103  GLU A N   1 
ATOM   853  C  CA  . GLU A 1 110 ? -24.285 5.938   13.084  1.00 48.38  ? 103  GLU A CA  1 
ATOM   854  C  C   . GLU A 1 110 ? -22.816 6.344   12.941  1.00 50.82  ? 103  GLU A C   1 
ATOM   855  O  O   . GLU A 1 110 ? -22.207 6.208   11.883  1.00 38.53  ? 103  GLU A O   1 
ATOM   856  C  CB  . GLU A 1 110 ? -25.130 7.208   13.020  1.00 52.89  ? 103  GLU A CB  1 
ATOM   857  C  CG  . GLU A 1 110 ? -26.605 7.021   12.727  1.00 57.74  ? 103  GLU A CG  1 
ATOM   858  C  CD  . GLU A 1 110 ? -26.831 6.383   11.370  1.00 58.45  ? 103  GLU A CD  1 
ATOM   859  O  OE1 . GLU A 1 110 ? -26.706 5.146   11.294  1.00 62.16  ? 103  GLU A OE1 1 
ATOM   860  O  OE2 . GLU A 1 110 ? -27.122 7.112   10.399  1.00 47.91  ? 103  GLU A OE2 1 
ATOM   861  N  N   . PHE A 1 111 ? -22.283 6.856   14.044  1.00 48.94  ? 104  PHE A N   1 
ATOM   862  C  CA  . PHE A 1 111 ? -20.950 7.449   14.044  1.00 54.16  ? 104  PHE A CA  1 
ATOM   863  C  C   . PHE A 1 111 ? -19.874 6.372   14.136  1.00 52.81  ? 104  PHE A C   1 
ATOM   864  O  O   . PHE A 1 111 ? -18.816 6.495   13.527  1.00 45.50  ? 104  PHE A O   1 
ATOM   865  C  CB  . PHE A 1 111 ? -20.809 8.456   15.189  1.00 46.56  ? 104  PHE A CB  1 
ATOM   866  C  CG  . PHE A 1 111 ? -21.379 9.829   14.870  1.00 42.62  ? 104  PHE A CG  1 
ATOM   867  C  CD1 . PHE A 1 111 ? -20.683 10.745  14.112  1.00 46.52  ? 104  PHE A CD1 1 
ATOM   868  C  CD2 . PHE A 1 111 ? -22.627 10.203  15.344  1.00 46.41  ? 104  PHE A CD2 1 
ATOM   869  C  CE1 . PHE A 1 111 ? -21.181 12.003  13.819  1.00 50.88  ? 104  PHE A CE1 1 
ATOM   870  C  CE2 . PHE A 1 111 ? -23.138 11.458  15.070  1.00 49.24  ? 104  PHE A CE2 1 
ATOM   871  C  CZ  . PHE A 1 111 ? -22.422 12.366  14.311  1.00 54.95  ? 104  PHE A CZ  1 
ATOM   872  N  N   . VAL A 1 112 ? -20.156 5.317   14.894  1.00 50.34  ? 105  VAL A N   1 
ATOM   873  C  CA  . VAL A 1 112 ? -19.186 4.230   15.028  1.00 50.23  ? 105  VAL A CA  1 
ATOM   874  C  C   . VAL A 1 112 ? -19.061 3.488   13.707  1.00 50.64  ? 105  VAL A C   1 
ATOM   875  O  O   . VAL A 1 112 ? -17.962 3.116   13.283  1.00 45.79  ? 105  VAL A O   1 
ATOM   876  C  CB  . VAL A 1 112 ? -19.590 3.314   16.192  1.00 56.09  ? 105  VAL A CB  1 
ATOM   877  C  CG1 . VAL A 1 112 ? -19.104 1.885   16.017  1.00 48.26  ? 105  VAL A CG1 1 
ATOM   878  C  CG2 . VAL A 1 112 ? -19.047 3.912   17.493  1.00 53.94  ? 105  VAL A CG2 1 
ATOM   879  N  N   . ALA A 1 113 ? -20.173 3.278   13.012  1.00 43.88  ? 106  ALA A N   1 
ATOM   880  C  CA  . ALA A 1 113 ? -20.123 2.659   11.695  1.00 50.46  ? 106  ALA A CA  1 
ATOM   881  C  C   . ALA A 1 113 ? -19.436 3.546   10.656  1.00 54.35  ? 106  ALA A C   1 
ATOM   882  O  O   . ALA A 1 113 ? -18.667 3.057   9.827   1.00 55.34  ? 106  ALA A O   1 
ATOM   883  C  CB  . ALA A 1 113 ? -21.531 2.317   11.236  1.00 56.20  ? 106  ALA A CB  1 
ATOM   884  N  N   . GLU A 1 114 ? -19.699 4.848   10.668  1.00 47.91  ? 107  GLU A N   1 
ATOM   885  C  CA  . GLU A 1 114 ? -19.075 5.735   9.691   1.00 50.40  ? 107  GLU A CA  1 
ATOM   886  C  C   . GLU A 1 114 ? -17.561 5.772   9.880   1.00 50.32  ? 107  GLU A C   1 
ATOM   887  O  O   . GLU A 1 114 ? -16.789 5.718   8.927   1.00 41.48  ? 107  GLU A O   1 
ATOM   888  C  CB  . GLU A 1 114 ? -19.625 7.156   9.800   1.00 48.37  ? 107  GLU A CB  1 
ATOM   889  C  CG  . GLU A 1 114 ? -18.967 8.179   8.894   1.00 49.53  ? 107  GLU A CG  1 
ATOM   890  C  CD  . GLU A 1 114 ? -19.499 8.206   7.477   1.00 49.03  ? 107  GLU A CD  1 
ATOM   891  O  OE1 . GLU A 1 114 ? -19.305 9.225   6.785   1.00 56.90  ? 107  GLU A OE1 1 
ATOM   892  O  OE2 . GLU A 1 114 ? -20.108 7.207   7.036   1.00 58.76  ? 107  GLU A OE2 1 
ATOM   893  N  N   . ILE A 1 115 ? -17.170 5.884   11.145  1.00 45.04  ? 108  ILE A N   1 
ATOM   894  C  CA  . ILE A 1 115 ? -15.773 6.043   11.513  1.00 42.36  ? 108  ILE A CA  1 
ATOM   895  C  C   . ILE A 1 115 ? -14.944 4.829   11.113  1.00 41.25  ? 108  ILE A C   1 
ATOM   896  O  O   . ILE A 1 115 ? -13.854 4.951   10.558  1.00 37.13  ? 108  ILE A O   1 
ATOM   897  C  CB  . ILE A 1 115 ? -15.643 6.276   13.027  1.00 42.59  ? 108  ILE A CB  1 
ATOM   898  C  CG1 . ILE A 1 115 ? -15.825 7.743   13.433  1.00 45.38  ? 108  ILE A CG1 1 
ATOM   899  C  CG2 . ILE A 1 115 ? -14.324 5.722   13.545  1.00 49.05  ? 108  ILE A CG2 1 
ATOM   900  C  CD1 . ILE A 1 115 ? -15.969 7.945   14.927  1.00 53.43  ? 108  ILE A CD1 1 
ATOM   901  N  N   . SER A 1 116 ? -15.454 3.640   11.402  1.00 43.83  ? 109  SER A N   1 
ATOM   902  C  CA  . SER A 1 116 ? -14.691 2.433   11.107  1.00 47.87  ? 109  SER A CA  1 
ATOM   903  C  C   . SER A 1 116 ? -14.723 2.095   9.621   1.00 47.97  ? 109  SER A C   1 
ATOM   904  O  O   . SER A 1 116 ? -13.736 1.598   9.076   1.00 45.87  ? 109  SER A O   1 
ATOM   905  C  CB  . SER A 1 116 ? -15.236 1.282   11.958  1.00 50.04  ? 109  SER A CB  1 
ATOM   906  O  OG  . SER A 1 116 ? -16.582 0.998   11.602  1.00 62.70  ? 109  SER A OG  1 
ATOM   907  N  N   . ASP A 1 117 ? -15.832 2.360   8.948   1.00 48.25  ? 110  ASP A N   1 
ATOM   908  C  CA  . ASP A 1 117 ? -15.989 2.137   7.519   1.00 44.06  ? 110  ASP A CA  1 
ATOM   909  C  C   . ASP A 1 117 ? -15.059 3.058   6.728   1.00 43.82  ? 110  ASP A C   1 
ATOM   910  O  O   . ASP A 1 117 ? -14.577 2.685   5.665   1.00 44.42  ? 110  ASP A O   1 
ATOM   911  C  CB  . ASP A 1 117 ? -17.410 2.382   7.031   1.00 45.28  ? 110  ASP A CB  1 
ATOM   912  C  CG  . ASP A 1 117 ? -18.420 1.316   7.377   1.00 43.60  ? 110  ASP A CG  1 
ATOM   913  O  OD1 . ASP A 1 117 ? -18.052 0.173   7.708   1.00 56.35  ? 110  ASP A OD1 1 
ATOM   914  O  OD2 . ASP A 1 117 ? -19.626 1.625   7.302   1.00 48.99  ? 110  ASP A OD2 1 
ATOM   915  N  N   . ASN A 1 118 ? -14.815 4.263   7.245   1.00 35.83  ? 111  ASN A N   1 
ATOM   916  C  CA  . ASN A 1 118 ? -13.914 5.154   6.526   1.00 39.32  ? 111  ASN A CA  1 
ATOM   917  C  C   . ASN A 1 118 ? -12.462 4.789   6.827   1.00 49.38  ? 111  ASN A C   1 
ATOM   918  O  O   . ASN A 1 118 ? -11.580 5.064   6.008   1.00 40.94  ? 111  ASN A O   1 
ATOM   919  C  CB  . ASN A 1 118 ? -14.185 6.619   6.872   1.00 36.08  ? 111  ASN A CB  1 
ATOM   920  C  CG  . ASN A 1 118 ? -15.475 7.113   6.247   1.00 44.39  ? 111  ASN A CG  1 
ATOM   921  O  OD1 . ASN A 1 118 ? -16.005 6.491   5.321   1.00 56.17  ? 111  ASN A OD1 1 
ATOM   922  N  ND2 . ASN A 1 118 ? -15.980 8.236   6.751   1.00 46.14  ? 111  ASN A ND2 1 
ATOM   923  N  N   . PHE A 1 119 ? -12.242 4.187   7.993   1.00 48.15  ? 112  PHE A N   1 
ATOM   924  C  CA  . PHE A 1 119 ? -10.924 3.661   8.351   1.00 45.14  ? 112  PHE A CA  1 
ATOM   925  C  C   . PHE A 1 119 ? -10.616 2.486   7.421   1.00 40.67  ? 112  PHE A C   1 
ATOM   926  O  O   . PHE A 1 119 ? -9.543  2.398   6.826   1.00 45.41  ? 112  PHE A O   1 
ATOM   927  C  CB  . PHE A 1 119 ? -10.824 3.239   9.814   1.00 33.84  ? 112  PHE A CB  1 
ATOM   928  C  CG  . PHE A 1 119 ? -9.583  2.441   10.179  1.00 32.31  ? 112  PHE A CG  1 
ATOM   929  C  CD1 . PHE A 1 119 ? -9.595  1.055   10.205  1.00 36.44  ? 112  PHE A CD1 1 
ATOM   930  C  CD2 . PHE A 1 119 ? -8.399  3.078   10.492  1.00 33.97  ? 112  PHE A CD2 1 
ATOM   931  C  CE1 . PHE A 1 119 ? -8.464  0.322   10.517  1.00 32.45  ? 112  PHE A CE1 1 
ATOM   932  C  CE2 . PHE A 1 119 ? -7.250  2.358   10.792  1.00 33.67  ? 112  PHE A CE2 1 
ATOM   933  C  CZ  . PHE A 1 119 ? -7.278  0.980   10.793  1.00 29.19  ? 112  PHE A CZ  1 
ATOM   934  N  N   . ASN A 1 120 ? -11.586 1.578   7.304   1.00 33.27  ? 113  ASN A N   1 
ATOM   935  C  CA  . ASN A 1 120 ? -11.350 0.401   6.482   1.00 40.98  ? 113  ASN A CA  1 
ATOM   936  C  C   . ASN A 1 120 ? -11.021 0.802   5.040   1.00 48.80  ? 113  ASN A C   1 
ATOM   937  O  O   . ASN A 1 120 ? -10.132 0.208   4.433   1.00 41.31  ? 113  ASN A O   1 
ATOM   938  C  CB  . ASN A 1 120 ? -12.549 -0.543  6.476   1.00 43.09  ? 113  ASN A CB  1 
ATOM   939  C  CG  . ASN A 1 120 ? -12.174 -1.910  5.923   1.00 53.63  ? 113  ASN A CG  1 
ATOM   940  O  OD1 . ASN A 1 120 ? -11.107 -2.432  6.250   1.00 50.56  ? 113  ASN A OD1 1 
ATOM   941  N  ND2 . ASN A 1 120 ? -13.020 -2.511  5.094   1.00 40.61  ? 113  ASN A ND2 1 
ATOM   942  N  N   . ASN A 1 121 ? -11.739 1.785   4.522   1.00 43.37  ? 114  ASN A N   1 
ATOM   943  C  CA  . ASN A 1 121 ? -11.668 2.187   3.126   1.00 45.77  ? 114  ASN A CA  1 
ATOM   944  C  C   . ASN A 1 121 ? -10.485 3.074   2.802   1.00 45.16  ? 114  ASN A C   1 
ATOM   945  O  O   . ASN A 1 121 ? -9.842  2.950   1.744   1.00 38.88  ? 114  ASN A O   1 
ATOM   946  C  CB  . ASN A 1 121 ? -12.986 2.897   2.748   1.00 49.49  ? 114  ASN A CB  1 
ATOM   947  C  CG  . ASN A 1 121 ? -14.073 1.833   2.626   1.00 52.56  ? 114  ASN A CG  1 
ATOM   948  O  OD1 . ASN A 1 121 ? -15.255 2.116   2.760   1.00 67.43  ? 114  ASN A OD1 1 
ATOM   949  N  ND2 . ASN A 1 121 ? -13.634 0.607   2.373   1.00 45.31  ? 114  ASN A ND2 1 
ATOM   950  N  N   . PHE A 1 122 ? -10.186 3.989   3.724   1.00 36.39  ? 115  PHE A N   1 
ATOM   951  C  CA  . PHE A 1 122 ? -9.041  4.866   3.481   1.00 34.95  ? 115  PHE A CA  1 
ATOM   952  C  C   . PHE A 1 122 ? -7.741  4.075   3.538   1.00 45.60  ? 115  PHE A C   1 
ATOM   953  O  O   . PHE A 1 122 ? -6.830  4.278   2.733   1.00 40.03  ? 115  PHE A O   1 
ATOM   954  C  CB  . PHE A 1 122 ? -9.073  5.986   4.508   1.00 36.53  ? 115  PHE A CB  1 
ATOM   955  C  CG  . PHE A 1 122 ? -7.822  6.842   4.593   1.00 40.53  ? 115  PHE A CG  1 
ATOM   956  C  CD1 . PHE A 1 122 ? -6.892  6.630   5.590   1.00 37.68  ? 115  PHE A CD1 1 
ATOM   957  C  CD2 . PHE A 1 122 ? -7.582  7.854   3.682   1.00 43.93  ? 115  PHE A CD2 1 
ATOM   958  C  CE1 . PHE A 1 122 ? -5.753  7.407   5.671   1.00 33.71  ? 115  PHE A CE1 1 
ATOM   959  C  CE2 . PHE A 1 122 ? -6.454  8.644   3.768   1.00 41.25  ? 115  PHE A CE2 1 
ATOM   960  C  CZ  . PHE A 1 122 ? -5.533  8.430   4.776   1.00 31.83  ? 115  PHE A CZ  1 
ATOM   961  N  N   . THR A 1 123 ? -7.626  3.148   4.495   1.00 41.51  ? 116  THR A N   1 
ATOM   962  C  CA  . THR A 1 123 ? -6.371  2.423   4.635   1.00 38.20  ? 116  THR A CA  1 
ATOM   963  C  C   . THR A 1 123 ? -6.217  1.399   3.513   1.00 33.18  ? 116  THR A C   1 
ATOM   964  O  O   . THR A 1 123 ? -5.139  1.323   2.922   1.00 30.42  ? 116  THR A O   1 
ATOM   965  C  CB  . THR A 1 123 ? -6.218  1.678   5.975   1.00 34.08  ? 116  THR A CB  1 
ATOM   966  O  OG1 . THR A 1 123 ? -7.329  0.805   6.168   1.00 34.36  ? 116  THR A OG1 1 
ATOM   967  C  CG2 . THR A 1 123 ? -6.208  2.662   7.133   1.00 31.00  ? 116  THR A CG2 1 
ATOM   968  N  N   . CYS A 1 124 ? -7.287  0.657   3.262   1.00 33.42  ? 117  CYS A N   1 
ATOM   969  C  CA  . CYS A 1 124 ? -7.275  -0.371  2.220   1.00 42.67  ? 117  CYS A CA  1 
ATOM   970  C  C   . CYS A 1 124 ? -7.019  0.225   0.842   1.00 49.32  ? 117  CYS A C   1 
ATOM   971  O  O   . CYS A 1 124 ? -6.371  -0.394  -0.011  1.00 36.81  ? 117  CYS A O   1 
ATOM   972  C  CB  . CYS A 1 124 ? -8.579  -1.168  2.252   1.00 34.51  ? 117  CYS A CB  1 
ATOM   973  S  SG  . CYS A 1 124 ? -8.582  -2.466  3.520   1.00 42.24  ? 117  CYS A SG  1 
ATOM   974  N  N   . ASP A 1 125 ? -7.491  1.438   0.565   1.00 49.53  ? 118  ASP A N   1 
ATOM   975  C  CA  . ASP A 1 125 ? -7.191  2.046   -0.728  1.00 38.51  ? 118  ASP A CA  1 
ATOM   976  C  C   . ASP A 1 125 ? -5.735  2.478   -0.769  1.00 39.02  ? 118  ASP A C   1 
ATOM   977  O  O   . ASP A 1 125 ? -5.079  2.448   -1.809  1.00 41.95  ? 118  ASP A O   1 
ATOM   978  C  CB  . ASP A 1 125 ? -8.077  3.252   -1.023  1.00 37.35  ? 118  ASP A CB  1 
ATOM   979  C  CG  . ASP A 1 125 ? -9.531  2.896   -1.270  1.00 47.75  ? 118  ASP A CG  1 
ATOM   980  O  OD1 . ASP A 1 125 ? -9.867  1.698   -1.357  1.00 49.40  ? 118  ASP A OD1 1 
ATOM   981  O  OD2 . ASP A 1 125 ? -10.352 3.841   -1.367  1.00 57.55  ? 118  ASP A OD2 1 
ATOM   982  N  N   . GLU A 1 126 ? -5.179  2.912   0.369   1.00 32.65  ? 119  GLU A N   1 
ATOM   983  C  CA  . GLU A 1 126 ? -3.778  3.336   0.252   1.00 30.61  ? 119  GLU A CA  1 
ATOM   984  C  C   . GLU A 1 126 ? -2.865  2.122   0.094   1.00 29.72  ? 119  GLU A C   1 
ATOM   985  O  O   . GLU A 1 126 ? -1.859  2.224   -0.615  1.00 36.21  ? 119  GLU A O   1 
ATOM   986  C  CB  . GLU A 1 126 ? -3.337  4.193   1.435   1.00 38.15  ? 119  GLU A CB  1 
ATOM   987  C  CG  . GLU A 1 126 ? -3.723  5.658   1.307   1.00 37.27  ? 119  GLU A CG  1 
ATOM   988  C  CD  . GLU A 1 126 ? -2.917  6.353   0.224   1.00 41.74  ? 119  GLU A CD  1 
ATOM   989  O  OE1 . GLU A 1 126 ? -3.528  6.788   -0.769  1.00 45.96  ? 119  GLU A OE1 1 
ATOM   990  O  OE2 . GLU A 1 126 ? -1.680  6.460   0.363   1.00 37.02  ? 119  GLU A OE2 1 
ATOM   991  N  N   . VAL A 1 127 ? -3.180  0.998   0.718   1.00 34.40  ? 120  VAL A N   1 
ATOM   992  C  CA  . VAL A 1 127 ? -2.419  -0.236  0.523   1.00 32.77  ? 120  VAL A CA  1 
ATOM   993  C  C   . VAL A 1 127 ? -2.503  -0.718  -0.923  1.00 32.87  ? 120  VAL A C   1 
ATOM   994  O  O   . VAL A 1 127 ? -1.523  -1.203  -1.492  1.00 33.64  ? 120  VAL A O   1 
ATOM   995  C  CB  . VAL A 1 127 ? -2.899  -1.381  1.434   1.00 30.05  ? 120  VAL A CB  1 
ATOM   996  C  CG1 . VAL A 1 127 ? -2.165  -2.666  1.093   1.00 34.70  ? 120  VAL A CG1 1 
ATOM   997  C  CG2 . VAL A 1 127 ? -2.698  -1.053  2.905   1.00 37.94  ? 120  VAL A CG2 1 
ATOM   998  N  N   . ALA A 1 128 ? -3.654  -0.608  -1.577  1.00 31.95  ? 121  ALA A N   1 
ATOM   999  C  CA  . ALA A 1 128 ? -3.793  -0.998  -2.982  1.00 28.71  ? 121  ALA A CA  1 
ATOM   1000 C  C   . ALA A 1 128 ? -3.008  -0.086  -3.911  1.00 29.79  ? 121  ALA A C   1 
ATOM   1001 O  O   . ALA A 1 128 ? -2.440  -0.450  -4.940  1.00 47.03  ? 121  ALA A O   1 
ATOM   1002 C  CB  . ALA A 1 128 ? -5.254  -0.984  -3.401  1.00 40.30  ? 121  ALA A CB  1 
ATOM   1003 N  N   . ARG A 1 129 ? -2.953  1.191   -3.552  1.00 29.81  ? 122  ARG A N   1 
ATOM   1004 C  CA  . ARG A 1 129 ? -2.192  2.108   -4.391  1.00 33.72  ? 122  ARG A CA  1 
ATOM   1005 C  C   . ARG A 1 129 ? -0.711  1.757   -4.331  1.00 35.81  ? 122  ARG A C   1 
ATOM   1006 O  O   . ARG A 1 129 ? 0.017   1.694   -5.321  1.00 26.91  ? 122  ARG A O   1 
ATOM   1007 C  CB  . ARG A 1 129 ? -2.498  3.523   -3.907  1.00 30.07  ? 122  ARG A CB  1 
ATOM   1008 C  CG  . ARG A 1 129 ? -1.595  4.589   -4.504  1.00 41.78  ? 122  ARG A CG  1 
ATOM   1009 C  CD  . ARG A 1 129 ? -2.080  5.975   -4.093  1.00 47.06  ? 122  ARG A CD  1 
ATOM   1010 N  NE  . ARG A 1 129 ? -1.401  6.410   -2.871  1.00 42.61  ? 122  ARG A NE  1 
ATOM   1011 C  CZ  . ARG A 1 129 ? -0.191  6.957   -2.865  1.00 37.15  ? 122  ARG A CZ  1 
ATOM   1012 N  NH1 . ARG A 1 129 ? 0.470   7.138   -3.998  1.00 46.04  ? 122  ARG A NH1 1 
ATOM   1013 N  NH2 . ARG A 1 129 ? 0.357   7.328   -1.719  1.00 40.73  ? 122  ARG A NH2 1 
ATOM   1014 N  N   . ILE A 1 130 ? -0.239  1.528   -3.103  1.00 39.04  ? 123  ILE A N   1 
ATOM   1015 C  CA  . ILE A 1 130 ? 1.159   1.186   -2.892  1.00 32.96  ? 123  ILE A CA  1 
ATOM   1016 C  C   . ILE A 1 130 ? 1.425   -0.187  -3.507  1.00 30.35  ? 123  ILE A C   1 
ATOM   1017 O  O   . ILE A 1 130 ? 2.493   -0.374  -4.090  1.00 28.13  ? 123  ILE A O   1 
ATOM   1018 C  CB  . ILE A 1 130 ? 1.578   1.179   -1.421  1.00 29.31  ? 123  ILE A CB  1 
ATOM   1019 C  CG1 . ILE A 1 130 ? 2.154   2.518   -0.930  1.00 34.50  ? 123  ILE A CG1 1 
ATOM   1020 C  CG2 . ILE A 1 130 ? 2.587   0.077   -1.153  1.00 28.00  ? 123  ILE A CG2 1 
ATOM   1021 C  CD1 . ILE A 1 130 ? 1.310   3.717   -1.300  1.00 28.92  ? 123  ILE A CD1 1 
ATOM   1022 N  N   . SER A 1 131 ? 0.453   -1.093  -3.360  1.00 23.01  ? 124  SER A N   1 
ATOM   1023 C  CA  . SER A 1 131 ? 0.620   -2.408  -3.964  1.00 30.40  ? 124  SER A CA  1 
ATOM   1024 C  C   . SER A 1 131 ? 0.770   -2.328  -5.489  1.00 32.39  ? 124  SER A C   1 
ATOM   1025 O  O   . SER A 1 131 ? 1.654   -2.972  -6.063  1.00 28.15  ? 124  SER A O   1 
ATOM   1026 C  CB  . SER A 1 131 ? -0.557  -3.317  -3.628  1.00 28.75  ? 124  SER A CB  1 
ATOM   1027 O  OG  . SER A 1 131 ? -0.313  -4.589  -4.205  1.00 29.64  ? 124  SER A OG  1 
ATOM   1028 N  N   . ASP A 1 132 ? -0.071  -1.543  -6.142  1.00 26.42  ? 125  ASP A N   1 
ATOM   1029 C  CA  . ASP A 1 132 ? 0.020   -1.295  -7.578  1.00 22.89  ? 125  ASP A CA  1 
ATOM   1030 C  C   . ASP A 1 132 ? 1.355   -0.671  -7.957  1.00 24.61  ? 125  ASP A C   1 
ATOM   1031 O  O   . ASP A 1 132 ? 1.989   -1.046  -8.942  1.00 30.17  ? 125  ASP A O   1 
ATOM   1032 C  CB  . ASP A 1 132 ? -1.127  -0.380  -8.016  1.00 33.51  ? 125  ASP A CB  1 
ATOM   1033 C  CG  . ASP A 1 132 ? -2.469  -1.069  -8.107  1.00 33.79  ? 125  ASP A CG  1 
ATOM   1034 O  OD1 . ASP A 1 132 ? -3.490  -0.363  -8.234  1.00 39.42  ? 125  ASP A OD1 1 
ATOM   1035 O  OD2 . ASP A 1 132 ? -2.537  -2.311  -8.061  1.00 45.53  ? 125  ASP A OD2 1 
ATOM   1036 N  N   . LEU A 1 133 ? 1.850   0.299   -7.189  1.00 19.73  ? 126  LEU A N   1 
ATOM   1037 C  CA  . LEU A 1 133 ? 3.146   0.877   -7.517  1.00 25.58  ? 126  LEU A CA  1 
ATOM   1038 C  C   . LEU A 1 133 ? 4.269   -0.147  -7.427  1.00 28.46  ? 126  LEU A C   1 
ATOM   1039 O  O   . LEU A 1 133 ? 5.165   -0.196  -8.266  1.00 20.20  ? 126  LEU A O   1 
ATOM   1040 C  CB  . LEU A 1 133 ? 3.431   2.055   -6.579  1.00 27.34  ? 126  LEU A CB  1 
ATOM   1041 C  CG  . LEU A 1 133 ? 4.810   2.715   -6.660  1.00 31.08  ? 126  LEU A CG  1 
ATOM   1042 C  CD1 . LEU A 1 133 ? 4.962   3.544   -7.924  1.00 26.14  ? 126  LEU A CD1 1 
ATOM   1043 C  CD2 . LEU A 1 133 ? 5.029   3.577   -5.413  1.00 31.94  ? 126  LEU A CD2 1 
ATOM   1044 N  N   . VAL A 1 134 ? 4.252   -0.991  -6.396  1.00 26.98  ? 127  VAL A N   1 
ATOM   1045 C  CA  . VAL A 1 134 ? 5.384   -1.906  -6.250  1.00 23.98  ? 127  VAL A CA  1 
ATOM   1046 C  C   . VAL A 1 134 ? 5.372   -2.953  -7.361  1.00 26.81  ? 127  VAL A C   1 
ATOM   1047 O  O   . VAL A 1 134 ? 6.425   -3.324  -7.879  1.00 23.38  ? 127  VAL A O   1 
ATOM   1048 C  CB  . VAL A 1 134 ? 5.380   -2.574  -4.869  1.00 27.16  ? 127  VAL A CB  1 
ATOM   1049 C  CG1 . VAL A 1 134 ? 6.414   -3.691  -4.800  1.00 25.31  ? 127  VAL A CG1 1 
ATOM   1050 C  CG2 . VAL A 1 134 ? 5.673   -1.527  -3.797  1.00 24.02  ? 127  VAL A CG2 1 
ATOM   1051 N  N   . ALA A 1 135 ? 4.163   -3.384  -7.705  1.00 18.23  ? 128  ALA A N   1 
ATOM   1052 C  CA  . ALA A 1 135 ? 3.979   -4.322  -8.783  1.00 22.58  ? 128  ALA A CA  1 
ATOM   1053 C  C   . ALA A 1 135 ? 4.485   -3.731  -10.106 1.00 25.28  ? 128  ALA A C   1 
ATOM   1054 O  O   . ALA A 1 135 ? 4.981   -4.480  -10.952 1.00 29.50  ? 128  ALA A O   1 
ATOM   1055 C  CB  . ALA A 1 135 ? 2.521   -4.731  -8.924  1.00 22.56  ? 128  ALA A CB  1 
ATOM   1056 N  N   . SER A 1 136 ? 4.363   -2.422  -10.308 1.00 22.40  ? 129  SER A N   1 
ATOM   1057 C  CA  . SER A 1 136 ? 4.830   -1.831  -11.561 1.00 21.59  ? 129  SER A CA  1 
ATOM   1058 C  C   . SER A 1 136 ? 6.336   -1.812  -11.735 1.00 19.85  ? 129  SER A C   1 
ATOM   1059 O  O   . SER A 1 136 ? 6.763   -1.370  -12.811 1.00 21.56  ? 129  SER A O   1 
ATOM   1060 C  CB  . SER A 1 136 ? 4.305   -0.383  -11.662 1.00 24.44  ? 129  SER A CB  1 
ATOM   1061 O  OG  . SER A 1 136 ? 5.193   0.461   -10.938 1.00 20.20  ? 129  SER A OG  1 
ATOM   1062 N  N   . TYR A 1 137 ? 7.151   -2.257  -10.769 1.00 19.27  ? 130  TYR A N   1 
ATOM   1063 C  CA  . TYR A 1 137 ? 8.605   -2.400  -10.986 1.00 15.55  ? 130  TYR A CA  1 
ATOM   1064 C  C   . TYR A 1 137 ? 8.971   -3.593  -11.865 1.00 24.40  ? 130  TYR A C   1 
ATOM   1065 O  O   . TYR A 1 137 ? 10.110  -3.817  -12.287 1.00 19.21  ? 130  TYR A O   1 
ATOM   1066 C  CB  . TYR A 1 137 ? 9.320   -2.525  -9.626  1.00 18.05  ? 130  TYR A CB  1 
ATOM   1067 C  CG  . TYR A 1 137 ? 9.636   -1.143  -9.055  1.00 24.07  ? 130  TYR A CG  1 
ATOM   1068 C  CD1 . TYR A 1 137 ? 10.876  -0.570  -9.297  1.00 22.58  ? 130  TYR A CD1 1 
ATOM   1069 C  CD2 . TYR A 1 137 ? 8.694   -0.437  -8.312  1.00 17.28  ? 130  TYR A CD2 1 
ATOM   1070 C  CE1 . TYR A 1 137 ? 11.195  0.686   -8.800  1.00 24.52  ? 130  TYR A CE1 1 
ATOM   1071 C  CE2 . TYR A 1 137 ? 8.997   0.817   -7.812  1.00 18.21  ? 130  TYR A CE2 1 
ATOM   1072 C  CZ  . TYR A 1 137 ? 10.245  1.361   -8.063  1.00 29.58  ? 130  TYR A CZ  1 
ATOM   1073 O  OH  . TYR A 1 137 ? 10.565  2.612   -7.566  1.00 33.14  ? 130  TYR A OH  1 
ATOM   1074 N  N   . LEU A 1 138 ? 8.001   -4.441  -12.181 1.00 19.19  ? 131  LEU A N   1 
ATOM   1075 C  CA  . LEU A 1 138 ? 8.069   -5.376  -13.302 1.00 23.80  ? 131  LEU A CA  1 
ATOM   1076 C  C   . LEU A 1 138 ? 7.178   -4.738  -14.371 1.00 28.59  ? 131  LEU A C   1 
ATOM   1077 O  O   . LEU A 1 138 ? 5.961   -4.922  -14.350 1.00 20.29  ? 131  LEU A O   1 
ATOM   1078 C  CB  . LEU A 1 138 ? 7.598   -6.783  -12.957 1.00 21.47  ? 131  LEU A CB  1 
ATOM   1079 C  CG  . LEU A 1 138 ? 7.627   -7.798  -14.122 1.00 28.96  ? 131  LEU A CG  1 
ATOM   1080 C  CD1 . LEU A 1 138 ? 9.051   -7.957  -14.637 1.00 31.10  ? 131  LEU A CD1 1 
ATOM   1081 C  CD2 . LEU A 1 138 ? 7.024   -9.136  -13.715 1.00 27.38  ? 131  LEU A CD2 1 
ATOM   1082 N  N   . PRO A 1 139 ? 7.764   -3.928  -15.243 1.00 26.91  ? 132  PRO A N   1 
ATOM   1083 C  CA  . PRO A 1 139 ? 6.934   -3.042  -16.064 1.00 23.34  ? 132  PRO A CA  1 
ATOM   1084 C  C   . PRO A 1 139 ? 6.266   -3.865  -17.159 1.00 29.72  ? 132  PRO A C   1 
ATOM   1085 O  O   . PRO A 1 139 ? 6.909   -4.469  -18.008 1.00 22.82  ? 132  PRO A O   1 
ATOM   1086 C  CB  . PRO A 1 139 ? 7.945   -2.049  -16.630 1.00 21.02  ? 132  PRO A CB  1 
ATOM   1087 C  CG  . PRO A 1 139 ? 9.232   -2.816  -16.684 1.00 21.05  ? 132  PRO A CG  1 
ATOM   1088 C  CD  . PRO A 1 139 ? 9.193   -3.778  -15.529 1.00 22.25  ? 132  PRO A CD  1 
ATOM   1089 N  N   . ARG A 1 140 ? 4.945   -3.899  -17.141 1.00 29.11  ? 133  ARG A N   1 
ATOM   1090 C  CA  . ARG A 1 140 ? 4.225   -4.687  -18.139 1.00 35.92  ? 133  ARG A CA  1 
ATOM   1091 C  C   . ARG A 1 140 ? 4.584   -4.248  -19.547 1.00 35.49  ? 133  ARG A C   1 
ATOM   1092 O  O   . ARG A 1 140 ? 4.563   -5.051  -20.482 1.00 36.44  ? 133  ARG A O   1 
ATOM   1093 C  CB  . ARG A 1 140 ? 2.716   -4.553  -17.947 1.00 54.12  ? 133  ARG A CB  1 
ATOM   1094 C  CG  . ARG A 1 140 ? 1.952   -5.862  -17.910 1.00 77.89  ? 133  ARG A CG  1 
ATOM   1095 C  CD  . ARG A 1 140 ? 2.362   -6.824  -19.017 1.00 89.48  ? 133  ARG A CD  1 
ATOM   1096 N  NE  . ARG A 1 140 ? 1.633   -8.090  -18.944 1.00 88.90  ? 133  ARG A NE  1 
ATOM   1097 C  CZ  . ARG A 1 140 ? 1.633   -9.063  -19.844 1.00 85.35  ? 133  ARG A CZ  1 
ATOM   1098 N  NH1 . ARG A 1 140 ? 2.338   -8.977  -20.966 1.00 70.64  ? 133  ARG A NH1 1 
ATOM   1099 N  NH2 . ARG A 1 140 ? 0.914   -10.150 -19.628 1.00 92.27  ? 133  ARG A NH2 1 
ATOM   1100 N  N   . GLU A 1 141 ? 4.917   -2.970  -19.733 1.00 23.37  ? 134  GLU A N   1 
ATOM   1101 C  CA  . GLU A 1 141 ? 5.110   -2.561  -21.127 1.00 35.10  ? 134  GLU A CA  1 
ATOM   1102 C  C   . GLU A 1 141 ? 6.449   -2.998  -21.715 1.00 38.43  ? 134  GLU A C   1 
ATOM   1103 O  O   . GLU A 1 141 ? 6.597   -2.780  -22.925 1.00 31.61  ? 134  GLU A O   1 
ATOM   1104 C  CB  . GLU A 1 141 ? 4.932   -1.045  -21.226 1.00 41.54  ? 134  GLU A CB  1 
ATOM   1105 C  CG  . GLU A 1 141 ? 6.061   -0.233  -20.625 1.00 45.07  ? 134  GLU A CG  1 
ATOM   1106 C  CD  . GLU A 1 141 ? 5.820   0.179   -19.187 1.00 48.68  ? 134  GLU A CD  1 
ATOM   1107 O  OE1 . GLU A 1 141 ? 6.467   1.150   -18.739 1.00 60.31  ? 134  GLU A OE1 1 
ATOM   1108 O  OE2 . GLU A 1 141 ? 4.996   -0.463  -18.493 1.00 55.02  ? 134  GLU A OE2 1 
ATOM   1109 N  N   . TYR A 1 142 ? 7.377   -3.591  -20.973 1.00 26.77  ? 135  TYR A N   1 
ATOM   1110 C  CA  . TYR A 1 142 ? 8.692   -4.028  -21.433 1.00 22.67  ? 135  TYR A CA  1 
ATOM   1111 C  C   . TYR A 1 142 ? 8.854   -5.540  -21.333 1.00 25.34  ? 135  TYR A C   1 
ATOM   1112 O  O   . TYR A 1 142 ? 9.957   -6.081  -21.472 1.00 29.07  ? 135  TYR A O   1 
ATOM   1113 C  CB  . TYR A 1 142 ? 9.833   -3.307  -20.672 1.00 24.62  ? 135  TYR A CB  1 
ATOM   1114 C  CG  . TYR A 1 142 ? 9.696   -1.814  -20.926 1.00 30.30  ? 135  TYR A CG  1 
ATOM   1115 C  CD1 . TYR A 1 142 ? 9.821   -1.346  -22.236 1.00 37.55  ? 135  TYR A CD1 1 
ATOM   1116 C  CD2 . TYR A 1 142 ? 9.435   -0.897  -19.925 1.00 28.86  ? 135  TYR A CD2 1 
ATOM   1117 C  CE1 . TYR A 1 142 ? 9.701   -0.001  -22.537 1.00 39.38  ? 135  TYR A CE1 1 
ATOM   1118 C  CE2 . TYR A 1 142 ? 9.308   0.453   -20.217 1.00 29.55  ? 135  TYR A CE2 1 
ATOM   1119 C  CZ  . TYR A 1 142 ? 9.442   0.897   -21.523 1.00 37.64  ? 135  TYR A CZ  1 
ATOM   1120 O  OH  . TYR A 1 142 ? 9.321   2.235   -21.833 1.00 34.69  ? 135  TYR A OH  1 
ATOM   1121 N  N   . LEU A 1 143 ? 7.752   -6.228  -21.099 1.00 23.57  ? 136  LEU A N   1 
ATOM   1122 C  CA  . LEU A 1 143 ? 7.731   -7.686  -21.015 1.00 33.08  ? 136  LEU A CA  1 
ATOM   1123 C  C   . LEU A 1 143 ? 7.744   -8.318  -22.406 1.00 43.79  ? 136  LEU A C   1 
ATOM   1124 O  O   . LEU A 1 143 ? 6.861   -7.980  -23.201 1.00 47.84  ? 136  LEU A O   1 
ATOM   1125 C  CB  . LEU A 1 143 ? 6.479   -8.164  -20.286 1.00 36.38  ? 136  LEU A CB  1 
ATOM   1126 C  CG  . LEU A 1 143 ? 6.511   -8.334  -18.764 1.00 36.81  ? 136  LEU A CG  1 
ATOM   1127 C  CD1 . LEU A 1 143 ? 7.515   -7.411  -18.111 1.00 37.61  ? 136  LEU A CD1 1 
ATOM   1128 C  CD2 . LEU A 1 143 ? 5.122   -8.103  -18.188 1.00 56.10  ? 136  LEU A CD2 1 
ATOM   1129 N  N   . PRO A 1 144 ? 8.678   -9.215  -22.692 1.00 43.37  ? 137  PRO A N   1 
ATOM   1130 C  CA  . PRO A 1 144 ? 8.722   -9.892  -23.993 1.00 46.80  ? 137  PRO A CA  1 
ATOM   1131 C  C   . PRO A 1 144 ? 7.418   -10.628 -24.309 1.00 43.15  ? 137  PRO A C   1 
ATOM   1132 O  O   . PRO A 1 144 ? 6.709   -11.120 -23.425 1.00 36.83  ? 137  PRO A O   1 
ATOM   1133 C  CB  . PRO A 1 144 ? 9.852   -10.911 -23.852 1.00 47.86  ? 137  PRO A CB  1 
ATOM   1134 C  CG  . PRO A 1 144 ? 10.614  -10.543 -22.636 1.00 51.02  ? 137  PRO A CG  1 
ATOM   1135 C  CD  . PRO A 1 144 ? 9.752   -9.660  -21.790 1.00 46.81  ? 137  PRO A CD  1 
ATOM   1136 N  N   . PRO A 1 145 ? 7.095   -10.747 -25.596 1.00 47.51  ? 138  PRO A N   1 
ATOM   1137 C  CA  . PRO A 1 145 ? 5.782   -11.264 -25.994 1.00 50.40  ? 138  PRO A CA  1 
ATOM   1138 C  C   . PRO A 1 145 ? 5.614   -12.738 -25.647 1.00 44.39  ? 138  PRO A C   1 
ATOM   1139 O  O   . PRO A 1 145 ? 4.513   -13.276 -25.613 1.00 49.27  ? 138  PRO A O   1 
ATOM   1140 C  CB  . PRO A 1 145 ? 5.770   -11.070 -27.511 1.00 53.53  ? 138  PRO A CB  1 
ATOM   1141 C  CG  . PRO A 1 145 ? 7.209   -11.020 -27.907 1.00 52.85  ? 138  PRO A CG  1 
ATOM   1142 C  CD  . PRO A 1 145 ? 7.956   -10.443 -26.750 1.00 48.21  ? 138  PRO A CD  1 
ATOM   1143 N  N   . PHE A 1 146 ? 6.713   -13.428 -25.371 1.00 40.89  ? 139  PHE A N   1 
ATOM   1144 C  CA  . PHE A 1 146 ? 6.639   -14.848 -25.057 1.00 40.40  ? 139  PHE A CA  1 
ATOM   1145 C  C   . PHE A 1 146 ? 6.552   -15.107 -23.568 1.00 36.94  ? 139  PHE A C   1 
ATOM   1146 O  O   . PHE A 1 146 ? 6.694   -16.239 -23.110 1.00 41.94  ? 139  PHE A O   1 
ATOM   1147 C  CB  . PHE A 1 146 ? 7.864   -15.554 -25.651 1.00 41.28  ? 139  PHE A CB  1 
ATOM   1148 C  CG  . PHE A 1 146 ? 9.205   -14.919 -25.339 1.00 39.16  ? 139  PHE A CG  1 
ATOM   1149 C  CD1 . PHE A 1 146 ? 9.880   -14.153 -26.271 1.00 37.21  ? 139  PHE A CD1 1 
ATOM   1150 C  CD2 . PHE A 1 146 ? 9.806   -15.105 -24.108 1.00 39.41  ? 139  PHE A CD2 1 
ATOM   1151 C  CE1 . PHE A 1 146 ? 11.114  -13.596 -25.990 1.00 41.50  ? 139  PHE A CE1 1 
ATOM   1152 C  CE2 . PHE A 1 146 ? 11.035  -14.546 -23.804 1.00 36.34  ? 139  PHE A CE2 1 
ATOM   1153 C  CZ  . PHE A 1 146 ? 11.700  -13.787 -24.753 1.00 40.52  ? 139  PHE A CZ  1 
ATOM   1154 N  N   . ILE A 1 147 ? 6.326   -14.090 -22.742 1.00 38.24  ? 140  ILE A N   1 
ATOM   1155 C  CA  . ILE A 1 147 ? 6.322   -14.395 -21.300 1.00 36.13  ? 140  ILE A CA  1 
ATOM   1156 C  C   . ILE A 1 147 ? 4.934   -14.718 -20.780 1.00 35.42  ? 140  ILE A C   1 
ATOM   1157 O  O   . ILE A 1 147 ? 3.959   -14.023 -21.048 1.00 33.30  ? 140  ILE A O   1 
ATOM   1158 C  CB  . ILE A 1 147 ? 6.965   -13.205 -20.563 1.00 39.50  ? 140  ILE A CB  1 
ATOM   1159 C  CG1 . ILE A 1 147 ? 8.325   -12.861 -21.181 1.00 35.00  ? 140  ILE A CG1 1 
ATOM   1160 C  CG2 . ILE A 1 147 ? 7.094   -13.431 -19.075 1.00 25.50  ? 140  ILE A CG2 1 
ATOM   1161 C  CD1 . ILE A 1 147 ? 9.321   -14.006 -21.037 1.00 37.63  ? 140  ILE A CD1 1 
ATOM   1162 N  N   . ASP A 1 148 ? 4.800   -15.805 -20.020 1.00 34.28  ? 141  ASP A N   1 
ATOM   1163 C  CA  . ASP A 1 148 ? 3.507   -16.193 -19.481 1.00 39.24  ? 141  ASP A CA  1 
ATOM   1164 C  C   . ASP A 1 148 ? 3.402   -15.795 -18.004 1.00 34.70  ? 141  ASP A C   1 
ATOM   1165 O  O   . ASP A 1 148 ? 4.387   -15.320 -17.444 1.00 30.39  ? 141  ASP A O   1 
ATOM   1166 C  CB  . ASP A 1 148 ? 3.273   -17.697 -19.609 1.00 41.59  ? 141  ASP A CB  1 
ATOM   1167 C  CG  . ASP A 1 148 ? 4.190   -18.567 -18.779 1.00 50.58  ? 141  ASP A CG  1 
ATOM   1168 O  OD1 . ASP A 1 148 ? 4.122   -19.811 -18.922 1.00 42.51  ? 141  ASP A OD1 1 
ATOM   1169 O  OD2 . ASP A 1 148 ? 5.009   -18.083 -17.966 1.00 43.39  ? 141  ASP A OD2 1 
ATOM   1170 N  N   . GLY A 1 149 ? 2.228   -16.038 -17.444 1.00 35.72  ? 142  GLY A N   1 
ATOM   1171 C  CA  . GLY A 1 149 ? 1.906   -15.766 -16.058 1.00 30.31  ? 142  GLY A CA  1 
ATOM   1172 C  C   . GLY A 1 149 ? 2.866   -16.476 -15.127 1.00 26.54  ? 142  GLY A C   1 
ATOM   1173 O  O   . GLY A 1 149 ? 3.090   -16.075 -13.993 1.00 39.52  ? 142  GLY A O   1 
ATOM   1174 N  N   . ASN A 1 150 ? 3.470   -17.570 -15.589 1.00 31.10  ? 143  ASN A N   1 
ATOM   1175 C  CA  . ASN A 1 150 ? 4.312   -18.315 -14.654 1.00 35.64  ? 143  ASN A CA  1 
ATOM   1176 C  C   . ASN A 1 150 ? 5.683   -17.645 -14.548 1.00 33.37  ? 143  ASN A C   1 
ATOM   1177 O  O   . ASN A 1 150 ? 6.155   -17.417 -13.437 1.00 29.65  ? 143  ASN A O   1 
ATOM   1178 C  CB  . ASN A 1 150 ? 4.445   -19.766 -15.084 1.00 42.01  ? 143  ASN A CB  1 
ATOM   1179 C  CG  . ASN A 1 150 ? 5.157   -20.652 -14.078 1.00 54.51  ? 143  ASN A CG  1 
ATOM   1180 O  OD1 . ASN A 1 150 ? 4.703   -20.872 -12.954 1.00 40.06  ? 143  ASN A OD1 1 
ATOM   1181 N  ND2 . ASN A 1 150 ? 6.303   -21.187 -14.501 1.00 49.96  ? 143  ASN A ND2 1 
HETATM 1182 N  N   . MSE A 1 151 ? 6.288   -17.347 -15.685 1.00 28.69  ? 144  MSE A N   1 
HETATM 1183 C  CA  . MSE A 1 151 ? 7.556   -16.625 -15.703 1.00 34.67  ? 144  MSE A CA  1 
HETATM 1184 C  C   . MSE A 1 151 ? 7.342   -15.238 -15.091 1.00 31.83  ? 144  MSE A C   1 
HETATM 1185 O  O   . MSE A 1 151 ? 8.272   -14.737 -14.465 1.00 21.29  ? 144  MSE A O   1 
HETATM 1186 C  CB  . MSE A 1 151 ? 8.160   -16.530 -17.096 1.00 29.16  ? 144  MSE A CB  1 
HETATM 1187 C  CG  . MSE A 1 151 ? 8.773   -17.791 -17.663 1.00 38.05  ? 144  MSE A CG  1 
HETATM 1188 SE SE  . MSE A 1 151 ? 10.074  -18.562 -16.668 1.00 58.36  ? 144  MSE A SE  1 
HETATM 1189 C  CE  . MSE A 1 151 ? 11.319  -18.866 -17.889 1.00 44.51  ? 144  MSE A CE  1 
HETATM 1190 N  N   . MSE A 1 152 ? 6.166   -14.615 -15.223 1.00 27.52  ? 145  MSE A N   1 
HETATM 1191 C  CA  . MSE A 1 152 ? 5.973   -13.341 -14.522 1.00 30.00  ? 145  MSE A CA  1 
HETATM 1192 C  C   . MSE A 1 152 ? 6.036   -13.595 -13.017 1.00 27.59  ? 145  MSE A C   1 
HETATM 1193 O  O   . MSE A 1 152 ? 6.626   -12.814 -12.267 1.00 29.24  ? 145  MSE A O   1 
HETATM 1194 C  CB  . MSE A 1 152 ? 4.662   -12.651 -14.870 1.00 21.17  ? 145  MSE A CB  1 
HETATM 1195 C  CG  . MSE A 1 152 ? 4.704   -11.756 -16.102 1.00 30.76  ? 145  MSE A CG  1 
HETATM 1196 SE SE  . MSE A 1 152 ? 3.028   -11.244 -16.603 1.00 54.42  ? 145  MSE A SE  1 
HETATM 1197 C  CE  . MSE A 1 152 ? 2.559   -10.380 -15.106 1.00 20.08  ? 145  MSE A CE  1 
ATOM   1198 N  N   . GLY A 1 153 ? 5.447   -14.708 -12.594 1.00 21.27  ? 146  GLY A N   1 
ATOM   1199 C  CA  . GLY A 1 153 ? 5.454   -15.098 -11.188 1.00 25.40  ? 146  GLY A CA  1 
ATOM   1200 C  C   . GLY A 1 153 ? 6.864   -15.152 -10.636 1.00 29.77  ? 146  GLY A C   1 
ATOM   1201 O  O   . GLY A 1 153 ? 7.187   -14.547 -9.603  1.00 27.05  ? 146  GLY A O   1 
ATOM   1202 N  N   . VAL A 1 154 ? 7.734   -15.872 -11.349 1.00 24.39  ? 147  VAL A N   1 
ATOM   1203 C  CA  . VAL A 1 154 ? 9.131   -15.970 -10.924 1.00 18.63  ? 147  VAL A CA  1 
ATOM   1204 C  C   . VAL A 1 154 ? 9.836   -14.620 -10.904 1.00 22.12  ? 147  VAL A C   1 
ATOM   1205 O  O   . VAL A 1 154 ? 10.614  -14.346 -9.983  1.00 20.61  ? 147  VAL A O   1 
ATOM   1206 C  CB  . VAL A 1 154 ? 9.859   -16.960 -11.856 1.00 31.00  ? 147  VAL A CB  1 
ATOM   1207 C  CG1 . VAL A 1 154 ? 11.330  -17.082 -11.504 1.00 28.99  ? 147  VAL A CG1 1 
ATOM   1208 C  CG2 . VAL A 1 154 ? 9.160   -18.316 -11.773 1.00 31.15  ? 147  VAL A CG2 1 
ATOM   1209 N  N   . ALA A 1 155 ? 9.596   -13.774 -11.904 1.00 27.21  ? 148  ALA A N   1 
ATOM   1210 C  CA  . ALA A 1 155 ? 10.175  -12.435 -11.997 1.00 25.44  ? 148  ALA A CA  1 
ATOM   1211 C  C   . ALA A 1 155 ? 9.683   -11.630 -10.798 1.00 20.58  ? 148  ALA A C   1 
ATOM   1212 O  O   . ALA A 1 155 ? 10.456  -10.909 -10.180 1.00 20.61  ? 148  ALA A O   1 
ATOM   1213 C  CB  . ALA A 1 155 ? 9.835   -11.719 -13.293 1.00 15.16  ? 148  ALA A CB  1 
ATOM   1214 N  N   . PHE A 1 156 ? 8.405   -11.770 -10.451 1.00 24.17  ? 149  PHE A N   1 
ATOM   1215 C  CA  . PHE A 1 156 ? 7.910   -11.093 -9.255  1.00 27.39  ? 149  PHE A CA  1 
ATOM   1216 C  C   . PHE A 1 156 ? 8.710   -11.520 -8.032  1.00 20.30  ? 149  PHE A C   1 
ATOM   1217 O  O   . PHE A 1 156 ? 9.043   -10.763 -7.115  1.00 19.69  ? 149  PHE A O   1 
ATOM   1218 C  CB  . PHE A 1 156 ? 6.433   -11.395 -9.035  1.00 28.52  ? 149  PHE A CB  1 
ATOM   1219 C  CG  . PHE A 1 156 ? 5.476   -10.608 -9.922  1.00 25.61  ? 149  PHE A CG  1 
ATOM   1220 C  CD1 . PHE A 1 156 ? 4.393   -11.254 -10.499 1.00 32.03  ? 149  PHE A CD1 1 
ATOM   1221 C  CD2 . PHE A 1 156 ? 5.671   -9.270  -10.158 1.00 27.36  ? 149  PHE A CD2 1 
ATOM   1222 C  CE1 . PHE A 1 156 ? 3.502   -10.552 -11.294 1.00 42.77  ? 149  PHE A CE1 1 
ATOM   1223 C  CE2 . PHE A 1 156 ? 4.774   -8.549  -10.927 1.00 42.92  ? 149  PHE A CE2 1 
ATOM   1224 C  CZ  . PHE A 1 156 ? 3.691   -9.198  -11.499 1.00 45.20  ? 149  PHE A CZ  1 
ATOM   1225 N  N   . GLN A 1 157 ? 9.042   -12.813 -8.024  1.00 18.69  ? 150  GLN A N   1 
ATOM   1226 C  CA  . GLN A 1 157 ? 9.759   -13.307 -6.841  1.00 27.54  ? 150  GLN A CA  1 
ATOM   1227 C  C   . GLN A 1 157 ? 11.188  -12.798 -6.894  1.00 25.48  ? 150  GLN A C   1 
ATOM   1228 O  O   . GLN A 1 157 ? 11.734  -12.334 -5.893  1.00 21.70  ? 150  GLN A O   1 
ATOM   1229 C  CB  . GLN A 1 157 ? 9.676   -14.831 -6.754  1.00 28.11  ? 150  GLN A CB  1 
ATOM   1230 C  CG  . GLN A 1 157 ? 8.248   -15.339 -6.573  1.00 46.34  ? 150  GLN A CG  1 
ATOM   1231 C  CD  . GLN A 1 157 ? 8.084   -16.844 -6.595  1.00 60.40  ? 150  GLN A CD  1 
ATOM   1232 O  OE1 . GLN A 1 157 ? 8.344   -17.529 -7.588  1.00 65.90  ? 150  GLN A OE1 1 
ATOM   1233 N  NE2 . GLN A 1 157 ? 7.621   -17.410 -5.486  1.00 76.92  ? 150  GLN A NE2 1 
ATOM   1234 N  N   . ILE A 1 158 ? 11.825  -12.855 -8.066  1.00 20.27  ? 151  ILE A N   1 
ATOM   1235 C  CA  . ILE A 1 158 ? 13.235  -12.413 -8.085  1.00 21.02  ? 151  ILE A CA  1 
ATOM   1236 C  C   . ILE A 1 158 ? 13.372  -10.927 -7.826  1.00 19.00  ? 151  ILE A C   1 
ATOM   1237 O  O   . ILE A 1 158 ? 14.372  -10.480 -7.272  1.00 21.19  ? 151  ILE A O   1 
ATOM   1238 C  CB  . ILE A 1 158 ? 13.923  -12.732 -9.418  1.00 25.65  ? 151  ILE A CB  1 
ATOM   1239 C  CG1 . ILE A 1 158 ? 13.974  -14.229 -9.758  1.00 21.47  ? 151  ILE A CG1 1 
ATOM   1240 C  CG2 . ILE A 1 158 ? 15.323  -12.127 -9.461  1.00 21.73  ? 151  ILE A CG2 1 
ATOM   1241 C  CD1 . ILE A 1 158 ? 14.288  -14.460 -11.220 1.00 23.94  ? 151  ILE A CD1 1 
ATOM   1242 N  N   . LEU A 1 159 ? 12.374  -10.131 -8.212  1.00 18.77  ? 152  LEU A N   1 
ATOM   1243 C  CA  . LEU A 1 159 ? 12.473  -8.689  -7.992  1.00 16.27  ? 152  LEU A CA  1 
ATOM   1244 C  C   . LEU A 1 159 ? 12.086  -8.244  -6.601  1.00 17.44  ? 152  LEU A C   1 
ATOM   1245 O  O   . LEU A 1 159 ? 12.149  -7.043  -6.293  1.00 19.46  ? 152  LEU A O   1 
ATOM   1246 C  CB  . LEU A 1 159 ? 11.604  -7.952  -9.030  1.00 18.70  ? 152  LEU A CB  1 
ATOM   1247 C  CG  . LEU A 1 159 ? 12.042  -8.156  -10.481 1.00 12.99  ? 152  LEU A CG  1 
ATOM   1248 C  CD1 . LEU A 1 159 ? 11.056  -7.505  -11.450 1.00 20.01  ? 152  LEU A CD1 1 
ATOM   1249 C  CD2 . LEU A 1 159 ? 13.432  -7.598  -10.741 1.00 18.66  ? 152  LEU A CD2 1 
ATOM   1250 N  N   . GLY A 1 160 ? 11.689  -9.156  -5.721  1.00 21.71  ? 153  GLY A N   1 
ATOM   1251 C  CA  . GLY A 1 160 ? 11.371  -8.713  -4.370  1.00 25.11  ? 153  GLY A CA  1 
ATOM   1252 C  C   . GLY A 1 160 ? 9.916   -8.351  -4.193  1.00 25.63  ? 153  GLY A C   1 
ATOM   1253 O  O   . GLY A 1 160 ? 9.479   -8.005  -3.086  1.00 24.83  ? 153  GLY A O   1 
ATOM   1254 N  N   . ILE A 1 161 ? 9.161   -8.450  -5.291  1.00 21.72  ? 154  ILE A N   1 
ATOM   1255 C  CA  . ILE A 1 161 ? 7.778   -7.966  -5.257  1.00 24.17  ? 154  ILE A CA  1 
ATOM   1256 C  C   . ILE A 1 161 ? 6.881   -8.944  -4.522  1.00 31.09  ? 154  ILE A C   1 
ATOM   1257 O  O   . ILE A 1 161 ? 6.048   -8.606  -3.669  1.00 28.70  ? 154  ILE A O   1 
ATOM   1258 C  CB  . ILE A 1 161 ? 7.280   -7.678  -6.687  1.00 25.08  ? 154  ILE A CB  1 
ATOM   1259 C  CG1 . ILE A 1 161 ? 8.079   -6.583  -7.393  1.00 24.56  ? 154  ILE A CG1 1 
ATOM   1260 C  CG2 . ILE A 1 161 ? 5.784   -7.385  -6.663  1.00 24.57  ? 154  ILE A CG2 1 
ATOM   1261 C  CD1 . ILE A 1 161 ? 7.876   -6.433  -8.891  1.00 23.39  ? 154  ILE A CD1 1 
ATOM   1262 N  N   . ASP A 1 162 ? 7.087   -10.221 -4.826  1.00 26.50  ? 155  ASP A N   1 
ATOM   1263 C  CA  . ASP A 1 162 ? 6.328   -11.272 -4.174  1.00 32.96  ? 155  ASP A CA  1 
ATOM   1264 C  C   . ASP A 1 162 ? 6.450   -11.173 -2.653  1.00 39.10  ? 155  ASP A C   1 
ATOM   1265 O  O   . ASP A 1 162 ? 5.449   -11.283 -1.938  1.00 35.06  ? 155  ASP A O   1 
ATOM   1266 C  CB  . ASP A 1 162 ? 6.805   -12.637 -4.684  1.00 28.86  ? 155  ASP A CB  1 
ATOM   1267 C  CG  . ASP A 1 162 ? 6.012   -13.762 -4.033  1.00 36.35  ? 155  ASP A CG  1 
ATOM   1268 O  OD1 . ASP A 1 162 ? 4.797   -13.872 -4.292  1.00 38.04  ? 155  ASP A OD1 1 
ATOM   1269 O  OD2 . ASP A 1 162 ? 6.633   -14.519 -3.258  1.00 40.96  ? 155  ASP A OD2 1 
ATOM   1270 N  N   . ASP A 1 163 ? 7.674   -10.948 -2.189  1.00 28.01  ? 156  ASP A N   1 
ATOM   1271 C  CA  . ASP A 1 163 ? 7.933   -10.885 -0.756  1.00 37.78  ? 156  ASP A CA  1 
ATOM   1272 C  C   . ASP A 1 163 ? 7.320   -9.635  -0.134  1.00 49.39  ? 156  ASP A C   1 
ATOM   1273 O  O   . ASP A 1 163 ? 6.907   -9.633  1.034   1.00 40.08  ? 156  ASP A O   1 
ATOM   1274 C  CB  . ASP A 1 163 ? 9.436   -10.929 -0.475  1.00 49.81  ? 156  ASP A CB  1 
ATOM   1275 C  CG  . ASP A 1 163 ? 9.721   -10.942 1.019   1.00 65.71  ? 156  ASP A CG  1 
ATOM   1276 O  OD1 . ASP A 1 163 ? 9.150   -11.811 1.721   1.00 59.93  ? 156  ASP A OD1 1 
ATOM   1277 O  OD2 . ASP A 1 163 ? 10.503  -10.085 1.482   1.00 79.67  ? 156  ASP A OD2 1 
ATOM   1278 N  N   . PHE A 1 164 ? 7.254   -8.556  -0.915  1.00 40.50  ? 157  PHE A N   1 
ATOM   1279 C  CA  . PHE A 1 164 ? 6.596   -7.342  -0.434  1.00 33.06  ? 157  PHE A CA  1 
ATOM   1280 C  C   . PHE A 1 164 ? 5.099   -7.627  -0.289  1.00 32.57  ? 157  PHE A C   1 
ATOM   1281 O  O   . PHE A 1 164 ? 4.527   -7.165  0.695   1.00 36.08  ? 157  PHE A O   1 
ATOM   1282 C  CB  . PHE A 1 164 ? 6.855   -6.162  -1.362  1.00 31.39  ? 157  PHE A CB  1 
ATOM   1283 C  CG  . PHE A 1 164 ? 6.230   -4.843  -0.948  1.00 35.19  ? 157  PHE A CG  1 
ATOM   1284 C  CD1 . PHE A 1 164 ? 5.066   -4.389  -1.551  1.00 40.86  ? 157  PHE A CD1 1 
ATOM   1285 C  CD2 . PHE A 1 164 ? 6.801   -4.068  0.040   1.00 42.39  ? 157  PHE A CD2 1 
ATOM   1286 C  CE1 . PHE A 1 164 ? 4.493   -3.186  -1.180  1.00 50.59  ? 157  PHE A CE1 1 
ATOM   1287 C  CE2 . PHE A 1 164 ? 6.236   -2.866  0.420   1.00 48.77  ? 157  PHE A CE2 1 
ATOM   1288 C  CZ  . PHE A 1 164 ? 5.075   -2.424  -0.187  1.00 49.11  ? 157  PHE A CZ  1 
ATOM   1289 N  N   . GLY A 1 165 ? 4.511   -8.352  -1.230  1.00 30.72  ? 158  GLY A N   1 
ATOM   1290 C  CA  . GLY A 1 165 ? 3.099   -8.729  -1.236  1.00 25.87  ? 158  GLY A CA  1 
ATOM   1291 C  C   . GLY A 1 165 ? 2.763   -9.427  0.080   1.00 38.14  ? 158  GLY A C   1 
ATOM   1292 O  O   . GLY A 1 165 ? 1.808   -9.026  0.751   1.00 37.92  ? 158  GLY A O   1 
ATOM   1293 N  N   . LYS A 1 166 ? 3.547   -10.430 0.469   1.00 37.79  ? 159  LYS A N   1 
ATOM   1294 C  CA  . LYS A 1 166 ? 3.381   -11.086 1.763   1.00 41.95  ? 159  LYS A CA  1 
ATOM   1295 C  C   . LYS A 1 166 ? 3.313   -10.046 2.877   1.00 49.79  ? 159  LYS A C   1 
ATOM   1296 O  O   . LYS A 1 166 ? 2.431   -9.999  3.735   1.00 42.50  ? 159  LYS A O   1 
ATOM   1297 C  CB  . LYS A 1 166 ? 4.524   -12.044 2.110   1.00 42.93  ? 159  LYS A CB  1 
ATOM   1298 C  CG  . LYS A 1 166 ? 4.681   -13.288 1.256   1.00 48.75  ? 159  LYS A CG  1 
ATOM   1299 C  CD  . LYS A 1 166 ? 6.093   -13.843 1.351   1.00 50.18  ? 159  LYS A CD  1 
ATOM   1300 C  CE  . LYS A 1 166 ? 6.461   -14.749 0.192   1.00 46.40  ? 159  LYS A CE  1 
ATOM   1301 N  NZ  . LYS A 1 166 ? 5.396   -15.739 -0.126  1.00 51.30  ? 159  LYS A NZ  1 
ATOM   1302 N  N   . LYS A 1 167 ? 4.317   -9.162  2.870   1.00 47.34  ? 160  LYS A N   1 
ATOM   1303 C  CA  . LYS A 1 167 ? 4.332   -8.184  3.961   1.00 39.43  ? 160  LYS A CA  1 
ATOM   1304 C  C   . LYS A 1 167 ? 3.106   -7.290  3.869   1.00 45.06  ? 160  LYS A C   1 
ATOM   1305 O  O   . LYS A 1 167 ? 2.568   -6.855  4.895   1.00 46.94  ? 160  LYS A O   1 
ATOM   1306 C  CB  . LYS A 1 167 ? 5.644   -7.412  3.942   1.00 38.37  ? 160  LYS A CB  1 
ATOM   1307 C  CG  . LYS A 1 167 ? 6.860   -8.279  4.248   1.00 44.26  ? 160  LYS A CG  1 
ATOM   1308 C  CD  . LYS A 1 167 ? 7.985   -7.469  4.874   1.00 50.78  ? 160  LYS A CD  1 
ATOM   1309 C  CE  . LYS A 1 167 ? 8.604   -6.490  3.895   1.00 56.36  ? 160  LYS A CE  1 
ATOM   1310 N  NZ  . LYS A 1 167 ? 9.352   -5.388  4.581   1.00 79.37  ? 160  LYS A NZ  1 
ATOM   1311 N  N   . LEU A 1 168 ? 2.637   -7.023  2.648   1.00 33.46  ? 161  LEU A N   1 
ATOM   1312 C  CA  . LEU A 1 168 ? 1.445   -6.189  2.518   1.00 36.66  ? 161  LEU A CA  1 
ATOM   1313 C  C   . LEU A 1 168 ? 0.232   -6.950  3.046   1.00 44.21  ? 161  LEU A C   1 
ATOM   1314 O  O   . LEU A 1 168 ? -0.673  -6.345  3.619   1.00 44.38  ? 161  LEU A O   1 
ATOM   1315 C  CB  . LEU A 1 168 ? 1.203   -5.773  1.071   1.00 36.26  ? 161  LEU A CB  1 
ATOM   1316 C  CG  . LEU A 1 168 ? 1.183   -4.289  0.729   1.00 37.65  ? 161  LEU A CG  1 
ATOM   1317 C  CD1 . LEU A 1 168 ? 2.265   -3.525  1.476   1.00 42.63  ? 161  LEU A CD1 1 
ATOM   1318 C  CD2 . LEU A 1 168 ? 1.351   -4.089  -0.774  1.00 42.61  ? 161  LEU A CD2 1 
ATOM   1319 N  N   . ASN A 1 169 ? 0.226   -8.270  2.855   1.00 42.12  ? 162  ASN A N   1 
ATOM   1320 C  CA  . ASN A 1 169 ? -0.871  -9.091  3.346   1.00 44.26  ? 162  ASN A CA  1 
ATOM   1321 C  C   . ASN A 1 169 ? -1.001  -9.025  4.866   1.00 39.10  ? 162  ASN A C   1 
ATOM   1322 O  O   . ASN A 1 169 ? -2.125  -8.990  5.369   1.00 39.87  ? 162  ASN A O   1 
ATOM   1323 C  CB  . ASN A 1 169 ? -0.722  -10.557 2.939   1.00 51.94  ? 162  ASN A CB  1 
ATOM   1324 C  CG  . ASN A 1 169 ? -0.811  -10.763 1.441   1.00 62.89  ? 162  ASN A CG  1 
ATOM   1325 O  OD1 . ASN A 1 169 ? -0.994  -9.809  0.682   1.00 72.36  ? 162  ASN A OD1 1 
ATOM   1326 N  ND2 . ASN A 1 169 ? -0.672  -12.020 1.022   1.00 76.76  ? 162  ASN A ND2 1 
ATOM   1327 N  N   . GLU A 1 170 ? 0.102   -9.023  5.598   1.00 39.07  ? 163  GLU A N   1 
ATOM   1328 C  CA  . GLU A 1 170 ? 0.066   -8.883  7.050   1.00 44.95  ? 163  GLU A CA  1 
ATOM   1329 C  C   . GLU A 1 170 ? -0.533  -7.549  7.486   1.00 45.29  ? 163  GLU A C   1 
ATOM   1330 O  O   . GLU A 1 170 ? -1.261  -7.465  8.479   1.00 44.04  ? 163  GLU A O   1 
ATOM   1331 C  CB  . GLU A 1 170 ? 1.470   -8.996  7.645   1.00 49.58  ? 163  GLU A CB  1 
ATOM   1332 C  CG  . GLU A 1 170 ? 2.164   -10.304 7.303   1.00 54.79  ? 163  GLU A CG  1 
ATOM   1333 C  CD  . GLU A 1 170 ? 3.601   -10.306 7.811   1.00 65.29  ? 163  GLU A CD  1 
ATOM   1334 O  OE1 . GLU A 1 170 ? 4.215   -9.220  7.819   1.00 75.55  ? 163  GLU A OE1 1 
ATOM   1335 O  OE2 . GLU A 1 170 ? 4.074   -11.392 8.210   1.00 65.75  ? 163  GLU A OE2 1 
ATOM   1336 N  N   . ILE A 1 171 ? -0.219  -6.494  6.734   1.00 33.70  ? 164  ILE A N   1 
ATOM   1337 C  CA  . ILE A 1 171 ? -0.795  -5.184  7.027   1.00 39.68  ? 164  ILE A CA  1 
ATOM   1338 C  C   . ILE A 1 171 ? -2.302  -5.169  6.784   1.00 39.90  ? 164  ILE A C   1 
ATOM   1339 O  O   . ILE A 1 171 ? -3.070  -4.666  7.604   1.00 35.03  ? 164  ILE A O   1 
ATOM   1340 C  CB  . ILE A 1 171 ? -0.131  -4.079  6.197   1.00 38.33  ? 164  ILE A CB  1 
ATOM   1341 C  CG1 . ILE A 1 171 ? 1.336   -3.809  6.564   1.00 38.01  ? 164  ILE A CG1 1 
ATOM   1342 C  CG2 . ILE A 1 171 ? -0.944  -2.794  6.284   1.00 44.51  ? 164  ILE A CG2 1 
ATOM   1343 C  CD1 . ILE A 1 171 ? 1.853   -2.525  5.951   1.00 37.00  ? 164  ILE A CD1 1 
ATOM   1344 N  N   . VAL A 1 172 ? -2.761  -5.714  5.663   1.00 33.76  ? 165  VAL A N   1 
ATOM   1345 C  CA  . VAL A 1 172 ? -4.202  -5.776  5.420   1.00 34.38  ? 165  VAL A CA  1 
ATOM   1346 C  C   . VAL A 1 172 ? -4.876  -6.574  6.536   1.00 42.01  ? 165  VAL A C   1 
ATOM   1347 O  O   . VAL A 1 172 ? -6.031  -6.346  6.905   1.00 35.20  ? 165  VAL A O   1 
ATOM   1348 C  CB  . VAL A 1 172 ? -4.482  -6.402  4.048   1.00 33.03  ? 165  VAL A CB  1 
ATOM   1349 C  CG1 . VAL A 1 172 ? -5.921  -6.868  3.906   1.00 45.06  ? 165  VAL A CG1 1 
ATOM   1350 C  CG2 . VAL A 1 172 ? -4.133  -5.409  2.941   1.00 44.18  ? 165  VAL A CG2 1 
ATOM   1351 N  N   . GLN A 1 173 ? -4.124  -7.531  7.074   1.00 37.40  ? 166  GLN A N   1 
ATOM   1352 C  CA  . GLN A 1 173 ? -4.660  -8.404  8.112   1.00 45.95  ? 166  GLN A CA  1 
ATOM   1353 C  C   . GLN A 1 173 ? -4.831  -7.626  9.413   1.00 40.61  ? 166  GLN A C   1 
ATOM   1354 O  O   . GLN A 1 173 ? -5.792  -7.830  10.150  1.00 42.99  ? 166  GLN A O   1 
ATOM   1355 C  CB  . GLN A 1 173 ? -3.780  -9.636  8.346   1.00 43.79  ? 166  GLN A CB  1 
ATOM   1356 C  CG  . GLN A 1 173 ? -4.187  -10.834 7.499   1.00 51.06  ? 166  GLN A CG  1 
ATOM   1357 C  CD  . GLN A 1 173 ? -3.315  -12.056 7.685   1.00 60.53  ? 166  GLN A CD  1 
ATOM   1358 O  OE1 . GLN A 1 173 ? -2.198  -12.122 7.165   1.00 74.84  ? 166  GLN A OE1 1 
ATOM   1359 N  NE2 . GLN A 1 173 ? -3.823  -13.052 8.426   1.00 76.63  ? 166  GLN A NE2 1 
ATOM   1360 N  N   . ASP A 1 174 ? -3.880  -6.731  9.665   1.00 31.18  ? 167  ASP A N   1 
ATOM   1361 C  CA  . ASP A 1 174 ? -3.967  -5.898  10.860  1.00 37.92  ? 167  ASP A CA  1 
ATOM   1362 C  C   . ASP A 1 174 ? -5.034  -4.809  10.737  1.00 49.28  ? 167  ASP A C   1 
ATOM   1363 O  O   . ASP A 1 174 ? -5.647  -4.449  11.749  1.00 47.22  ? 167  ASP A O   1 
ATOM   1364 C  CB  . ASP A 1 174 ? -2.605  -5.278  11.151  1.00 29.58  ? 167  ASP A CB  1 
ATOM   1365 C  CG  . ASP A 1 174 ? -2.572  -4.499  12.451  1.00 38.62  ? 167  ASP A CG  1 
ATOM   1366 O  OD1 . ASP A 1 174 ? -2.490  -3.253  12.340  1.00 38.79  ? 167  ASP A OD1 1 
ATOM   1367 O  OD2 . ASP A 1 174 ? -2.610  -5.118  13.537  1.00 34.22  ? 167  ASP A OD2 1 
ATOM   1368 N  N   . ILE A 1 175 ? -5.252  -4.283  9.539   1.00 39.20  ? 168  ILE A N   1 
ATOM   1369 C  CA  . ILE A 1 175 ? -6.315  -3.328  9.248   1.00 29.96  ? 168  ILE A CA  1 
ATOM   1370 C  C   . ILE A 1 175 ? -7.662  -3.958  9.608   1.00 42.83  ? 168  ILE A C   1 
ATOM   1371 O  O   . ILE A 1 175 ? -8.492  -3.294  10.233  1.00 39.38  ? 168  ILE A O   1 
ATOM   1372 C  CB  . ILE A 1 175 ? -6.320  -2.906  7.774   1.00 30.26  ? 168  ILE A CB  1 
ATOM   1373 C  CG1 . ILE A 1 175 ? -5.211  -1.909  7.404   1.00 32.86  ? 168  ILE A CG1 1 
ATOM   1374 C  CG2 . ILE A 1 175 ? -7.670  -2.351  7.369   1.00 37.25  ? 168  ILE A CG2 1 
ATOM   1375 C  CD1 . ILE A 1 175 ? -5.064  -1.709  5.909   1.00 26.66  ? 168  ILE A CD1 1 
ATOM   1376 N  N   . GLY A 1 176 ? -7.809  -5.224  9.215   1.00 38.35  ? 169  GLY A N   1 
ATOM   1377 C  CA  . GLY A 1 176 ? -8.969  -6.054  9.493   1.00 38.17  ? 169  GLY A CA  1 
ATOM   1378 C  C   . GLY A 1 176 ? -9.203  -6.240  10.980  1.00 42.19  ? 169  GLY A C   1 
ATOM   1379 O  O   . GLY A 1 176 ? -10.335 -6.205  11.475  1.00 49.52  ? 169  GLY A O   1 
ATOM   1380 N  N   . THR A 1 177 ? -8.121  -6.428  11.734  1.00 38.25  ? 170  THR A N   1 
ATOM   1381 C  CA  . THR A 1 177 ? -8.220  -6.505  13.186  1.00 43.45  ? 170  THR A CA  1 
ATOM   1382 C  C   . THR A 1 177 ? -8.475  -5.159  13.841  1.00 46.19  ? 170  THR A C   1 
ATOM   1383 O  O   . THR A 1 177 ? -9.108  -5.069  14.898  1.00 52.89  ? 170  THR A O   1 
ATOM   1384 C  CB  . THR A 1 177 ? -6.912  -7.066  13.781  1.00 41.35  ? 170  THR A CB  1 
ATOM   1385 O  OG1 . THR A 1 177 ? -6.718  -8.338  13.169  1.00 31.94  ? 170  THR A OG1 1 
ATOM   1386 C  CG2 . THR A 1 177 ? -7.044  -7.258  15.282  1.00 45.25  ? 170  THR A CG2 1 
ATOM   1387 N  N   . LYS A 1 178 ? -7.966  -4.100  13.212  1.00 42.28  ? 171  LYS A N   1 
ATOM   1388 C  CA  . LYS A 1 178 ? -8.193  -2.773  13.783  1.00 43.09  ? 171  LYS A CA  1 
ATOM   1389 C  C   . LYS A 1 178 ? -9.619  -2.336  13.464  1.00 52.45  ? 171  LYS A C   1 
ATOM   1390 O  O   . LYS A 1 178 ? -10.262 -1.604  14.214  1.00 57.06  ? 171  LYS A O   1 
ATOM   1391 C  CB  . LYS A 1 178 ? -7.154  -1.782  13.268  1.00 40.32  ? 171  LYS A CB  1 
ATOM   1392 C  CG  . LYS A 1 178 ? -5.795  -1.867  13.955  1.00 40.71  ? 171  LYS A CG  1 
ATOM   1393 C  CD  . LYS A 1 178 ? -4.782  -0.984  13.247  1.00 47.02  ? 171  LYS A CD  1 
ATOM   1394 C  CE  . LYS A 1 178 ? -3.689  -0.489  14.187  1.00 48.43  ? 171  LYS A CE  1 
ATOM   1395 N  NZ  . LYS A 1 178 ? -2.568  -1.466  14.301  1.00 50.05  ? 171  LYS A NZ  1 
ATOM   1396 N  N   . TYR A 1 179 ? -10.109 -2.812  12.320  1.00 52.60  ? 172  TYR A N   1 
ATOM   1397 C  CA  . TYR A 1 179 ? -11.490 -2.565  11.938  1.00 52.25  ? 172  TYR A CA  1 
ATOM   1398 C  C   . TYR A 1 179 ? -12.420 -3.219  12.965  1.00 52.57  ? 172  TYR A C   1 
ATOM   1399 O  O   . TYR A 1 179 ? -13.401 -2.608  13.376  1.00 46.22  ? 172  TYR A O   1 
ATOM   1400 C  CB  . TYR A 1 179 ? -11.807 -3.101  10.544  1.00 50.62  ? 172  TYR A CB  1 
ATOM   1401 C  CG  . TYR A 1 179 ? -13.277 -3.051  10.191  1.00 48.11  ? 172  TYR A CG  1 
ATOM   1402 C  CD1 . TYR A 1 179 ? -14.102 -4.160  10.301  1.00 45.03  ? 172  TYR A CD1 1 
ATOM   1403 C  CD2 . TYR A 1 179 ? -13.839 -1.860  9.742   1.00 49.34  ? 172  TYR A CD2 1 
ATOM   1404 C  CE1 . TYR A 1 179 ? -15.440 -4.092  9.975   1.00 51.76  ? 172  TYR A CE1 1 
ATOM   1405 C  CE2 . TYR A 1 179 ? -15.178 -1.779  9.414   1.00 48.38  ? 172  TYR A CE2 1 
ATOM   1406 C  CZ  . TYR A 1 179 ? -15.968 -2.898  9.532   1.00 52.57  ? 172  TYR A CZ  1 
ATOM   1407 O  OH  . TYR A 1 179 ? -17.301 -2.823  9.201   1.00 71.94  ? 172  TYR A OH  1 
ATOM   1408 N  N   . ILE A 1 180 ? -12.095 -4.459  13.312  1.00 50.75  ? 173  ILE A N   1 
ATOM   1409 C  CA  . ILE A 1 180 ? -12.847 -5.180  14.338  1.00 45.46  ? 173  ILE A CA  1 
ATOM   1410 C  C   . ILE A 1 180 ? -12.983 -4.288  15.567  1.00 45.03  ? 173  ILE A C   1 
ATOM   1411 O  O   . ILE A 1 180 ? -14.067 -3.937  16.013  1.00 59.75  ? 173  ILE A O   1 
ATOM   1412 C  CB  . ILE A 1 180 ? -12.153 -6.486  14.746  1.00 50.31  ? 173  ILE A CB  1 
ATOM   1413 C  CG1 . ILE A 1 180 ? -12.201 -7.575  13.666  1.00 50.09  ? 173  ILE A CG1 1 
ATOM   1414 C  CG2 . ILE A 1 180 ? -12.715 -7.020  16.051  1.00 68.44  ? 173  ILE A CG2 1 
ATOM   1415 C  CD1 . ILE A 1 180 ? -13.039 -7.176  12.469  1.00 62.38  ? 173  ILE A CD1 1 
ATOM   1416 N  N   . ILE A 1 181 ? -11.820 -3.912  16.083  1.00 39.87  ? 174  ILE A N   1 
ATOM   1417 C  CA  . ILE A 1 181 ? -11.757 -3.078  17.275  1.00 46.27  ? 174  ILE A CA  1 
ATOM   1418 C  C   . ILE A 1 181 ? -12.611 -1.826  17.129  1.00 51.55  ? 174  ILE A C   1 
ATOM   1419 O  O   . ILE A 1 181 ? -13.492 -1.574  17.950  1.00 49.40  ? 174  ILE A O   1 
ATOM   1420 C  CB  . ILE A 1 181 ? -10.296 -2.709  17.595  1.00 43.59  ? 174  ILE A CB  1 
ATOM   1421 C  CG1 . ILE A 1 181 ? -9.369  -3.910  17.791  1.00 40.72  ? 174  ILE A CG1 1 
ATOM   1422 C  CG2 . ILE A 1 181 ? -10.217 -1.792  18.805  1.00 53.36  ? 174  ILE A CG2 1 
ATOM   1423 C  CD1 . ILE A 1 181 ? -8.042  -3.528  18.414  1.00 41.20  ? 174  ILE A CD1 1 
ATOM   1424 N  N   . LEU A 1 182 ? -12.365 -1.036  16.095  1.00 49.52  ? 175  LEU A N   1 
ATOM   1425 C  CA  . LEU A 1 182 ? -13.015 0.253   15.929  1.00 43.92  ? 175  LEU A CA  1 
ATOM   1426 C  C   . LEU A 1 182 ? -14.514 0.138   15.712  1.00 49.73  ? 175  LEU A C   1 
ATOM   1427 O  O   . LEU A 1 182 ? -15.281 1.067   15.975  1.00 43.22  ? 175  LEU A O   1 
ATOM   1428 C  CB  . LEU A 1 182 ? -12.402 0.989   14.729  1.00 39.53  ? 175  LEU A CB  1 
ATOM   1429 C  CG  . LEU A 1 182 ? -11.047 1.644   14.970  1.00 44.55  ? 175  LEU A CG  1 
ATOM   1430 C  CD1 . LEU A 1 182 ? -10.495 2.235   13.677  1.00 43.14  ? 175  LEU A CD1 1 
ATOM   1431 C  CD2 . LEU A 1 182 ? -11.142 2.727   16.034  1.00 37.07  ? 175  LEU A CD2 1 
ATOM   1432 N  N   . SER A 1 183 ? -14.967 -1.008  15.207  1.00 51.54  ? 176  SER A N   1 
ATOM   1433 C  CA  . SER A 1 183 ? -16.380 -1.075  14.863  1.00 54.57  ? 176  SER A CA  1 
ATOM   1434 C  C   . SER A 1 183 ? -17.253 -1.661  15.969  1.00 59.86  ? 176  SER A C   1 
ATOM   1435 O  O   . SER A 1 183 ? -18.473 -1.734  15.759  1.00 54.64  ? 176  SER A O   1 
ATOM   1436 C  CB  . SER A 1 183 ? -16.536 -1.918  13.592  1.00 50.52  ? 176  SER A CB  1 
ATOM   1437 O  OG  . SER A 1 183 ? -16.179 -3.263  13.867  1.00 48.85  ? 176  SER A OG  1 
ATOM   1438 N  N   . LYS A 1 184 ? -16.652 -2.063  17.078  1.00 64.75  ? 177  LYS A N   1 
ATOM   1439 C  CA  . LYS A 1 184 ? -17.289 -2.774  18.169  1.00 78.04  ? 177  LYS A CA  1 
ATOM   1440 C  C   . LYS A 1 184 ? -18.699 -2.279  18.485  1.00 82.61  ? 177  LYS A C   1 
ATOM   1441 O  O   . LYS A 1 184 ? -18.874 -1.227  19.085  1.00 54.63  ? 177  LYS A O   1 
ATOM   1442 C  CB  . LYS A 1 184 ? -16.451 -2.679  19.462  1.00 79.35  ? 177  LYS A CB  1 
ATOM   1443 C  CG  . LYS A 1 184 ? -17.265 -3.081  20.683  1.00 82.11  ? 177  LYS A CG  1 
ATOM   1444 C  CD  . LYS A 1 184 ? -17.630 -4.553  20.603  1.00 86.33  ? 177  LYS A CD  1 
ATOM   1445 C  CE  . LYS A 1 184 ? -16.393 -5.427  20.663  1.00 92.20  ? 177  LYS A CE  1 
ATOM   1446 N  NZ  . LYS A 1 184 ? -16.158 -5.999  22.022  1.00 99.26  ? 177  LYS A NZ  1 
ATOM   1447 N  N   . ASN A 1 185 ? -19.680 -3.067  18.062  1.00 96.24  ? 178  ASN A N   1 
ATOM   1448 C  CA  . ASN A 1 185 ? -21.095 -2.770  18.223  1.00 111.01 ? 178  ASN A CA  1 
ATOM   1449 C  C   . ASN A 1 185 ? -21.412 -2.146  19.584  1.00 120.96 ? 178  ASN A C   1 
ATOM   1450 O  O   . ASN A 1 185 ? -20.580 -2.175  20.516  1.00 113.04 ? 178  ASN A O   1 
ATOM   1451 C  CB  . ASN A 1 185 ? -21.912 -4.071  18.022  1.00 115.16 ? 178  ASN A CB  1 
ATOM   1452 C  CG  . ASN A 1 185 ? -21.646 -4.686  16.651  1.00 119.48 ? 178  ASN A CG  1 
ATOM   1453 O  OD1 . ASN A 1 185 ? -22.131 -4.191  15.636  1.00 119.62 ? 178  ASN A OD1 1 
ATOM   1454 N  ND2 . ASN A 1 185 ? -20.877 -5.777  16.629  1.00 132.14 ? 178  ASN A ND2 1 
ATOM   1455 N  N   . LYS A 1 186 ? -22.606 -1.577  19.691  1.00 130.53 ? 179  LYS A N   1 
ATOM   1456 C  CA  . LYS A 1 186 ? -23.155 -0.938  20.876  1.00 133.37 ? 179  LYS A CA  1 
ATOM   1457 C  C   . LYS A 1 186 ? -24.094 -1.867  21.643  1.00 131.50 ? 179  LYS A C   1 
ATOM   1458 O  O   . LYS A 1 186 ? -25.271 -2.020  21.243  1.00 128.34 ? 179  LYS A O   1 
ATOM   1459 C  CB  . LYS A 1 186 ? -23.919 0.353   20.480  1.00 137.09 ? 179  LYS A CB  1 
ATOM   1460 C  CG  . LYS A 1 186 ? -23.144 1.631   20.756  1.00 141.00 ? 179  LYS A CG  1 
ATOM   1461 C  CD  . LYS A 1 186 ? -21.535 1.318   20.542  1.00 143.23 ? 179  LYS A CD  1 
ATOM   1462 C  CE  . LYS A 1 186 ? -20.750 2.378   21.315  1.00 143.53 ? 179  LYS A CE  1 
ATOM   1463 N  NZ  . LYS A 1 186 ? -20.224 3.484   20.455  1.00 134.43 ? 179  LYS A NZ  1 
HETATM 1464 C  C1  . IPA B 2 .   ? 1.902   -9.305  -7.143  0.50 32.02  ? 201  IPA A C1  1 
HETATM 1465 C  C2  . IPA B 2 .   ? 1.480   -7.838  -7.050  0.50 46.94  ? 201  IPA A C2  1 
HETATM 1466 C  C3  . IPA B 2 .   ? 0.032   -7.648  -7.475  0.50 36.65  ? 201  IPA A C3  1 
HETATM 1467 O  O2  . IPA B 2 .   ? 1.577   -7.403  -5.685  0.50 57.11  ? 201  IPA A O2  1 
HETATM 1468 O  O   . HOH C 3 .   ? 12.418  -3.198  -11.270 1.00 32.98  ? 1001 HOH A O   1 
HETATM 1469 O  O   . HOH C 3 .   ? 16.534  -4.747  -18.279 1.00 30.22  ? 1002 HOH A O   1 
HETATM 1470 O  O   . HOH C 3 .   ? 18.407  -6.289  -16.781 1.00 23.76  ? 1003 HOH A O   1 
HETATM 1471 O  O   . HOH C 3 .   ? 18.843  -4.031  -15.360 1.00 25.78  ? 1004 HOH A O   1 
HETATM 1472 O  O   . HOH C 3 .   ? 10.099  -11.841 -3.527  1.00 24.41  ? 1005 HOH A O   1 
HETATM 1473 O  O   . HOH C 3 .   ? -6.402  13.132  11.182  1.00 35.65  ? 1006 HOH A O   1 
HETATM 1474 O  O   . HOH C 3 .   ? 24.863  -4.173  -12.236 1.00 51.76  ? 1007 HOH A O   1 
HETATM 1475 O  O   . HOH C 3 .   ? -10.854 -4.842  6.411   1.00 43.02  ? 1008 HOH A O   1 
HETATM 1476 O  O   . HOH C 3 .   ? -5.556  6.052   -1.519  1.00 47.72  ? 1009 HOH A O   1 
HETATM 1477 O  O   . HOH C 3 .   ? 9.341   8.027   -2.092  1.00 36.06  ? 1010 HOH A O   1 
HETATM 1478 O  O   . HOH C 3 .   ? 17.471  -1.768  -19.853 1.00 47.14  ? 1011 HOH A O   1 
HETATM 1479 O  O   . HOH C 3 .   ? 0.669   -2.148  -11.214 1.00 32.23  ? 1012 HOH A O   1 
HETATM 1480 O  O   . HOH C 3 .   ? -0.199  -0.002  11.726  1.00 45.44  ? 1013 HOH A O   1 
HETATM 1481 O  O   . HOH C 3 .   ? 3.470   2.672   -11.272 1.00 36.42  ? 1015 HOH A O   1 
HETATM 1482 O  O   . HOH C 3 .   ? 20.666  -6.807  -18.098 1.00 29.67  ? 1016 HOH A O   1 
HETATM 1483 O  O   . HOH C 3 .   ? 20.854  5.455   -12.932 1.00 62.52  ? 1017 HOH A O   1 
HETATM 1484 O  O   . HOH C 3 .   ? 5.187   7.415   7.294   1.00 49.43  ? 1018 HOH A O   1 
HETATM 1485 O  O   . HOH C 3 .   ? -28.005 11.543  21.094  1.00 43.26  ? 1019 HOH A O   1 
HETATM 1486 O  O   . HOH C 3 .   ? -33.124 10.722  21.487  1.00 43.69  ? 1020 HOH A O   1 
HETATM 1487 O  O   . HOH C 3 .   ? -3.719  10.448  14.083  1.00 48.89  ? 1021 HOH A O   1 
HETATM 1488 O  O   . HOH C 3 .   ? 10.706  9.952   -13.826 1.00 29.12  ? 1023 HOH A O   1 
HETATM 1489 O  O   . HOH C 3 .   ? 6.636   -18.811 -24.100 1.00 42.62  ? 1024 HOH A O   1 
HETATM 1490 O  O   . HOH C 3 .   ? 25.623  1.030   -5.322  1.00 43.82  ? 1025 HOH A O   1 
HETATM 1491 O  O   . HOH C 3 .   ? 5.358   11.394  -11.592 1.00 45.03  ? 1026 HOH A O   1 
HETATM 1492 O  O   . HOH C 3 .   ? 0.077   3.110   -7.569  1.00 39.72  ? 1027 HOH A O   1 
HETATM 1493 O  O   . HOH C 3 .   ? 10.931  -7.021  -1.231  1.00 36.29  ? 1028 HOH A O   1 
HETATM 1494 O  O   . HOH C 3 .   ? 3.844   -2.473  -14.945 1.00 49.05  ? 1029 HOH A O   1 
HETATM 1495 O  O   . HOH C 3 .   ? 1.922   -14.418 -12.723 1.00 38.23  ? 1030 HOH A O   1 
HETATM 1496 O  O   . HOH C 3 .   ? 15.225  3.671   -21.871 1.00 52.47  ? 1031 HOH A O   1 
HETATM 1497 O  O   . HOH C 3 .   ? 0.734   2.198   -10.036 1.00 38.23  ? 1032 HOH A O   1 
HETATM 1498 O  O   . HOH C 3 .   ? 5.064   14.875  -8.114  1.00 57.11  ? 1033 HOH A O   1 
HETATM 1499 O  O   . HOH C 3 .   ? -0.392  -8.411  10.615  1.00 42.03  ? 1034 HOH A O   1 
HETATM 1500 O  O   . HOH C 3 .   ? -30.147 6.643   14.358  1.00 56.88  ? 1035 HOH A O   1 
HETATM 1501 O  O   . HOH C 3 .   ? 14.388  -12.233 -4.112  1.00 47.39  ? 1036 HOH A O   1 
HETATM 1502 O  O   . HOH C 3 .   ? -8.861  -6.145  5.670   1.00 46.03  ? 1037 HOH A O   1 
HETATM 1503 O  O   . HOH C 3 .   ? -4.545  -8.642  13.975  1.00 59.59  ? 1040 HOH A O   1 
HETATM 1504 O  O   . HOH C 3 .   ? -6.838  -4.200  0.508   1.00 50.73  ? 1041 HOH A O   1 
HETATM 1505 O  O   . HOH C 3 .   ? -17.781 11.340  7.304   1.00 50.49  ? 1042 HOH A O   1 
HETATM 1506 O  O   . HOH C 3 .   ? -0.393  -0.009  -12.044 1.00 53.39  ? 1045 HOH A O   1 
HETATM 1507 O  O   . HOH C 3 .   ? 9.971   -6.084  1.273   1.00 55.51  ? 1046 HOH A O   1 
HETATM 1508 O  O   . HOH C 3 .   ? 1.731   6.593   12.769  1.00 52.60  ? 1047 HOH A O   1 
HETATM 1509 O  O   . HOH C 3 .   ? 1.838   -0.390  -18.800 1.00 40.86  ? 1048 HOH A O   1 
HETATM 1510 O  O   . HOH C 3 .   ? -13.541 12.968  11.265  1.00 40.37  ? 1052 HOH A O   1 
HETATM 1511 O  O   . HOH C 3 .   ? -9.123  10.825  2.159   1.00 40.27  ? 1053 HOH A O   1 
HETATM 1512 O  O   . HOH C 3 .   ? 24.022  -19.250 -16.472 1.00 46.61  ? 1056 HOH A O   1 
HETATM 1513 O  O   . HOH C 3 .   ? 3.392   -5.709  -13.086 1.00 39.76  ? 1057 HOH A O   1 
HETATM 1514 O  O   . HOH C 3 .   ? -14.035 2.793   22.566  1.00 42.17  ? 1058 HOH A O   1 
HETATM 1515 O  O   . HOH C 3 .   ? 20.334  -2.750  -18.258 1.00 44.58  ? 1060 HOH A O   1 
HETATM 1516 O  O   . HOH C 3 .   ? -11.560 7.235   1.461   1.00 42.56  ? 1062 HOH A O   1 
HETATM 1517 O  O   . HOH C 3 .   ? -1.598  10.404  -1.053  1.00 64.29  ? 1063 HOH A O   1 
HETATM 1518 O  O   . HOH C 3 .   ? 4.964   10.060  -7.095  1.00 47.08  ? 1064 HOH A O   1 
HETATM 1519 O  O   . HOH C 3 .   ? 17.869  -4.934  -25.873 1.00 67.93  ? 1065 HOH A O   1 
HETATM 1520 O  O   . HOH C 3 .   ? 10.911  3.737   6.260   1.00 55.86  ? 1066 HOH A O   1 
HETATM 1521 O  O   . HOH C 3 .   ? 19.153  0.126   -22.154 1.00 62.62  ? 1067 HOH A O   1 
HETATM 1522 O  O   . HOH C 3 .   ? 22.245  -12.419 -14.473 1.00 50.95  ? 1069 HOH A O   1 
HETATM 1523 O  O   . HOH C 3 .   ? 11.062  3.530   -1.196  1.00 42.78  ? 1070 HOH A O   1 
HETATM 1524 O  O   . HOH C 3 .   ? 23.443  -4.144  -15.452 1.00 37.30  ? 1071 HOH A O   1 
HETATM 1525 O  O   . HOH C 3 .   ? -31.871 7.795   24.027  1.00 53.07  ? 1072 HOH A O   1 
HETATM 1526 O  O   . HOH C 3 .   ? -17.425 -4.555  6.132   1.00 65.35  ? 1073 HOH A O   1 
HETATM 1527 O  O   . HOH C 3 .   ? -4.338  12.810  12.520  1.00 52.87  ? 1074 HOH A O   1 
HETATM 1528 O  O   . HOH C 3 .   ? -0.679  -2.018  10.258  1.00 39.15  ? 1075 HOH A O   1 
HETATM 1529 O  O   . HOH C 3 .   ? 1.821   1.796   -13.731 1.00 57.79  ? 1078 HOH A O   1 
HETATM 1530 O  O   . HOH C 3 .   ? 15.004  6.169   -9.994  1.00 34.69  ? 1080 HOH A O   1 
HETATM 1531 O  O   . HOH C 3 .   ? 13.600  -9.504  -29.251 1.00 50.21  ? 1081 HOH A O   1 
HETATM 1532 O  O   . HOH C 3 .   ? 3.625   12.233  -10.214 1.00 60.40  ? 1082 HOH A O   1 
HETATM 1533 O  O   . HOH C 3 .   ? 11.769  12.425  -2.056  1.00 55.49  ? 1085 HOH A O   1 
HETATM 1534 O  O   . HOH C 3 .   ? 5.074   -1.999  -24.678 1.00 52.11  ? 1086 HOH A O   1 
HETATM 1535 O  O   . HOH C 3 .   ? 15.987  4.108   -0.823  1.00 57.63  ? 1087 HOH A O   1 
HETATM 1536 O  O   . HOH C 3 .   ? 2.939   -11.296 -20.692 1.00 58.58  ? 1088 HOH A O   1 
HETATM 1537 O  O   . HOH C 3 .   ? 15.421  2.336   -7.435  1.00 63.48  ? 1091 HOH A O   1 
HETATM 1538 O  O   . HOH C 3 .   ? 4.609   -14.739 -27.613 1.00 39.83  ? 1096 HOH A O   1 
HETATM 1539 O  O   . HOH C 3 .   ? 17.316  5.163   -11.596 1.00 36.92  ? 1099 HOH A O   1 
HETATM 1540 O  O   . HOH C 3 .   ? 15.223  -20.368 -22.155 1.00 54.64  ? 1100 HOH A O   1 
HETATM 1541 O  O   . HOH C 3 .   ? 15.977  5.037   -5.098  1.00 37.22  ? 1101 HOH A O   1 
HETATM 1542 O  O   . HOH C 3 .   ? 8.882   3.906   -6.582  1.00 33.44  ? 1104 HOH A O   1 
HETATM 1543 O  O   . HOH C 3 .   ? 19.006  5.864   -9.169  1.00 35.22  ? 1106 HOH A O   1 
HETATM 1544 O  O   . HOH C 3 .   ? 25.425  1.635   -9.620  1.00 57.98  ? 1107 HOH A O   1 
HETATM 1545 O  O   . HOH C 3 .   ? 3.887   2.436   -21.708 1.00 63.14  ? 1110 HOH A O   1 
HETATM 1546 O  O   . HOH C 3 .   ? 3.124   -12.700 -23.878 1.00 50.88  ? 1111 HOH A O   1 
HETATM 1547 O  O   . HOH C 3 .   ? 11.591  1.952   -3.322  1.00 54.78  ? 1113 HOH A O   1 
HETATM 1548 O  O   . HOH C 3 .   ? 15.125  -4.944  -3.342  1.00 64.96  ? 1114 HOH A O   1 
HETATM 1549 O  O   . HOH C 3 .   ? 23.340  6.927   -16.920 1.00 62.25  ? 1115 HOH A O   1 
HETATM 1550 O  O   . HOH C 3 .   ? 3.818   -21.700 -16.992 1.00 53.71  ? 1116 HOH A O   1 
HETATM 1551 O  O   . HOH C 3 .   ? 12.461  -10.197 -27.157 1.00 44.26  ? 1117 HOH A O   1 
HETATM 1552 O  O   . HOH C 3 .   ? 24.008  3.720   -9.795  1.00 47.22  ? 1118 HOH A O   1 
HETATM 1553 O  O   . HOH C 3 .   ? 7.363   -17.624 -20.559 1.00 55.63  ? 1120 HOH A O   1 
HETATM 1554 O  O   . HOH C 3 .   ? 21.332  8.437   -16.020 1.00 54.48  ? 1123 HOH A O   1 
HETATM 1555 O  O   . HOH C 3 .   ? 26.199  -8.549  -11.194 1.00 61.51  ? 1124 HOH A O   1 
HETATM 1556 O  O   . HOH C 3 .   ? 15.398  -0.645  -25.210 1.00 72.06  ? 1125 HOH A O   1 
HETATM 1557 O  O   . HOH C 3 .   ? 0.167   7.494   14.997  1.00 68.58  ? 1126 HOH A O   1 
HETATM 1558 O  O   . HOH C 3 .   ? -2.958  2.081   -8.152  1.00 76.50  ? 1127 HOH A O   1 
# 
loop_
_atom_site_anisotrop.id 
_atom_site_anisotrop.type_symbol 
_atom_site_anisotrop.pdbx_label_atom_id 
_atom_site_anisotrop.pdbx_label_alt_id 
_atom_site_anisotrop.pdbx_label_comp_id 
_atom_site_anisotrop.pdbx_label_asym_id 
_atom_site_anisotrop.pdbx_label_seq_id 
_atom_site_anisotrop.pdbx_PDB_ins_code 
_atom_site_anisotrop.U[1][1] 
_atom_site_anisotrop.U[2][2] 
_atom_site_anisotrop.U[3][3] 
_atom_site_anisotrop.U[1][2] 
_atom_site_anisotrop.U[1][3] 
_atom_site_anisotrop.U[2][3] 
_atom_site_anisotrop.pdbx_auth_seq_id 
_atom_site_anisotrop.pdbx_auth_comp_id 
_atom_site_anisotrop.pdbx_auth_asym_id 
_atom_site_anisotrop.pdbx_auth_atom_id 
172  SE SE . MSE A 28  ? 0.6677 0.5265 0.5011 0.0306  0.0126  -0.0431 21  MSE A SE 
494  SE SE . MSE A 66  ? 0.2882 0.3349 0.3844 -0.0326 -0.0279 -0.0747 59  MSE A SE 
1188 SE SE . MSE A 151 ? 0.6462 0.9601 0.6110 0.1979  -0.0519 -0.2144 144 MSE A SE 
1196 SE SE . MSE A 152 ? 0.5637 0.6694 0.8346 0.0091  0.0382  0.1319  145 MSE A SE 
# 
